data_9PTD
#
_entry.id   9PTD
#
_cell.length_a   251.552
_cell.length_b   251.552
_cell.length_c   39.432
_cell.angle_alpha   90.000
_cell.angle_beta   90.000
_cell.angle_gamma   90.000
#
_symmetry.space_group_name_H-M   'P 43'
#
loop_
_entity.id
_entity.type
_entity.pdbx_description
1 polymer 'PUM-HD domain-containing protein'
2 non-polymer 'MALONATE ION'
3 water water
#
_entity_poly.entity_id   1
_entity_poly.type   'polypeptide(L)'
_entity_poly.pdbx_seq_one_letter_code
;SGDGEGNVSDSVTLQDVLANDALVEFATDKNGCRFLQEHYPTENDNDVHQKLFRKLVEDRAIFLSLCSNMFGNFFVQRVL
ECSNTEEQEILTEHLATDLYNLCLDKSACRVIQLAIQKLDVHLATRLSLELRDTHLVRLSIDQNGNHVIQKIVKTLPVSS
WTFLVDFFADDDNLIHVCQDKYGCRVIQSTVETLSTDQYAQCYQHRVILLRSLMAGVTRNCTQLASNEFANYVVQHVIKC
GDALAVYRDIIIEQCLLQNLLSMSQEKYASHVVEVAFECAPYRLVAEMMNEIFEGYIPHPDTNRDALDILLFHQYGNYVV
QQMIQTCVLGQNARDQKQSEMYGMWLEKIHGRVMRNAHRLERFSSGKKIIEALQSMSLY
;
_entity_poly.pdbx_strand_id   A,B,C,D,E
#
# COMPACT_ATOMS: atom_id res chain seq x y z
N THR A 13 21.50 -29.71 24.29
CA THR A 13 20.07 -30.00 24.21
C THR A 13 19.76 -30.43 22.78
N LEU A 14 20.77 -30.34 21.91
CA LEU A 14 20.62 -30.75 20.52
C LEU A 14 20.49 -32.27 20.40
N GLN A 15 21.19 -33.02 21.25
CA GLN A 15 20.99 -34.45 21.30
C GLN A 15 19.62 -34.80 21.88
N ASP A 16 19.11 -33.96 22.78
CA ASP A 16 17.76 -34.16 23.30
C ASP A 16 16.70 -33.97 22.21
N VAL A 17 16.88 -32.99 21.33
CA VAL A 17 15.91 -32.80 20.26
C VAL A 17 16.14 -33.81 19.13
N LEU A 18 17.34 -34.38 19.01
CA LEU A 18 17.52 -35.53 18.13
C LEU A 18 16.78 -36.76 18.67
N ALA A 19 16.82 -36.96 19.99
CA ALA A 19 16.20 -38.15 20.57
C ALA A 19 14.68 -38.04 20.61
N ASN A 20 14.15 -36.86 20.91
CA ASN A 20 12.70 -36.68 21.02
C ASN A 20 12.01 -36.46 19.69
N ASP A 21 12.76 -36.38 18.59
CA ASP A 21 12.24 -36.16 17.23
C ASP A 21 11.40 -34.89 17.14
N ALA A 22 11.88 -33.81 17.77
CA ALA A 22 11.20 -32.53 17.78
C ALA A 22 11.90 -31.49 16.92
N LEU A 23 12.50 -31.95 15.81
CA LEU A 23 13.13 -31.03 14.85
C LEU A 23 12.11 -30.08 14.25
N VAL A 24 10.92 -30.61 13.94
CA VAL A 24 9.81 -29.75 13.51
C VAL A 24 9.40 -28.81 14.64
N GLU A 25 9.34 -29.31 15.87
CA GLU A 25 8.89 -28.50 17.01
C GLU A 25 9.88 -27.38 17.34
N PHE A 26 11.16 -27.55 17.01
CA PHE A 26 12.09 -26.43 17.14
C PHE A 26 12.04 -25.51 15.92
N ALA A 27 12.02 -26.08 14.71
CA ALA A 27 12.13 -25.26 13.51
C ALA A 27 10.86 -24.44 13.24
N THR A 28 9.71 -24.89 13.74
CA THR A 28 8.48 -24.10 13.68
C THR A 28 8.37 -23.09 14.83
N ASP A 29 9.44 -22.89 15.60
CA ASP A 29 9.50 -21.90 16.67
C ASP A 29 10.67 -20.98 16.39
N LYS A 30 10.54 -19.72 16.82
CA LYS A 30 11.60 -18.73 16.60
C LYS A 30 12.84 -19.05 17.41
N ASN A 31 12.68 -19.28 18.71
CA ASN A 31 13.81 -19.57 19.58
C ASN A 31 14.38 -20.95 19.28
N GLY A 32 13.52 -21.90 18.94
CA GLY A 32 13.99 -23.23 18.59
C GLY A 32 14.80 -23.25 17.31
N CYS A 33 14.34 -22.51 16.29
CA CYS A 33 15.11 -22.45 15.05
C CYS A 33 16.38 -21.63 15.23
N ARG A 34 16.36 -20.62 16.11
CA ARG A 34 17.59 -19.91 16.44
C ARG A 34 18.60 -20.84 17.13
N PHE A 35 18.10 -21.72 18.00
CA PHE A 35 18.97 -22.70 18.65
C PHE A 35 19.53 -23.72 17.67
N LEU A 36 18.70 -24.19 16.73
CA LEU A 36 19.19 -25.10 15.69
C LEU A 36 20.19 -24.40 14.78
N GLN A 37 19.94 -23.13 14.46
CA GLN A 37 20.76 -22.39 13.51
C GLN A 37 22.12 -22.05 14.11
N GLU A 38 22.15 -21.72 15.41
CA GLU A 38 23.42 -21.36 16.04
C GLU A 38 24.32 -22.57 16.25
N HIS A 39 23.76 -23.68 16.72
CA HIS A 39 24.55 -24.83 17.14
C HIS A 39 24.60 -25.94 16.09
N TYR A 40 24.40 -25.61 14.82
CA TYR A 40 24.43 -26.64 13.78
C TYR A 40 25.87 -26.95 13.41
N PRO A 41 26.29 -28.21 13.47
CA PRO A 41 27.69 -28.56 13.15
C PRO A 41 28.00 -28.32 11.68
N THR A 42 28.93 -27.39 11.42
CA THR A 42 29.28 -27.02 10.06
C THR A 42 30.07 -28.11 9.34
N GLU A 43 30.72 -29.00 10.08
CA GLU A 43 31.50 -30.07 9.48
C GLU A 43 30.58 -31.17 8.98
N ASN A 44 30.81 -31.64 7.75
CA ASN A 44 29.94 -32.65 7.16
C ASN A 44 30.16 -34.04 7.74
N ASP A 45 31.33 -34.30 8.32
CA ASP A 45 31.63 -35.61 8.90
C ASP A 45 31.16 -35.75 10.34
N ASN A 46 30.55 -34.71 10.91
CA ASN A 46 30.06 -34.78 12.28
C ASN A 46 28.82 -35.67 12.38
N ASP A 47 28.71 -36.40 13.50
CA ASP A 47 27.59 -37.31 13.69
C ASP A 47 26.29 -36.55 13.92
N VAL A 48 26.33 -35.45 14.67
CA VAL A 48 25.14 -34.66 14.94
C VAL A 48 24.67 -33.96 13.66
N HIS A 49 25.63 -33.51 12.83
CA HIS A 49 25.32 -32.93 11.53
C HIS A 49 24.58 -33.92 10.63
N GLN A 50 25.09 -35.16 10.55
CA GLN A 50 24.47 -36.19 9.72
C GLN A 50 23.10 -36.59 10.27
N LYS A 51 22.97 -36.67 11.59
CA LYS A 51 21.69 -37.03 12.20
C LYS A 51 20.64 -35.96 11.98
N LEU A 52 21.02 -34.68 12.11
CA LEU A 52 20.09 -33.59 11.84
C LEU A 52 19.71 -33.51 10.36
N PHE A 53 20.66 -33.77 9.47
CA PHE A 53 20.34 -33.81 8.05
C PHE A 53 19.37 -34.94 7.72
N ARG A 54 19.60 -36.13 8.29
CA ARG A 54 18.70 -37.26 8.06
C ARG A 54 17.31 -36.98 8.61
N LYS A 55 17.21 -36.40 9.81
CA LYS A 55 15.91 -36.02 10.34
C LYS A 55 15.25 -34.90 9.55
N LEU A 56 16.03 -34.09 8.84
CA LEU A 56 15.44 -33.10 7.95
C LEU A 56 14.88 -33.73 6.68
N VAL A 57 15.61 -34.67 6.07
CA VAL A 57 15.25 -35.16 4.73
C VAL A 57 14.62 -36.55 4.75
N GLU A 58 14.18 -37.03 5.93
CA GLU A 58 13.44 -38.30 5.98
C GLU A 58 12.11 -38.19 5.23
N ASP A 59 11.31 -37.17 5.56
CA ASP A 59 9.98 -37.01 5.00
C ASP A 59 10.03 -35.80 4.07
N ARG A 60 9.69 -36.03 2.79
CA ARG A 60 9.70 -34.96 1.80
C ARG A 60 8.64 -33.91 2.12
N ALA A 61 7.47 -34.34 2.59
CA ALA A 61 6.41 -33.42 2.98
C ALA A 61 6.82 -32.55 4.16
N ILE A 62 7.51 -33.15 5.14
CA ILE A 62 8.00 -32.40 6.30
C ILE A 62 9.06 -31.38 5.87
N PHE A 63 9.97 -31.79 4.97
CA PHE A 63 11.00 -30.88 4.47
C PHE A 63 10.40 -29.71 3.70
N LEU A 64 9.40 -29.98 2.84
CA LEU A 64 8.83 -28.91 2.05
C LEU A 64 7.91 -28.02 2.89
N SER A 65 7.33 -28.55 3.97
CA SER A 65 6.58 -27.70 4.89
C SER A 65 7.50 -26.86 5.76
N LEU A 66 8.71 -27.36 6.04
CA LEU A 66 9.69 -26.55 6.76
C LEU A 66 10.30 -25.47 5.89
N CYS A 67 10.48 -25.75 4.59
CA CYS A 67 10.90 -24.70 3.66
C CYS A 67 9.87 -23.59 3.56
N SER A 68 8.60 -23.95 3.55
CA SER A 68 7.48 -23.03 3.38
C SER A 68 7.05 -22.37 4.69
N ASN A 69 7.92 -22.32 5.70
CA ASN A 69 7.55 -21.87 7.03
C ASN A 69 8.31 -20.59 7.37
N MET A 70 7.70 -19.80 8.26
CA MET A 70 8.22 -18.49 8.65
C MET A 70 9.59 -18.59 9.32
N PHE A 71 9.86 -19.68 10.02
CA PHE A 71 11.12 -19.82 10.72
C PHE A 71 11.98 -20.97 10.23
N GLY A 72 11.39 -22.12 9.92
CA GLY A 72 12.14 -23.30 9.53
C GLY A 72 12.90 -23.16 8.23
N ASN A 73 12.51 -22.20 7.38
CA ASN A 73 13.28 -21.91 6.18
C ASN A 73 14.69 -21.43 6.51
N PHE A 74 14.86 -20.72 7.63
CA PHE A 74 16.19 -20.30 8.05
C PHE A 74 17.07 -21.49 8.45
N PHE A 75 16.47 -22.51 9.07
CA PHE A 75 17.20 -23.73 9.36
C PHE A 75 17.56 -24.47 8.07
N VAL A 76 16.66 -24.46 7.08
CA VAL A 76 16.96 -25.09 5.80
C VAL A 76 18.08 -24.34 5.08
N GLN A 77 18.11 -22.99 5.22
CA GLN A 77 19.21 -22.19 4.71
C GLN A 77 20.52 -22.52 5.41
N ARG A 78 20.47 -22.73 6.73
CA ARG A 78 21.69 -23.07 7.48
C ARG A 78 22.23 -24.43 7.06
N VAL A 79 21.34 -25.39 6.82
CA VAL A 79 21.74 -26.69 6.30
C VAL A 79 22.33 -26.55 4.89
N LEU A 80 21.70 -25.71 4.07
CA LEU A 80 22.14 -25.52 2.69
C LEU A 80 23.49 -24.81 2.62
N GLU A 81 23.81 -23.98 3.62
CA GLU A 81 25.12 -23.34 3.67
C GLU A 81 26.22 -24.36 3.98
N CYS A 82 25.97 -25.26 4.92
CA CYS A 82 26.94 -26.27 5.34
C CYS A 82 26.69 -27.60 4.61
N SER A 83 26.75 -27.55 3.29
CA SER A 83 26.34 -28.70 2.48
C SER A 83 27.44 -29.09 1.50
N ASN A 84 27.76 -30.38 1.47
CA ASN A 84 28.56 -30.96 0.41
C ASN A 84 27.64 -31.49 -0.69
N THR A 85 28.24 -32.05 -1.75
CA THR A 85 27.51 -32.28 -2.99
C THR A 85 26.47 -33.41 -2.88
N GLU A 86 26.68 -34.37 -1.98
CA GLU A 86 25.69 -35.43 -1.77
C GLU A 86 24.42 -34.88 -1.11
N GLU A 87 24.62 -34.08 -0.05
CA GLU A 87 23.51 -33.35 0.57
C GLU A 87 22.85 -32.41 -0.42
N GLN A 88 23.64 -31.80 -1.30
CA GLN A 88 23.09 -30.91 -2.32
C GLN A 88 22.25 -31.66 -3.33
N GLU A 89 22.63 -32.89 -3.68
CA GLU A 89 21.80 -33.72 -4.57
C GLU A 89 20.47 -34.07 -3.92
N ILE A 90 20.50 -34.44 -2.64
CA ILE A 90 19.26 -34.78 -1.93
C ILE A 90 18.34 -33.57 -1.84
N LEU A 91 18.89 -32.42 -1.45
CA LEU A 91 18.09 -31.20 -1.35
C LEU A 91 17.62 -30.72 -2.71
N THR A 92 18.42 -30.92 -3.77
CA THR A 92 18.02 -30.53 -5.11
C THR A 92 16.81 -31.32 -5.59
N GLU A 93 16.80 -32.63 -5.36
CA GLU A 93 15.63 -33.44 -5.72
C GLU A 93 14.40 -33.05 -4.91
N HIS A 94 14.58 -32.83 -3.59
CA HIS A 94 13.46 -32.47 -2.73
C HIS A 94 12.86 -31.12 -3.10
N LEU A 95 13.70 -30.14 -3.48
CA LEU A 95 13.18 -28.85 -3.89
C LEU A 95 12.53 -28.93 -5.27
N ALA A 96 13.15 -29.69 -6.20
CA ALA A 96 12.64 -29.79 -7.57
C ALA A 96 11.32 -30.54 -7.67
N THR A 97 10.92 -31.27 -6.62
CA THR A 97 9.58 -31.85 -6.60
C THR A 97 8.48 -30.77 -6.63
N ASP A 98 8.66 -29.67 -5.91
CA ASP A 98 7.59 -28.66 -5.77
C ASP A 98 8.12 -27.24 -5.97
N LEU A 99 9.15 -27.08 -6.82
CA LEU A 99 9.86 -25.82 -7.04
C LEU A 99 8.97 -24.62 -7.36
N TYR A 100 7.98 -24.79 -8.26
CA TYR A 100 7.18 -23.67 -8.72
C TYR A 100 6.33 -23.06 -7.61
N ASN A 101 5.68 -23.89 -6.80
CA ASN A 101 4.97 -23.37 -5.64
C ASN A 101 5.92 -22.97 -4.52
N LEU A 102 7.15 -23.48 -4.52
CA LEU A 102 8.13 -23.02 -3.53
C LEU A 102 8.60 -21.61 -3.83
N CYS A 103 8.67 -21.23 -5.11
CA CYS A 103 9.06 -19.86 -5.46
C CYS A 103 7.95 -18.85 -5.19
N LEU A 104 6.69 -19.29 -5.25
CA LEU A 104 5.58 -18.38 -5.02
C LEU A 104 5.44 -17.99 -3.55
N ASP A 105 5.97 -18.81 -2.64
CA ASP A 105 5.84 -18.55 -1.22
C ASP A 105 6.82 -17.48 -0.78
N LYS A 106 6.41 -16.70 0.24
CA LYS A 106 7.28 -15.68 0.81
C LYS A 106 8.49 -16.32 1.51
N SER A 107 8.27 -17.44 2.18
CA SER A 107 9.33 -18.05 2.98
C SER A 107 10.27 -18.90 2.12
N ALA A 108 9.70 -19.80 1.31
CA ALA A 108 10.52 -20.81 0.64
C ALA A 108 11.32 -20.25 -0.53
N CYS A 109 10.92 -19.10 -1.07
CA CYS A 109 11.70 -18.49 -2.15
C CYS A 109 13.09 -18.06 -1.68
N ARG A 110 13.23 -17.72 -0.39
CA ARG A 110 14.54 -17.47 0.19
C ARG A 110 15.43 -18.71 0.11
N VAL A 111 14.86 -19.88 0.41
CA VAL A 111 15.56 -21.15 0.29
C VAL A 111 15.95 -21.41 -1.17
N ILE A 112 15.07 -21.05 -2.11
CA ILE A 112 15.37 -21.29 -3.52
C ILE A 112 16.49 -20.37 -4.01
N GLN A 113 16.50 -19.11 -3.57
CA GLN A 113 17.59 -18.20 -3.96
C GLN A 113 18.93 -18.62 -3.35
N LEU A 114 18.92 -19.08 -2.10
CA LEU A 114 20.19 -19.56 -1.53
C LEU A 114 20.61 -20.87 -2.19
N ALA A 115 19.66 -21.67 -2.68
CA ALA A 115 20.00 -22.84 -3.48
C ALA A 115 20.65 -22.45 -4.79
N ILE A 116 20.12 -21.43 -5.47
CA ILE A 116 20.72 -20.98 -6.73
C ILE A 116 22.12 -20.42 -6.50
N GLN A 117 22.32 -19.76 -5.36
CA GLN A 117 23.66 -19.24 -5.06
C GLN A 117 24.64 -20.36 -4.68
N LYS A 118 24.21 -21.32 -3.85
CA LYS A 118 25.15 -22.16 -3.10
C LYS A 118 25.23 -23.60 -3.58
N LEU A 119 24.30 -24.08 -4.41
CA LEU A 119 24.45 -25.44 -4.94
C LEU A 119 25.56 -25.47 -6.00
N ASP A 120 25.95 -26.68 -6.37
CA ASP A 120 26.82 -26.84 -7.52
C ASP A 120 26.08 -26.44 -8.79
N VAL A 121 26.86 -26.04 -9.81
CA VAL A 121 26.30 -25.33 -10.96
C VAL A 121 25.38 -26.24 -11.79
N HIS A 122 25.64 -27.56 -11.81
CA HIS A 122 24.73 -28.46 -12.50
C HIS A 122 23.43 -28.69 -11.72
N LEU A 123 23.49 -28.64 -10.39
CA LEU A 123 22.28 -28.82 -9.59
C LEU A 123 21.37 -27.59 -9.66
N ALA A 124 21.96 -26.40 -9.58
CA ALA A 124 21.20 -25.18 -9.80
C ALA A 124 20.74 -25.05 -11.24
N THR A 125 21.52 -25.60 -12.19
CA THR A 125 21.08 -25.68 -13.58
C THR A 125 19.85 -26.57 -13.71
N ARG A 126 19.82 -27.70 -13.01
CA ARG A 126 18.65 -28.56 -12.99
C ARG A 126 17.43 -27.84 -12.40
N LEU A 127 17.65 -27.09 -11.30
CA LEU A 127 16.56 -26.32 -10.71
C LEU A 127 16.05 -25.24 -11.66
N SER A 128 16.95 -24.55 -12.37
CA SER A 128 16.53 -23.53 -13.32
C SER A 128 15.78 -24.15 -14.49
N LEU A 129 16.22 -25.32 -14.96
CA LEU A 129 15.58 -25.97 -16.10
C LEU A 129 14.26 -26.65 -15.73
N GLU A 130 14.01 -26.90 -14.44
CA GLU A 130 12.70 -27.42 -14.03
C GLU A 130 11.57 -26.41 -14.22
N LEU A 131 11.88 -25.13 -14.44
CA LEU A 131 10.88 -24.08 -14.60
C LEU A 131 10.52 -23.81 -16.06
N ARG A 132 11.08 -24.55 -17.02
CA ARG A 132 11.00 -24.14 -18.42
C ARG A 132 9.64 -24.39 -19.05
N ASP A 133 8.80 -25.24 -18.46
CA ASP A 133 7.47 -25.50 -18.99
C ASP A 133 6.37 -25.08 -18.02
N THR A 134 6.65 -24.13 -17.15
CA THR A 134 5.68 -23.66 -16.17
C THR A 134 5.12 -22.30 -16.59
N HIS A 135 4.20 -21.78 -15.79
CA HIS A 135 3.57 -20.49 -16.04
C HIS A 135 4.56 -19.40 -15.66
N LEU A 136 5.48 -19.11 -16.59
CA LEU A 136 6.58 -18.19 -16.32
C LEU A 136 6.13 -16.73 -16.29
N VAL A 137 5.02 -16.39 -16.94
CA VAL A 137 4.48 -15.04 -16.84
C VAL A 137 4.04 -14.76 -15.41
N ARG A 138 3.34 -15.72 -14.80
CA ARG A 138 2.90 -15.60 -13.42
C ARG A 138 4.08 -15.58 -12.46
N LEU A 139 5.12 -16.36 -12.75
CA LEU A 139 6.29 -16.41 -11.87
C LEU A 139 7.13 -15.14 -11.99
N SER A 140 7.18 -14.54 -13.18
CA SER A 140 7.96 -13.31 -13.34
C SER A 140 7.27 -12.10 -12.74
N ILE A 141 5.93 -12.05 -12.79
CA ILE A 141 5.20 -10.93 -12.22
C ILE A 141 4.86 -11.14 -10.75
N ASP A 142 5.27 -12.27 -10.17
CA ASP A 142 4.92 -12.57 -8.79
C ASP A 142 5.72 -11.71 -7.82
N GLN A 143 5.12 -11.45 -6.66
CA GLN A 143 5.78 -10.72 -5.57
C GLN A 143 7.04 -11.43 -5.10
N ASN A 144 7.07 -12.77 -5.16
CA ASN A 144 8.16 -13.56 -4.60
C ASN A 144 9.01 -14.29 -5.64
N GLY A 145 8.39 -14.82 -6.70
CA GLY A 145 9.15 -15.60 -7.68
C GLY A 145 10.01 -14.77 -8.61
N ASN A 146 9.76 -13.46 -8.67
CA ASN A 146 10.56 -12.57 -9.52
C ASN A 146 12.00 -12.51 -9.02
N HIS A 147 12.19 -12.56 -7.70
CA HIS A 147 13.54 -12.60 -7.14
C HIS A 147 14.25 -13.89 -7.49
N VAL A 148 13.51 -14.99 -7.57
CA VAL A 148 14.09 -16.27 -7.97
C VAL A 148 14.54 -16.23 -9.43
N ILE A 149 13.72 -15.66 -10.31
CA ILE A 149 14.10 -15.54 -11.71
C ILE A 149 15.31 -14.62 -11.89
N GLN A 150 15.33 -13.50 -11.15
CA GLN A 150 16.46 -12.58 -11.20
C GLN A 150 17.73 -13.23 -10.66
N LYS A 151 17.60 -14.03 -9.59
CA LYS A 151 18.77 -14.70 -9.02
C LYS A 151 19.32 -15.74 -9.99
N ILE A 152 18.43 -16.46 -10.69
CA ILE A 152 18.86 -17.43 -11.71
C ILE A 152 19.57 -16.72 -12.85
N VAL A 153 19.04 -15.59 -13.32
CA VAL A 153 19.65 -14.87 -14.43
C VAL A 153 20.99 -14.25 -14.03
N LYS A 154 21.06 -13.62 -12.86
CA LYS A 154 22.28 -12.96 -12.43
C LYS A 154 23.36 -13.93 -11.98
N THR A 155 23.00 -15.14 -11.53
CA THR A 155 23.97 -16.06 -10.95
C THR A 155 24.44 -17.14 -11.93
N LEU A 156 23.50 -17.85 -12.55
CA LEU A 156 23.81 -19.02 -13.35
C LEU A 156 24.27 -18.64 -14.76
N PRO A 157 24.97 -19.53 -15.46
CA PRO A 157 25.31 -19.26 -16.87
C PRO A 157 24.07 -19.21 -17.75
N VAL A 158 24.24 -18.60 -18.93
CA VAL A 158 23.12 -18.32 -19.83
C VAL A 158 22.48 -19.60 -20.35
N SER A 159 23.26 -20.69 -20.48
CA SER A 159 22.73 -21.97 -20.94
C SER A 159 21.77 -22.59 -19.95
N SER A 160 21.84 -22.18 -18.68
CA SER A 160 20.88 -22.63 -17.68
C SER A 160 19.54 -21.89 -17.77
N TRP A 161 19.48 -20.75 -18.48
CA TRP A 161 18.21 -20.02 -18.55
C TRP A 161 17.94 -19.45 -19.94
N THR A 162 18.53 -20.05 -20.98
CA THR A 162 18.34 -19.61 -22.36
C THR A 162 16.87 -19.68 -22.78
N PHE A 163 16.13 -20.64 -22.22
CA PHE A 163 14.70 -20.78 -22.46
C PHE A 163 13.93 -19.52 -22.09
N LEU A 164 14.39 -18.80 -21.04
CA LEU A 164 13.76 -17.55 -20.65
C LEU A 164 13.84 -16.52 -21.76
N VAL A 165 15.00 -16.43 -22.42
CA VAL A 165 15.13 -15.60 -23.62
C VAL A 165 14.19 -16.10 -24.70
N ASP A 166 14.12 -17.43 -24.88
CA ASP A 166 13.18 -18.02 -25.82
C ASP A 166 11.74 -17.80 -25.37
N PHE A 167 11.51 -17.66 -24.06
CA PHE A 167 10.17 -17.37 -23.59
C PHE A 167 9.81 -15.91 -23.85
N PHE A 168 10.81 -15.03 -23.94
CA PHE A 168 10.56 -13.61 -24.10
C PHE A 168 10.68 -13.15 -25.55
N ALA A 169 10.97 -14.07 -26.48
CA ALA A 169 10.87 -13.76 -27.90
C ALA A 169 9.42 -13.65 -28.35
N ASP A 170 8.50 -14.27 -27.62
CA ASP A 170 7.07 -14.01 -27.82
C ASP A 170 6.76 -12.57 -27.40
N ASP A 171 5.98 -11.89 -28.23
CA ASP A 171 5.66 -10.49 -27.95
C ASP A 171 4.64 -10.36 -26.82
N ASP A 172 3.68 -11.28 -26.76
CA ASP A 172 2.67 -11.23 -25.70
C ASP A 172 3.28 -11.48 -24.33
N ASN A 173 4.23 -12.43 -24.23
CA ASN A 173 4.91 -12.70 -22.97
C ASN A 173 5.76 -11.51 -22.54
N LEU A 174 6.46 -10.88 -23.50
CA LEU A 174 7.28 -9.72 -23.18
C LEU A 174 6.43 -8.54 -22.73
N ILE A 175 5.28 -8.32 -23.38
CA ILE A 175 4.39 -7.23 -22.98
C ILE A 175 3.78 -7.50 -21.60
N HIS A 176 3.38 -8.76 -21.33
CA HIS A 176 2.76 -9.06 -20.05
C HIS A 176 3.76 -8.98 -18.90
N VAL A 177 5.00 -9.43 -19.12
CA VAL A 177 6.00 -9.36 -18.06
C VAL A 177 6.50 -7.92 -17.86
N CYS A 178 6.73 -7.18 -18.96
CA CYS A 178 7.23 -5.81 -18.86
C CYS A 178 6.23 -4.87 -18.19
N GLN A 179 4.94 -5.06 -18.45
CA GLN A 179 3.91 -4.18 -17.91
C GLN A 179 3.48 -4.59 -16.50
N ASP A 180 4.46 -4.70 -15.60
CA ASP A 180 4.21 -5.11 -14.23
C ASP A 180 5.34 -4.55 -13.37
N LYS A 181 5.04 -4.33 -12.08
CA LYS A 181 6.01 -3.75 -11.15
C LYS A 181 7.21 -4.67 -10.94
N TYR A 182 6.98 -5.98 -10.86
CA TYR A 182 8.05 -6.92 -10.59
C TYR A 182 8.66 -7.52 -11.86
N GLY A 183 7.84 -7.73 -12.91
CA GLY A 183 8.36 -8.37 -14.11
C GLY A 183 9.25 -7.48 -14.94
N CYS A 184 9.07 -6.15 -14.86
CA CYS A 184 9.96 -5.24 -15.56
C CYS A 184 11.37 -5.29 -14.97
N ARG A 185 11.47 -5.53 -13.66
CA ARG A 185 12.77 -5.75 -13.04
C ARG A 185 13.41 -7.04 -13.53
N VAL A 186 12.60 -8.07 -13.79
CA VAL A 186 13.10 -9.32 -14.37
C VAL A 186 13.66 -9.08 -15.77
N ILE A 187 12.94 -8.31 -16.59
CA ILE A 187 13.40 -7.98 -17.94
C ILE A 187 14.68 -7.16 -17.90
N GLN A 188 14.75 -6.20 -16.97
CA GLN A 188 15.96 -5.39 -16.79
C GLN A 188 17.15 -6.24 -16.36
N SER A 189 16.92 -7.20 -15.45
CA SER A 189 18.00 -8.09 -15.02
C SER A 189 18.49 -8.98 -16.16
N THR A 190 17.57 -9.47 -16.99
CA THR A 190 17.96 -10.31 -18.14
C THR A 190 18.77 -9.51 -19.17
N VAL A 191 18.30 -8.30 -19.48
CA VAL A 191 19.00 -7.42 -20.42
C VAL A 191 20.37 -7.02 -19.89
N GLU A 192 20.44 -6.67 -18.61
CA GLU A 192 21.70 -6.25 -17.99
C GLU A 192 22.69 -7.40 -17.89
N THR A 193 22.21 -8.64 -17.70
CA THR A 193 23.10 -9.79 -17.66
C THR A 193 23.63 -10.12 -19.06
N LEU A 194 22.77 -10.10 -20.08
CA LEU A 194 23.22 -10.46 -21.43
C LEU A 194 24.13 -9.40 -22.03
N SER A 195 23.91 -8.12 -21.72
CA SER A 195 24.71 -7.06 -22.33
C SER A 195 26.11 -6.97 -21.74
N THR A 196 26.29 -7.43 -20.50
CA THR A 196 27.56 -7.24 -19.79
C THR A 196 28.65 -8.13 -20.37
N ASP A 197 29.84 -7.53 -20.53
CA ASP A 197 31.07 -8.19 -21.00
C ASP A 197 30.93 -8.72 -22.42
N GLN A 198 30.09 -8.07 -23.23
CA GLN A 198 30.10 -8.31 -24.66
C GLN A 198 31.36 -7.72 -25.28
N TYR A 199 31.70 -8.20 -26.48
CA TYR A 199 32.96 -7.95 -27.19
C TYR A 199 34.19 -8.40 -26.40
N ALA A 200 34.00 -9.33 -25.47
CA ALA A 200 35.07 -10.05 -24.80
C ALA A 200 34.81 -11.54 -24.81
N GLN A 201 33.89 -11.99 -25.67
CA GLN A 201 33.45 -13.38 -25.74
C GLN A 201 33.82 -14.07 -27.05
N CYS A 202 34.31 -13.32 -28.04
CA CYS A 202 34.87 -13.79 -29.31
C CYS A 202 33.85 -14.42 -30.25
N TYR A 203 32.60 -14.58 -29.80
CA TYR A 203 31.52 -15.08 -30.62
C TYR A 203 30.24 -14.37 -30.21
N GLN A 204 29.29 -14.27 -31.15
CA GLN A 204 28.07 -13.52 -30.95
C GLN A 204 26.94 -14.46 -30.53
N HIS A 205 27.02 -14.95 -29.29
CA HIS A 205 25.98 -15.80 -28.72
C HIS A 205 25.03 -15.00 -27.82
N ARG A 206 25.60 -14.35 -26.80
CA ARG A 206 24.83 -13.40 -26.00
C ARG A 206 24.36 -12.21 -26.84
N VAL A 207 25.11 -11.88 -27.90
CA VAL A 207 24.70 -10.84 -28.85
C VAL A 207 23.43 -11.25 -29.58
N ILE A 208 23.34 -12.52 -30.01
CA ILE A 208 22.14 -12.99 -30.70
C ILE A 208 20.96 -13.06 -29.73
N LEU A 209 21.19 -13.52 -28.49
CA LEU A 209 20.12 -13.55 -27.49
C LEU A 209 19.61 -12.15 -27.15
N LEU A 210 20.54 -11.20 -27.02
CA LEU A 210 20.18 -9.81 -26.75
C LEU A 210 19.45 -9.18 -27.93
N ARG A 211 19.83 -9.55 -29.16
CA ARG A 211 19.08 -9.10 -30.33
C ARG A 211 17.67 -9.67 -30.35
N SER A 212 17.52 -10.93 -29.90
CA SER A 212 16.20 -11.55 -29.82
C SER A 212 15.31 -10.82 -28.82
N LEU A 213 15.89 -10.35 -27.71
CA LEU A 213 15.12 -9.51 -26.78
C LEU A 213 14.81 -8.14 -27.37
N MET A 214 15.81 -7.49 -27.96
CA MET A 214 15.66 -6.09 -28.38
C MET A 214 14.78 -5.94 -29.61
N ALA A 215 14.65 -6.98 -30.45
CA ALA A 215 13.70 -6.93 -31.54
C ALA A 215 12.27 -6.86 -31.02
N GLY A 216 11.96 -7.65 -29.98
CA GLY A 216 10.65 -7.57 -29.35
C GLY A 216 10.42 -6.26 -28.63
N VAL A 217 11.48 -5.69 -28.03
CA VAL A 217 11.37 -4.37 -27.43
C VAL A 217 11.11 -3.31 -28.50
N THR A 218 11.81 -3.40 -29.64
CA THR A 218 11.69 -2.43 -30.72
C THR A 218 10.31 -2.48 -31.38
N ARG A 219 9.79 -3.68 -31.61
CA ARG A 219 8.49 -3.79 -32.26
C ARG A 219 7.34 -3.34 -31.37
N ASN A 220 7.54 -3.27 -30.05
CA ASN A 220 6.47 -2.94 -29.12
C ASN A 220 6.77 -1.67 -28.32
N CYS A 221 7.69 -0.83 -28.80
CA CYS A 221 8.25 0.25 -27.99
C CYS A 221 7.22 1.33 -27.64
N THR A 222 6.28 1.60 -28.54
CA THR A 222 5.26 2.61 -28.27
C THR A 222 4.32 2.18 -27.16
N GLN A 223 3.98 0.88 -27.11
CA GLN A 223 3.14 0.38 -26.04
C GLN A 223 3.91 0.28 -24.72
N LEU A 224 5.18 -0.13 -24.78
CA LEU A 224 5.97 -0.28 -23.57
C LEU A 224 6.29 1.06 -22.93
N ALA A 225 6.67 2.06 -23.74
CA ALA A 225 7.07 3.36 -23.22
C ALA A 225 5.91 4.13 -22.61
N SER A 226 4.68 3.86 -23.04
CA SER A 226 3.52 4.55 -22.50
C SER A 226 2.96 3.89 -21.25
N ASN A 227 3.57 2.82 -20.78
CA ASN A 227 3.07 2.06 -19.64
C ASN A 227 3.70 2.56 -18.34
N GLU A 228 3.00 2.29 -17.22
CA GLU A 228 3.45 2.70 -15.90
C GLU A 228 4.79 2.07 -15.53
N PHE A 229 4.97 0.78 -15.83
CA PHE A 229 6.19 0.08 -15.45
C PHE A 229 7.04 -0.37 -16.62
N ALA A 230 6.45 -0.59 -17.79
CA ALA A 230 7.22 -1.06 -18.94
C ALA A 230 8.08 0.04 -19.56
N ASN A 231 7.89 1.30 -19.18
CA ASN A 231 8.78 2.35 -19.66
C ASN A 231 10.15 2.26 -19.01
N TYR A 232 10.24 1.65 -17.82
CA TYR A 232 11.53 1.43 -17.16
C TYR A 232 12.46 0.56 -17.98
N VAL A 233 11.90 -0.38 -18.76
CA VAL A 233 12.70 -1.20 -19.67
C VAL A 233 13.32 -0.34 -20.76
N VAL A 234 12.53 0.58 -21.34
CA VAL A 234 13.02 1.43 -22.41
C VAL A 234 14.07 2.41 -21.88
N GLN A 235 13.83 2.97 -20.68
CA GLN A 235 14.84 3.83 -20.05
C GLN A 235 16.10 3.06 -19.69
N HIS A 236 15.96 1.77 -19.36
CA HIS A 236 17.12 0.95 -19.07
C HIS A 236 17.95 0.71 -20.33
N VAL A 237 17.28 0.54 -21.47
CA VAL A 237 18.01 0.41 -22.73
C VAL A 237 18.73 1.71 -23.09
N ILE A 238 18.04 2.86 -22.92
CA ILE A 238 18.62 4.13 -23.35
C ILE A 238 19.73 4.58 -22.39
N LYS A 239 19.51 4.45 -21.08
CA LYS A 239 20.45 4.98 -20.09
C LYS A 239 21.74 4.18 -20.03
N CYS A 240 21.67 2.86 -20.16
CA CYS A 240 22.88 2.04 -20.13
C CYS A 240 23.61 2.16 -21.45
N GLY A 241 24.90 2.48 -21.38
CA GLY A 241 25.75 2.54 -22.56
C GLY A 241 26.26 1.17 -22.93
N ASP A 242 27.47 1.15 -23.51
CA ASP A 242 28.23 -0.06 -23.91
C ASP A 242 27.38 -0.83 -24.91
N ALA A 243 27.12 -2.12 -24.72
CA ALA A 243 26.48 -2.96 -25.73
C ALA A 243 25.02 -2.61 -25.96
N LEU A 244 24.39 -1.89 -25.04
CA LEU A 244 23.02 -1.44 -25.24
C LEU A 244 22.92 -0.13 -26.01
N ALA A 245 24.05 0.58 -26.19
CA ALA A 245 24.02 1.90 -26.81
C ALA A 245 23.54 1.83 -28.25
N VAL A 246 24.00 0.82 -28.99
CA VAL A 246 23.55 0.57 -30.36
C VAL A 246 22.04 0.28 -30.40
N TYR A 247 21.49 -0.33 -29.35
CA TYR A 247 20.05 -0.53 -29.33
C TYR A 247 19.33 0.76 -28.97
N ARG A 248 19.95 1.58 -28.11
CA ARG A 248 19.40 2.88 -27.71
C ARG A 248 19.06 3.73 -28.91
N ASP A 249 20.05 3.88 -29.81
CA ASP A 249 19.90 4.63 -31.05
C ASP A 249 18.77 4.08 -31.90
N ILE A 250 18.65 2.74 -31.94
CA ILE A 250 17.59 2.10 -32.72
C ILE A 250 16.22 2.50 -32.17
N ILE A 251 16.08 2.48 -30.84
CA ILE A 251 14.83 2.88 -30.21
C ILE A 251 14.57 4.36 -30.43
N ILE A 252 15.64 5.16 -30.52
CA ILE A 252 15.46 6.57 -30.85
C ILE A 252 15.04 6.72 -32.30
N GLU A 253 15.63 5.92 -33.20
CA GLU A 253 15.47 6.23 -34.61
C GLU A 253 14.28 5.52 -35.25
N GLN A 254 14.02 4.28 -34.86
CA GLN A 254 12.93 3.52 -35.46
C GLN A 254 11.62 3.68 -34.72
N CYS A 255 11.65 4.07 -33.45
CA CYS A 255 10.46 4.06 -32.62
C CYS A 255 10.07 5.44 -32.11
N LEU A 256 11.03 6.27 -31.73
CA LEU A 256 10.70 7.52 -31.09
C LEU A 256 10.54 8.67 -32.07
N LEU A 257 11.36 8.71 -33.13
CA LEU A 257 11.24 9.75 -34.15
C LEU A 257 9.92 9.61 -34.90
N GLN A 258 9.41 10.77 -35.36
CA GLN A 258 8.05 11.03 -35.84
C GLN A 258 6.99 10.83 -34.76
N ASN A 259 7.39 10.72 -33.48
CA ASN A 259 6.46 10.48 -32.38
C ASN A 259 6.82 11.27 -31.13
N LEU A 260 7.67 12.30 -31.24
CA LEU A 260 8.16 13.01 -30.06
C LEU A 260 7.07 13.81 -29.38
N LEU A 261 6.22 14.49 -30.18
CA LEU A 261 5.19 15.36 -29.60
C LEU A 261 4.11 14.55 -28.89
N SER A 262 3.75 13.39 -29.45
CA SER A 262 2.71 12.57 -28.81
C SER A 262 3.23 11.93 -27.54
N MET A 263 4.47 11.44 -27.54
CA MET A 263 5.02 10.79 -26.36
C MET A 263 5.41 11.79 -25.28
N SER A 264 5.78 13.02 -25.66
CA SER A 264 6.17 14.02 -24.67
C SER A 264 4.97 14.54 -23.90
N GLN A 265 3.78 14.49 -24.50
CA GLN A 265 2.54 14.85 -23.81
C GLN A 265 1.98 13.69 -23.00
N GLU A 266 2.62 12.53 -23.01
CA GLU A 266 2.07 11.36 -22.36
C GLU A 266 2.67 11.25 -20.96
N LYS A 267 1.92 10.59 -20.07
CA LYS A 267 2.29 10.56 -18.64
C LYS A 267 3.60 9.83 -18.40
N TYR A 268 3.78 8.68 -19.05
CA TYR A 268 4.96 7.86 -18.81
C TYR A 268 5.96 7.86 -19.96
N ALA A 269 5.53 8.11 -21.19
CA ALA A 269 6.44 8.16 -22.32
C ALA A 269 7.27 9.44 -22.36
N SER A 270 6.82 10.49 -21.66
CA SER A 270 7.62 11.71 -21.57
C SER A 270 8.93 11.47 -20.84
N HIS A 271 8.93 10.55 -19.87
CA HIS A 271 10.16 10.13 -19.21
C HIS A 271 11.13 9.49 -20.20
N VAL A 272 10.60 8.67 -21.12
CA VAL A 272 11.41 8.07 -22.17
C VAL A 272 11.97 9.14 -23.09
N VAL A 273 11.18 10.18 -23.38
CA VAL A 273 11.66 11.26 -24.24
C VAL A 273 12.75 12.08 -23.55
N GLU A 274 12.61 12.33 -22.24
CA GLU A 274 13.68 13.00 -21.49
C GLU A 274 14.96 12.18 -21.49
N VAL A 275 14.84 10.88 -21.24
CA VAL A 275 16.01 10.01 -21.18
C VAL A 275 16.68 9.90 -22.55
N ALA A 276 15.88 9.91 -23.62
CA ALA A 276 16.42 9.90 -24.97
C ALA A 276 17.11 11.22 -25.32
N PHE A 277 16.53 12.36 -24.92
CA PHE A 277 17.22 13.64 -25.13
C PHE A 277 18.50 13.73 -24.33
N GLU A 278 18.53 13.10 -23.15
CA GLU A 278 19.74 13.12 -22.32
C GLU A 278 20.85 12.26 -22.91
N CYS A 279 20.52 11.07 -23.40
CA CYS A 279 21.53 10.06 -23.68
C CYS A 279 21.90 9.91 -25.15
N ALA A 280 21.20 10.58 -26.07
CA ALA A 280 21.46 10.37 -27.48
C ALA A 280 22.78 11.02 -27.91
N PRO A 281 23.42 10.48 -28.94
CA PRO A 281 24.52 11.20 -29.58
C PRO A 281 23.99 12.40 -30.36
N TYR A 282 24.94 13.24 -30.81
CA TYR A 282 24.61 14.47 -31.54
C TYR A 282 23.83 14.20 -32.82
N ARG A 283 24.11 13.07 -33.45
CA ARG A 283 23.41 12.62 -34.66
C ARG A 283 21.91 12.56 -34.47
N LEU A 284 21.46 11.99 -33.36
CA LEU A 284 20.03 11.84 -33.11
C LEU A 284 19.45 13.01 -32.34
N VAL A 285 20.27 13.70 -31.54
CA VAL A 285 19.84 14.94 -30.90
C VAL A 285 19.47 15.97 -31.96
N ALA A 286 20.22 16.01 -33.07
CA ALA A 286 19.91 16.94 -34.16
C ALA A 286 18.55 16.66 -34.78
N GLU A 287 18.23 15.40 -35.02
CA GLU A 287 16.94 15.05 -35.63
C GLU A 287 15.79 15.26 -34.65
N MET A 288 16.00 14.97 -33.37
CA MET A 288 14.96 15.22 -32.36
C MET A 288 14.68 16.72 -32.20
N MET A 289 15.75 17.54 -32.17
CA MET A 289 15.59 18.99 -32.09
C MET A 289 14.88 19.54 -33.31
N ASN A 290 15.26 19.09 -34.51
CA ASN A 290 14.60 19.57 -35.72
C ASN A 290 13.17 19.07 -35.85
N GLU A 291 12.83 17.95 -35.21
CA GLU A 291 11.43 17.54 -35.16
C GLU A 291 10.62 18.43 -34.22
N ILE A 292 11.16 18.74 -33.04
CA ILE A 292 10.44 19.61 -32.10
C ILE A 292 10.35 21.03 -32.65
N PHE A 293 11.43 21.51 -33.27
CA PHE A 293 11.49 22.85 -33.87
C PHE A 293 10.79 22.86 -35.23
N GLU A 294 11.10 23.84 -36.08
CA GLU A 294 10.37 24.03 -37.32
C GLU A 294 10.62 22.89 -38.32
N GLY A 295 10.02 21.75 -38.02
CA GLY A 295 10.08 20.51 -38.79
C GLY A 295 8.71 19.85 -38.78
N TYR A 296 8.66 18.62 -38.29
CA TYR A 296 7.39 17.92 -38.08
C TYR A 296 6.55 18.64 -37.02
N ILE A 297 5.29 18.22 -36.93
CA ILE A 297 4.17 18.94 -36.32
C ILE A 297 4.15 20.35 -36.91
N PRO A 298 3.75 20.52 -38.18
CA PRO A 298 3.98 21.80 -38.87
C PRO A 298 3.05 22.93 -38.44
N HIS A 299 1.77 22.61 -38.16
CA HIS A 299 0.68 23.56 -37.90
C HIS A 299 0.60 24.59 -39.01
N PRO A 300 0.06 24.25 -40.21
CA PRO A 300 0.16 25.17 -41.36
C PRO A 300 -0.85 26.31 -41.33
N ASP A 301 -0.95 26.97 -40.17
CA ASP A 301 -1.86 28.07 -39.89
C ASP A 301 -1.34 28.77 -38.63
N THR A 302 -2.18 29.57 -37.99
CA THR A 302 -1.79 30.29 -36.78
C THR A 302 -2.04 29.48 -35.50
N ASN A 303 -2.05 28.15 -35.58
CA ASN A 303 -2.17 27.31 -34.40
C ASN A 303 -0.80 27.11 -33.75
N ARG A 304 -0.79 26.31 -32.68
CA ARG A 304 0.36 26.21 -31.81
C ARG A 304 1.46 25.33 -32.39
N ASP A 305 2.70 25.77 -32.20
CA ASP A 305 3.89 24.97 -32.50
C ASP A 305 3.99 23.83 -31.48
N ALA A 306 4.80 22.82 -31.84
CA ALA A 306 5.03 21.70 -30.92
C ALA A 306 5.73 22.15 -29.64
N LEU A 307 6.69 23.07 -29.76
CA LEU A 307 7.32 23.66 -28.59
C LEU A 307 6.34 24.51 -27.79
N ASP A 308 5.41 25.18 -28.49
CA ASP A 308 4.35 25.93 -27.81
C ASP A 308 3.43 25.01 -27.01
N ILE A 309 3.13 23.84 -27.55
CA ILE A 309 2.32 22.87 -26.82
C ILE A 309 3.08 22.31 -25.62
N LEU A 310 4.35 21.94 -25.82
CA LEU A 310 5.12 21.30 -24.75
C LEU A 310 5.51 22.27 -23.65
N LEU A 311 5.58 23.58 -23.93
CA LEU A 311 5.86 24.54 -22.87
C LEU A 311 4.73 24.62 -21.86
N PHE A 312 3.48 24.56 -22.32
CA PHE A 312 2.31 24.70 -21.47
C PHE A 312 1.66 23.36 -21.14
N HIS A 313 2.44 22.28 -21.14
CA HIS A 313 1.93 20.95 -20.87
C HIS A 313 2.52 20.44 -19.55
N GLN A 314 1.70 19.69 -18.80
CA GLN A 314 2.12 19.24 -17.47
C GLN A 314 3.20 18.17 -17.52
N TYR A 315 3.34 17.46 -18.63
CA TYR A 315 4.43 16.49 -18.80
C TYR A 315 5.45 16.88 -19.86
N GLY A 316 5.06 17.66 -20.87
CA GLY A 316 6.00 18.08 -21.89
C GLY A 316 6.97 19.17 -21.43
N ASN A 317 6.65 19.86 -20.34
CA ASN A 317 7.54 20.88 -19.81
C ASN A 317 8.84 20.29 -19.30
N TYR A 318 8.80 19.06 -18.79
CA TYR A 318 10.04 18.40 -18.38
C TYR A 318 10.88 17.99 -19.58
N VAL A 319 10.23 17.66 -20.70
CA VAL A 319 10.95 17.44 -21.95
C VAL A 319 11.64 18.72 -22.41
N VAL A 320 10.96 19.87 -22.26
CA VAL A 320 11.57 21.16 -22.61
C VAL A 320 12.74 21.47 -21.67
N GLN A 321 12.58 21.15 -20.38
CA GLN A 321 13.67 21.34 -19.41
C GLN A 321 14.87 20.46 -19.75
N GLN A 322 14.62 19.23 -20.18
CA GLN A 322 15.71 18.34 -20.58
C GLN A 322 16.38 18.83 -21.86
N MET A 323 15.62 19.40 -22.78
CA MET A 323 16.20 20.02 -23.97
C MET A 323 17.12 21.18 -23.60
N ILE A 324 16.69 22.01 -22.64
CA ILE A 324 17.51 23.12 -22.14
C ILE A 324 18.80 22.59 -21.51
N GLN A 325 18.67 21.56 -20.66
CA GLN A 325 19.81 20.98 -19.96
C GLN A 325 20.80 20.33 -20.94
N THR A 326 20.26 19.64 -21.96
CA THR A 326 21.10 19.02 -22.99
C THR A 326 21.87 20.07 -23.79
N CYS A 327 21.23 21.18 -24.14
CA CYS A 327 21.93 22.21 -24.90
C CYS A 327 22.97 22.94 -24.05
N VAL A 328 22.66 23.16 -22.77
CA VAL A 328 23.62 23.79 -21.85
C VAL A 328 24.85 22.91 -21.68
N LEU A 329 24.65 21.60 -21.47
CA LEU A 329 25.78 20.70 -21.35
C LEU A 329 26.49 20.45 -22.67
N GLY A 330 25.81 20.63 -23.81
CA GLY A 330 26.40 20.41 -25.11
C GLY A 330 27.07 21.58 -25.75
N GLN A 331 26.95 22.78 -25.15
CA GLN A 331 27.77 23.91 -25.61
C GLN A 331 29.26 23.64 -25.41
N ASN A 332 29.62 22.81 -24.42
CA ASN A 332 31.01 22.46 -24.14
C ASN A 332 31.47 21.22 -24.91
N ALA A 333 30.89 20.95 -26.07
CA ALA A 333 31.30 19.83 -26.89
C ALA A 333 32.66 20.09 -27.52
N ARG A 334 33.39 19.01 -27.81
CA ARG A 334 34.71 19.13 -28.42
C ARG A 334 34.63 19.68 -29.84
N ASP A 335 33.63 19.24 -30.60
CA ASP A 335 33.42 19.75 -31.95
C ASP A 335 32.87 21.18 -31.90
N GLN A 336 33.29 21.99 -32.87
CA GLN A 336 32.86 23.38 -32.90
C GLN A 336 31.49 23.52 -33.55
N LYS A 337 31.22 22.74 -34.60
CA LYS A 337 29.92 22.76 -35.27
C LYS A 337 28.82 22.26 -34.34
N GLN A 338 29.11 21.20 -33.57
CA GLN A 338 28.17 20.70 -32.57
C GLN A 338 27.92 21.73 -31.48
N SER A 339 28.99 22.41 -31.02
CA SER A 339 28.85 23.40 -29.95
C SER A 339 28.01 24.59 -30.40
N GLU A 340 28.24 25.10 -31.62
CA GLU A 340 27.44 26.21 -32.10
C GLU A 340 26.01 25.77 -32.41
N MET A 341 25.80 24.50 -32.76
CA MET A 341 24.45 24.02 -33.03
C MET A 341 23.65 23.87 -31.73
N TYR A 342 24.29 23.37 -30.66
CA TYR A 342 23.65 23.33 -29.34
C TYR A 342 23.35 24.75 -28.84
N GLY A 343 24.26 25.70 -29.10
CA GLY A 343 24.00 27.08 -28.74
C GLY A 343 22.84 27.70 -29.49
N MET A 344 22.72 27.38 -30.79
CA MET A 344 21.60 27.88 -31.59
C MET A 344 20.27 27.28 -31.14
N TRP A 345 20.28 25.98 -30.78
CA TRP A 345 19.09 25.34 -30.23
C TRP A 345 18.67 25.96 -28.90
N LEU A 346 19.63 26.24 -28.02
CA LEU A 346 19.32 26.88 -26.75
C LEU A 346 18.82 28.30 -26.95
N GLU A 347 19.35 29.00 -27.96
CA GLU A 347 18.84 30.32 -28.33
C GLU A 347 17.37 30.25 -28.76
N LYS A 348 17.02 29.23 -29.55
CA LYS A 348 15.64 29.03 -29.98
C LYS A 348 14.71 28.77 -28.79
N ILE A 349 15.12 27.88 -27.88
CA ILE A 349 14.28 27.55 -26.73
C ILE A 349 14.16 28.73 -25.77
N HIS A 350 15.27 29.44 -25.54
CA HIS A 350 15.26 30.61 -24.67
C HIS A 350 14.40 31.74 -25.23
N GLY A 351 14.45 31.94 -26.55
CA GLY A 351 13.60 32.94 -27.16
C GLY A 351 12.13 32.60 -27.10
N ARG A 352 11.79 31.31 -27.28
CA ARG A 352 10.40 30.91 -27.18
C ARG A 352 9.88 31.00 -25.75
N VAL A 353 10.74 30.72 -24.75
CA VAL A 353 10.33 30.89 -23.37
C VAL A 353 10.13 32.37 -23.04
N MET A 354 11.05 33.23 -23.49
CA MET A 354 10.94 34.66 -23.21
C MET A 354 9.78 35.31 -23.95
N ARG A 355 9.37 34.77 -25.09
CA ARG A 355 8.15 35.23 -25.75
C ARG A 355 6.92 35.00 -24.88
N ASN A 356 6.84 33.82 -24.27
CA ASN A 356 5.67 33.41 -23.50
C ASN A 356 5.92 33.51 -21.99
N ALA A 357 6.90 34.32 -21.57
CA ALA A 357 7.34 34.33 -20.18
C ALA A 357 6.28 34.89 -19.25
N HIS A 358 5.59 35.95 -19.67
CA HIS A 358 4.52 36.53 -18.85
C HIS A 358 3.33 35.57 -18.75
N ARG A 359 3.10 34.75 -19.76
CA ARG A 359 2.08 33.72 -19.65
C ARG A 359 2.55 32.56 -18.78
N LEU A 360 3.84 32.22 -18.88
CA LEU A 360 4.38 31.08 -18.14
C LEU A 360 4.56 31.35 -16.66
N GLU A 361 4.72 32.62 -16.26
CA GLU A 361 4.89 32.98 -14.85
C GLU A 361 3.65 32.68 -14.01
N ARG A 362 2.47 32.61 -14.63
CA ARG A 362 1.25 32.34 -13.88
C ARG A 362 1.12 30.87 -13.48
N PHE A 363 1.98 29.99 -13.97
CA PHE A 363 1.93 28.58 -13.65
C PHE A 363 3.24 28.14 -12.99
N SER A 364 3.16 27.02 -12.26
CA SER A 364 4.33 26.52 -11.55
C SER A 364 5.39 25.97 -12.51
N SER A 365 4.95 25.26 -13.56
CA SER A 365 5.88 24.67 -14.52
C SER A 365 6.63 25.73 -15.32
N GLY A 366 5.93 26.78 -15.75
CA GLY A 366 6.58 27.87 -16.47
C GLY A 366 7.53 28.66 -15.60
N LYS A 367 7.19 28.85 -14.32
CA LYS A 367 8.12 29.48 -13.39
C LYS A 367 9.35 28.62 -13.16
N LYS A 368 9.17 27.29 -13.14
CA LYS A 368 10.31 26.39 -13.04
C LYS A 368 11.21 26.47 -14.28
N ILE A 369 10.60 26.58 -15.47
CA ILE A 369 11.36 26.71 -16.71
C ILE A 369 12.15 28.02 -16.75
N ILE A 370 11.51 29.12 -16.33
CA ILE A 370 12.18 30.43 -16.31
C ILE A 370 13.31 30.44 -15.27
N GLU A 371 13.07 29.83 -14.11
CA GLU A 371 14.13 29.72 -13.10
C GLU A 371 15.26 28.81 -13.55
N ALA A 372 14.95 27.80 -14.36
CA ALA A 372 15.99 26.97 -14.96
C ALA A 372 16.83 27.75 -15.97
N LEU A 373 16.18 28.60 -16.77
CA LEU A 373 16.93 29.47 -17.68
C LEU A 373 17.71 30.54 -16.94
N GLN A 374 17.31 30.90 -15.73
CA GLN A 374 18.16 31.72 -14.87
C GLN A 374 19.39 30.92 -14.45
N SER A 375 19.19 29.79 -13.79
CA SER A 375 20.28 28.87 -13.44
C SER A 375 19.75 27.44 -13.30
N THR B 13 23.40 64.64 48.52
CA THR B 13 22.66 65.23 47.42
C THR B 13 21.28 64.60 47.25
N LEU B 14 21.10 63.42 47.88
CA LEU B 14 19.82 62.72 47.80
C LEU B 14 18.72 63.48 48.54
N GLN B 15 19.05 64.07 49.69
CA GLN B 15 18.09 64.89 50.40
C GLN B 15 17.90 66.25 49.75
N ASP B 16 18.88 66.69 48.94
CA ASP B 16 18.73 67.92 48.17
C ASP B 16 17.71 67.78 47.04
N VAL B 17 17.43 66.55 46.61
CA VAL B 17 16.32 66.31 45.69
C VAL B 17 14.98 66.62 46.37
N LEU B 18 14.84 66.17 47.62
CA LEU B 18 13.64 66.47 48.40
C LEU B 18 13.56 67.93 48.77
N ALA B 19 14.71 68.59 48.93
CA ALA B 19 14.72 70.00 49.34
C ALA B 19 14.21 70.92 48.23
N ASN B 20 14.61 70.65 46.99
CA ASN B 20 14.31 71.53 45.87
C ASN B 20 13.07 71.13 45.07
N ASP B 21 12.35 70.10 45.52
CA ASP B 21 11.20 69.51 44.83
C ASP B 21 11.56 69.10 43.40
N ALA B 22 12.59 68.26 43.30
CA ALA B 22 13.22 67.92 42.02
C ALA B 22 13.05 66.44 41.68
N LEU B 23 11.94 65.83 42.11
CA LEU B 23 11.68 64.45 41.73
C LEU B 23 11.30 64.36 40.25
N VAL B 24 10.52 65.33 39.76
CA VAL B 24 10.19 65.40 38.34
C VAL B 24 11.43 65.72 37.52
N GLU B 25 12.32 66.56 38.07
CA GLU B 25 13.56 66.92 37.39
C GLU B 25 14.50 65.73 37.22
N PHE B 26 14.63 64.90 38.25
CA PHE B 26 15.61 63.82 38.22
C PHE B 26 15.04 62.49 37.76
N ALA B 27 13.72 62.31 37.76
CA ALA B 27 13.17 61.07 37.23
C ALA B 27 13.21 61.06 35.71
N THR B 28 13.19 62.23 35.07
CA THR B 28 13.15 62.33 33.61
C THR B 28 14.53 62.42 32.98
N ASP B 29 15.61 62.34 33.77
CA ASP B 29 16.97 62.28 33.25
C ASP B 29 17.55 60.92 33.59
N LYS B 30 18.38 60.38 32.67
CA LYS B 30 18.92 59.03 32.82
C LYS B 30 19.87 58.93 34.00
N ASN B 31 20.80 59.89 34.12
CA ASN B 31 21.74 59.91 35.23
C ASN B 31 21.03 60.14 36.55
N GLY B 32 20.07 61.08 36.56
CA GLY B 32 19.31 61.35 37.77
C GLY B 32 18.44 60.18 38.20
N CYS B 33 17.82 59.49 37.24
CA CYS B 33 17.01 58.33 37.59
C CYS B 33 17.87 57.16 38.06
N ARG B 34 19.07 57.00 37.48
CA ARG B 34 19.99 55.98 37.95
C ARG B 34 20.44 56.26 39.38
N PHE B 35 20.69 57.53 39.70
CA PHE B 35 20.99 57.92 41.07
C PHE B 35 19.80 57.71 42.00
N LEU B 36 18.58 57.92 41.49
CA LEU B 36 17.38 57.70 42.29
C LEU B 36 17.19 56.22 42.62
N GLN B 37 17.41 55.33 41.65
CA GLN B 37 17.27 53.89 41.91
C GLN B 37 18.39 53.37 42.80
N GLU B 38 19.61 53.91 42.62
CA GLU B 38 20.75 53.39 43.37
C GLU B 38 20.66 53.74 44.85
N HIS B 39 20.23 54.96 45.18
CA HIS B 39 20.19 55.43 46.55
C HIS B 39 18.79 55.40 47.15
N TYR B 40 17.90 54.55 46.64
CA TYR B 40 16.55 54.50 47.19
C TYR B 40 16.52 53.53 48.37
N PRO B 41 16.06 53.98 49.54
CA PRO B 41 15.99 53.09 50.71
C PRO B 41 14.92 52.02 50.53
N THR B 42 15.34 50.75 50.61
CA THR B 42 14.42 49.64 50.43
C THR B 42 13.63 49.29 51.68
N GLU B 43 13.99 49.88 52.84
CA GLU B 43 13.21 49.73 54.04
C GLU B 43 12.09 50.77 54.06
N ASN B 44 10.88 50.34 54.43
CA ASN B 44 9.72 51.19 54.32
C ASN B 44 9.60 52.21 55.45
N ASP B 45 10.39 52.08 56.52
CA ASP B 45 10.31 52.99 57.66
C ASP B 45 11.40 54.06 57.65
N ASN B 46 12.08 54.25 56.53
CA ASN B 46 13.09 55.29 56.42
C ASN B 46 12.44 56.62 56.04
N ASP B 47 13.05 57.72 56.48
CA ASP B 47 12.46 59.04 56.30
C ASP B 47 12.52 59.48 54.84
N VAL B 48 13.68 59.30 54.19
CA VAL B 48 13.85 59.70 52.80
C VAL B 48 12.99 58.84 51.88
N HIS B 49 12.84 57.55 52.23
CA HIS B 49 11.95 56.65 51.50
C HIS B 49 10.50 57.13 51.52
N GLN B 50 10.01 57.49 52.71
CA GLN B 50 8.63 57.95 52.84
C GLN B 50 8.42 59.29 52.16
N LYS B 51 9.40 60.20 52.26
CA LYS B 51 9.29 61.50 51.62
C LYS B 51 9.32 61.39 50.10
N LEU B 52 10.16 60.50 49.56
CA LEU B 52 10.21 60.29 48.11
C LEU B 52 8.93 59.61 47.60
N PHE B 53 8.40 58.64 48.35
CA PHE B 53 7.13 58.02 47.96
C PHE B 53 5.99 59.02 48.02
N ARG B 54 5.98 59.88 49.04
CA ARG B 54 4.96 60.92 49.16
C ARG B 54 5.04 61.90 47.99
N LYS B 55 6.26 62.32 47.62
CA LYS B 55 6.42 63.19 46.46
C LYS B 55 6.09 62.49 45.15
N LEU B 56 6.16 61.16 45.11
CA LEU B 56 5.76 60.43 43.91
C LEU B 56 4.25 60.33 43.77
N VAL B 57 3.53 60.02 44.85
CA VAL B 57 2.11 59.66 44.74
C VAL B 57 1.18 60.78 45.21
N GLU B 58 1.71 62.00 45.44
CA GLU B 58 0.84 63.15 45.72
C GLU B 58 -0.03 63.50 44.52
N ASP B 59 0.60 63.91 43.42
CA ASP B 59 -0.13 64.27 42.22
C ASP B 59 -0.29 63.03 41.35
N ARG B 60 -1.55 62.69 41.04
CA ARG B 60 -1.83 61.53 40.20
C ARG B 60 -1.35 61.75 38.77
N ALA B 61 -1.48 62.98 38.27
CA ALA B 61 -1.04 63.29 36.91
C ALA B 61 0.47 63.20 36.78
N ILE B 62 1.22 63.65 37.79
CA ILE B 62 2.67 63.56 37.78
C ILE B 62 3.12 62.11 37.83
N PHE B 63 2.45 61.29 38.66
CA PHE B 63 2.77 59.86 38.73
C PHE B 63 2.48 59.13 37.42
N LEU B 64 1.36 59.44 36.78
CA LEU B 64 1.03 58.81 35.50
C LEU B 64 1.93 59.30 34.38
N SER B 65 2.43 60.54 34.46
CA SER B 65 3.39 61.00 33.48
C SER B 65 4.76 60.37 33.69
N LEU B 66 5.13 60.11 34.94
CA LEU B 66 6.40 59.45 35.21
C LEU B 66 6.35 57.97 34.84
N CYS B 67 5.16 57.36 34.89
CA CYS B 67 5.01 56.01 34.36
C CYS B 67 5.17 55.98 32.85
N SER B 68 4.74 57.04 32.17
CA SER B 68 4.87 57.16 30.72
C SER B 68 6.23 57.64 30.28
N ASN B 69 7.10 58.01 31.21
CA ASN B 69 8.43 58.51 30.87
C ASN B 69 9.34 57.38 30.40
N MET B 70 10.31 57.73 29.56
CA MET B 70 11.34 56.78 29.14
C MET B 70 12.17 56.32 30.33
N PHE B 71 12.50 57.23 31.23
CA PHE B 71 13.40 56.96 32.34
C PHE B 71 12.68 56.76 33.67
N GLY B 72 11.68 57.59 33.97
CA GLY B 72 11.01 57.58 35.27
C GLY B 72 10.20 56.33 35.55
N ASN B 73 9.85 55.58 34.50
CA ASN B 73 9.19 54.29 34.69
C ASN B 73 10.07 53.32 35.47
N PHE B 74 11.39 53.37 35.25
CA PHE B 74 12.31 52.53 36.01
C PHE B 74 12.36 52.94 37.48
N PHE B 75 12.22 54.24 37.77
CA PHE B 75 12.14 54.67 39.16
C PHE B 75 10.84 54.21 39.82
N VAL B 76 9.73 54.23 39.06
CA VAL B 76 8.47 53.71 39.58
C VAL B 76 8.57 52.21 39.82
N GLN B 77 9.31 51.50 38.95
CA GLN B 77 9.62 50.09 39.17
C GLN B 77 10.43 49.88 40.44
N ARG B 78 11.42 50.74 40.68
CA ARG B 78 12.25 50.65 41.88
C ARG B 78 11.43 50.89 43.15
N VAL B 79 10.48 51.84 43.08
CA VAL B 79 9.56 52.06 44.20
C VAL B 79 8.65 50.84 44.39
N LEU B 80 8.19 50.24 43.30
CA LEU B 80 7.25 49.12 43.38
C LEU B 80 7.93 47.85 43.88
N GLU B 81 9.23 47.68 43.63
CA GLU B 81 9.94 46.48 44.05
C GLU B 81 10.01 46.36 45.58
N CYS B 82 10.45 47.42 46.25
CA CYS B 82 10.55 47.45 47.70
C CYS B 82 9.37 48.26 48.23
N SER B 83 8.24 47.58 48.40
CA SER B 83 7.01 48.23 48.82
C SER B 83 6.18 47.25 49.64
N ASN B 84 5.59 47.75 50.73
CA ASN B 84 4.63 46.99 51.50
C ASN B 84 3.22 47.24 50.97
N THR B 85 2.23 46.57 51.57
CA THR B 85 0.86 46.63 51.08
C THR B 85 0.25 48.03 51.23
N GLU B 86 0.74 48.82 52.18
CA GLU B 86 0.24 50.18 52.36
C GLU B 86 0.61 51.07 51.18
N GLU B 87 1.84 50.95 50.68
CA GLU B 87 2.22 51.65 49.45
C GLU B 87 1.56 51.02 48.23
N GLN B 88 1.34 49.70 48.27
CA GLN B 88 0.80 48.99 47.13
C GLN B 88 -0.66 49.34 46.87
N GLU B 89 -1.43 49.66 47.93
CA GLU B 89 -2.80 50.12 47.74
C GLU B 89 -2.85 51.45 46.98
N ILE B 90 -1.98 52.39 47.36
CA ILE B 90 -1.91 53.70 46.69
C ILE B 90 -1.46 53.54 45.25
N LEU B 91 -0.45 52.69 45.02
CA LEU B 91 0.05 52.47 43.67
C LEU B 91 -1.00 51.77 42.79
N THR B 92 -1.73 50.80 43.35
CA THR B 92 -2.78 50.12 42.61
C THR B 92 -3.92 51.07 42.24
N GLU B 93 -4.34 51.91 43.18
CA GLU B 93 -5.42 52.86 42.91
C GLU B 93 -4.99 53.94 41.92
N HIS B 94 -3.71 54.32 41.93
CA HIS B 94 -3.23 55.28 40.93
C HIS B 94 -3.14 54.65 39.55
N LEU B 95 -2.70 53.39 39.47
CA LEU B 95 -2.54 52.74 38.16
C LEU B 95 -3.87 52.33 37.55
N ALA B 96 -4.88 52.05 38.39
CA ALA B 96 -6.15 51.55 37.86
C ALA B 96 -6.97 52.62 37.15
N THR B 97 -6.67 53.91 37.34
CA THR B 97 -7.49 54.96 36.76
C THR B 97 -7.27 55.11 35.25
N ASP B 98 -6.06 54.85 34.77
CA ASP B 98 -5.71 55.01 33.36
C ASP B 98 -4.97 53.79 32.86
N LEU B 99 -5.44 52.61 33.28
CA LEU B 99 -4.68 51.36 33.13
C LEU B 99 -4.48 50.97 31.67
N TYR B 100 -5.52 51.13 30.84
CA TYR B 100 -5.50 50.65 29.46
C TYR B 100 -4.48 51.40 28.62
N ASN B 101 -4.45 52.74 28.75
CA ASN B 101 -3.49 53.53 27.97
C ASN B 101 -2.06 53.37 28.50
N LEU B 102 -1.91 53.03 29.78
CA LEU B 102 -0.58 52.71 30.30
C LEU B 102 -0.11 51.37 29.75
N CYS B 103 -1.02 50.41 29.58
CA CYS B 103 -0.67 49.15 28.95
C CYS B 103 -0.33 49.34 27.47
N LEU B 104 -0.99 50.29 26.80
CA LEU B 104 -0.66 50.55 25.39
C LEU B 104 0.68 51.25 25.22
N ASP B 105 1.20 51.88 26.27
CA ASP B 105 2.45 52.62 26.16
C ASP B 105 3.65 51.67 26.20
N LYS B 106 4.71 52.06 25.48
CA LYS B 106 5.98 51.35 25.56
C LYS B 106 6.57 51.43 26.97
N SER B 107 6.40 52.58 27.62
CA SER B 107 7.04 52.85 28.89
C SER B 107 6.33 52.13 30.04
N ALA B 108 5.04 52.39 30.20
CA ALA B 108 4.33 52.02 31.42
C ALA B 108 3.89 50.56 31.47
N CYS B 109 3.91 49.84 30.34
CA CYS B 109 3.53 48.43 30.35
C CYS B 109 4.53 47.59 31.13
N ARG B 110 5.79 48.03 31.18
CA ARG B 110 6.78 47.42 32.06
C ARG B 110 6.38 47.57 33.53
N VAL B 111 5.88 48.76 33.89
CA VAL B 111 5.41 49.02 35.24
C VAL B 111 4.19 48.17 35.57
N ILE B 112 3.28 48.00 34.60
CA ILE B 112 2.10 47.15 34.80
C ILE B 112 2.51 45.69 34.96
N GLN B 113 3.50 45.24 34.19
CA GLN B 113 4.02 43.87 34.33
C GLN B 113 4.64 43.63 35.71
N LEU B 114 5.45 44.59 36.18
CA LEU B 114 6.06 44.43 37.50
C LEU B 114 5.00 44.55 38.60
N ALA B 115 3.92 45.29 38.34
CA ALA B 115 2.78 45.30 39.27
C ALA B 115 2.10 43.94 39.32
N ILE B 116 1.90 43.29 38.17
CA ILE B 116 1.25 41.97 38.15
C ILE B 116 2.14 40.95 38.86
N GLN B 117 3.45 41.06 38.72
CA GLN B 117 4.34 40.13 39.42
C GLN B 117 4.43 40.42 40.91
N LYS B 118 4.54 41.69 41.29
CA LYS B 118 5.04 42.06 42.61
C LYS B 118 3.96 42.49 43.60
N LEU B 119 2.80 42.94 43.15
CA LEU B 119 1.74 43.33 44.08
C LEU B 119 1.15 42.09 44.75
N ASP B 120 0.34 42.34 45.78
CA ASP B 120 -0.41 41.27 46.41
C ASP B 120 -1.47 40.74 45.44
N VAL B 121 -1.92 39.51 45.70
CA VAL B 121 -2.75 38.78 44.74
C VAL B 121 -4.11 39.45 44.56
N HIS B 122 -4.66 40.06 45.62
CA HIS B 122 -5.93 40.76 45.48
C HIS B 122 -5.78 42.08 44.72
N LEU B 123 -4.65 42.77 44.89
CA LEU B 123 -4.43 44.02 44.18
C LEU B 123 -4.20 43.79 42.69
N ALA B 124 -3.43 42.75 42.35
CA ALA B 124 -3.24 42.42 40.95
C ALA B 124 -4.50 41.81 40.34
N THR B 125 -5.31 41.12 41.15
CA THR B 125 -6.63 40.67 40.71
C THR B 125 -7.53 41.87 40.39
N ARG B 126 -7.47 42.91 41.22
CA ARG B 126 -8.22 44.14 40.97
C ARG B 126 -7.75 44.82 39.69
N LEU B 127 -6.43 44.87 39.47
CA LEU B 127 -5.91 45.46 38.23
C LEU B 127 -6.28 44.64 37.00
N SER B 128 -6.27 43.30 37.11
CA SER B 128 -6.65 42.47 35.97
C SER B 128 -8.13 42.60 35.66
N LEU B 129 -8.98 42.68 36.70
CA LEU B 129 -10.41 42.84 36.50
C LEU B 129 -10.79 44.25 36.07
N GLU B 130 -9.88 45.22 36.20
CA GLU B 130 -10.09 46.53 35.59
C GLU B 130 -10.10 46.49 34.05
N LEU B 131 -9.62 45.40 33.43
CA LEU B 131 -9.60 45.25 31.98
C LEU B 131 -10.78 44.43 31.47
N ARG B 132 -11.85 44.30 32.25
CA ARG B 132 -12.90 43.32 31.94
C ARG B 132 -13.75 43.74 30.75
N ASP B 133 -14.19 44.99 30.72
CA ASP B 133 -15.09 45.48 29.67
C ASP B 133 -14.41 46.51 28.78
N THR B 134 -13.10 46.39 28.58
CA THR B 134 -12.36 47.28 27.70
C THR B 134 -12.14 46.61 26.35
N HIS B 135 -11.48 47.34 25.45
CA HIS B 135 -11.22 46.85 24.09
C HIS B 135 -10.06 45.85 24.15
N LEU B 136 -10.42 44.60 24.49
CA LEU B 136 -9.42 43.57 24.68
C LEU B 136 -8.81 43.05 23.38
N VAL B 137 -9.51 43.22 22.24
CA VAL B 137 -8.92 42.86 20.96
C VAL B 137 -7.73 43.75 20.65
N ARG B 138 -7.91 45.07 20.77
CA ARG B 138 -6.83 46.01 20.49
C ARG B 138 -5.71 45.92 21.53
N LEU B 139 -6.02 45.47 22.74
CA LEU B 139 -4.99 45.31 23.75
C LEU B 139 -4.21 44.01 23.57
N SER B 140 -4.87 42.94 23.12
CA SER B 140 -4.18 41.68 22.92
C SER B 140 -3.28 41.71 21.69
N ILE B 141 -3.67 42.47 20.65
CA ILE B 141 -2.85 42.55 19.44
C ILE B 141 -1.82 43.67 19.51
N ASP B 142 -1.79 44.43 20.60
CA ASP B 142 -0.91 45.59 20.71
C ASP B 142 0.55 45.13 20.85
N GLN B 143 1.46 46.01 20.41
CA GLN B 143 2.90 45.75 20.54
C GLN B 143 3.34 45.66 22.00
N ASN B 144 2.63 46.35 22.90
CA ASN B 144 3.01 46.45 24.30
C ASN B 144 2.04 45.77 25.25
N GLY B 145 0.72 45.91 25.02
CA GLY B 145 -0.27 45.37 25.94
C GLY B 145 -0.39 43.87 25.91
N ASN B 146 0.12 43.24 24.84
CA ASN B 146 0.11 41.78 24.74
C ASN B 146 0.92 41.15 25.85
N HIS B 147 2.06 41.76 26.19
CA HIS B 147 2.90 41.30 27.29
C HIS B 147 2.19 41.44 28.62
N VAL B 148 1.37 42.47 28.78
CA VAL B 148 0.57 42.64 30.00
C VAL B 148 -0.46 41.52 30.12
N ILE B 149 -1.14 41.19 29.01
CA ILE B 149 -2.14 40.13 29.06
C ILE B 149 -1.50 38.77 29.35
N GLN B 150 -0.36 38.48 28.70
CA GLN B 150 0.36 37.23 28.98
C GLN B 150 0.87 37.19 30.41
N LYS B 151 1.33 38.33 30.94
CA LYS B 151 1.83 38.37 32.31
C LYS B 151 0.71 38.13 33.31
N ILE B 152 -0.49 38.66 33.02
CA ILE B 152 -1.67 38.40 33.85
C ILE B 152 -2.03 36.92 33.83
N VAL B 153 -2.00 36.30 32.63
CA VAL B 153 -2.36 34.90 32.51
C VAL B 153 -1.34 33.99 33.20
N LYS B 154 -0.04 34.26 33.00
CA LYS B 154 1.00 33.40 33.58
C LYS B 154 1.12 33.60 35.09
N THR B 155 0.91 34.82 35.59
CA THR B 155 1.19 35.12 36.98
C THR B 155 0.01 34.83 37.91
N LEU B 156 -1.17 35.31 37.56
CA LEU B 156 -2.34 35.37 38.43
C LEU B 156 -3.16 34.09 38.32
N PRO B 157 -3.99 33.79 39.33
CA PRO B 157 -4.92 32.66 39.22
C PRO B 157 -5.97 32.87 38.15
N VAL B 158 -6.66 31.78 37.80
CA VAL B 158 -7.58 31.75 36.66
C VAL B 158 -8.81 32.62 36.90
N SER B 159 -9.17 32.87 38.16
CA SER B 159 -10.32 33.71 38.46
C SER B 159 -10.05 35.18 38.18
N SER B 160 -8.78 35.58 38.06
CA SER B 160 -8.43 36.95 37.72
C SER B 160 -8.51 37.24 36.23
N TRP B 161 -8.61 36.20 35.38
CA TRP B 161 -8.68 36.42 33.93
C TRP B 161 -9.65 35.45 33.25
N THR B 162 -10.68 35.01 33.97
CA THR B 162 -11.71 34.14 33.40
C THR B 162 -12.52 34.90 32.33
N PHE B 163 -12.60 36.23 32.46
CA PHE B 163 -13.27 37.05 31.45
C PHE B 163 -12.56 36.98 30.10
N LEU B 164 -11.25 36.71 30.10
CA LEU B 164 -10.54 36.48 28.83
C LEU B 164 -11.02 35.19 28.16
N VAL B 165 -11.29 34.15 28.95
CA VAL B 165 -11.84 32.91 28.40
C VAL B 165 -13.25 33.13 27.86
N ASP B 166 -14.05 33.93 28.58
CA ASP B 166 -15.37 34.30 28.08
C ASP B 166 -15.28 35.14 26.80
N PHE B 167 -14.28 36.02 26.73
CA PHE B 167 -14.12 36.92 25.59
C PHE B 167 -13.63 36.16 24.36
N PHE B 168 -12.77 35.17 24.55
CA PHE B 168 -12.25 34.35 23.47
C PHE B 168 -13.13 33.14 23.18
N ALA B 169 -14.21 32.96 23.95
CA ALA B 169 -15.24 32.01 23.56
C ALA B 169 -16.00 32.48 22.33
N ASP B 170 -16.05 33.79 22.09
CA ASP B 170 -16.57 34.33 20.85
C ASP B 170 -15.62 33.97 19.70
N ASP B 171 -16.20 33.56 18.56
CA ASP B 171 -15.39 33.16 17.43
C ASP B 171 -14.73 34.36 16.76
N ASP B 172 -15.41 35.50 16.71
CA ASP B 172 -14.87 36.68 16.04
C ASP B 172 -13.67 37.25 16.79
N ASN B 173 -13.77 37.35 18.13
CA ASN B 173 -12.65 37.83 18.93
C ASN B 173 -11.47 36.87 18.88
N LEU B 174 -11.74 35.56 18.94
CA LEU B 174 -10.69 34.56 18.89
C LEU B 174 -9.97 34.56 17.55
N ILE B 175 -10.72 34.75 16.45
CA ILE B 175 -10.11 34.85 15.14
C ILE B 175 -9.29 36.13 15.02
N HIS B 176 -9.83 37.26 15.47
CA HIS B 176 -9.11 38.53 15.34
C HIS B 176 -7.88 38.61 16.23
N VAL B 177 -7.84 37.86 17.34
CA VAL B 177 -6.64 37.84 18.19
C VAL B 177 -5.64 36.79 17.72
N CYS B 178 -6.11 35.61 17.30
CA CYS B 178 -5.21 34.58 16.77
C CYS B 178 -4.53 35.03 15.48
N GLN B 179 -5.24 35.77 14.63
CA GLN B 179 -4.68 36.24 13.36
C GLN B 179 -3.91 37.54 13.55
N ASP B 180 -2.89 37.49 14.40
CA ASP B 180 -2.04 38.64 14.67
C ASP B 180 -0.69 38.16 15.18
N LYS B 181 0.34 38.97 14.91
CA LYS B 181 1.71 38.62 15.30
C LYS B 181 1.86 38.52 16.82
N TYR B 182 1.10 39.31 17.57
CA TYR B 182 1.23 39.36 19.02
C TYR B 182 0.14 38.60 19.76
N GLY B 183 -1.10 38.61 19.26
CA GLY B 183 -2.19 37.97 19.96
C GLY B 183 -2.15 36.46 19.94
N CYS B 184 -1.44 35.88 18.97
CA CYS B 184 -1.27 34.43 18.93
C CYS B 184 -0.48 33.94 20.14
N ARG B 185 0.51 34.73 20.59
CA ARG B 185 1.20 34.42 21.84
C ARG B 185 0.29 34.55 23.05
N VAL B 186 -0.68 35.47 22.99
CA VAL B 186 -1.65 35.60 24.08
C VAL B 186 -2.53 34.34 24.16
N ILE B 187 -3.00 33.85 23.02
CA ILE B 187 -3.81 32.64 22.99
C ILE B 187 -2.99 31.42 23.40
N GLN B 188 -1.72 31.36 22.98
CA GLN B 188 -0.84 30.26 23.38
C GLN B 188 -0.55 30.27 24.87
N SER B 189 -0.37 31.47 25.46
CA SER B 189 -0.14 31.56 26.90
C SER B 189 -1.38 31.16 27.69
N THR B 190 -2.57 31.56 27.20
CA THR B 190 -3.82 31.17 27.85
C THR B 190 -4.02 29.66 27.78
N VAL B 191 -3.75 29.06 26.62
CA VAL B 191 -3.85 27.61 26.44
C VAL B 191 -2.85 26.88 27.32
N GLU B 192 -1.60 27.39 27.39
CA GLU B 192 -0.55 26.77 28.18
C GLU B 192 -0.88 26.83 29.67
N THR B 193 -1.42 27.95 30.15
CA THR B 193 -1.74 28.07 31.57
C THR B 193 -2.97 27.23 31.92
N LEU B 194 -3.98 27.18 31.03
CA LEU B 194 -5.15 26.36 31.30
C LEU B 194 -4.87 24.87 31.16
N SER B 195 -3.80 24.48 30.48
CA SER B 195 -3.49 23.07 30.27
C SER B 195 -2.40 22.54 31.17
N THR B 196 -1.60 23.39 31.80
CA THR B 196 -0.49 22.93 32.63
C THR B 196 -1.00 22.39 33.95
N ASP B 197 -0.70 21.11 34.21
CA ASP B 197 -0.96 20.43 35.49
C ASP B 197 -2.44 20.37 35.83
N GLN B 198 -3.31 20.42 34.81
CA GLN B 198 -4.75 20.40 35.06
C GLN B 198 -5.25 19.03 35.48
N TYR B 199 -4.53 17.96 35.12
CA TYR B 199 -4.95 16.63 35.51
C TYR B 199 -4.66 16.32 36.98
N ALA B 200 -3.81 17.11 37.63
CA ALA B 200 -3.50 16.89 39.04
C ALA B 200 -4.67 17.29 39.93
N GLN B 201 -5.44 18.28 39.53
CA GLN B 201 -6.58 18.74 40.32
C GLN B 201 -7.74 17.77 40.24
N CYS B 202 -8.56 17.77 41.29
CA CYS B 202 -9.75 16.94 41.35
C CYS B 202 -10.97 17.63 40.75
N TYR B 203 -10.83 18.89 40.35
CA TYR B 203 -11.91 19.66 39.76
C TYR B 203 -11.81 19.61 38.24
N GLN B 204 -12.67 20.38 37.57
CA GLN B 204 -12.65 20.47 36.12
C GLN B 204 -12.83 21.91 35.65
N HIS B 205 -12.37 22.87 36.46
CA HIS B 205 -12.55 24.28 36.15
C HIS B 205 -11.73 24.69 34.92
N ARG B 206 -10.41 24.54 35.01
CA ARG B 206 -9.54 24.80 33.87
C ARG B 206 -9.78 23.82 32.73
N VAL B 207 -10.29 22.62 33.03
CA VAL B 207 -10.66 21.66 32.00
C VAL B 207 -11.81 22.21 31.14
N ILE B 208 -12.85 22.75 31.79
CA ILE B 208 -13.98 23.31 31.04
C ILE B 208 -13.60 24.60 30.32
N LEU B 209 -12.76 25.44 30.94
CA LEU B 209 -12.30 26.65 30.25
C LEU B 209 -11.44 26.32 29.03
N LEU B 210 -10.55 25.34 29.17
CA LEU B 210 -9.75 24.85 28.06
C LEU B 210 -10.62 24.20 26.99
N ARG B 211 -11.69 23.51 27.40
CA ARG B 211 -12.63 22.92 26.45
C ARG B 211 -13.36 24.00 25.65
N SER B 212 -13.69 25.11 26.30
CA SER B 212 -14.29 26.25 25.60
C SER B 212 -13.35 26.81 24.54
N LEU B 213 -12.09 27.07 24.94
CA LEU B 213 -11.10 27.59 23.98
C LEU B 213 -10.81 26.59 22.86
N MET B 214 -10.75 25.30 23.18
CA MET B 214 -10.44 24.31 22.15
C MET B 214 -11.61 24.06 21.21
N ALA B 215 -12.85 24.19 21.70
CA ALA B 215 -14.00 24.15 20.80
C ALA B 215 -13.99 25.33 19.85
N GLY B 216 -13.63 26.52 20.36
CA GLY B 216 -13.50 27.69 19.49
C GLY B 216 -12.40 27.54 18.46
N VAL B 217 -11.30 26.90 18.82
CA VAL B 217 -10.22 26.64 17.86
C VAL B 217 -10.66 25.58 16.85
N THR B 218 -11.36 24.54 17.30
CA THR B 218 -11.73 23.42 16.43
C THR B 218 -12.75 23.84 15.38
N ARG B 219 -13.73 24.66 15.74
CA ARG B 219 -14.72 25.03 14.73
C ARG B 219 -14.24 26.12 13.77
N ASN B 220 -13.03 26.66 13.96
CA ASN B 220 -12.45 27.63 13.04
C ASN B 220 -11.05 27.21 12.55
N CYS B 221 -10.65 25.96 12.78
CA CYS B 221 -9.30 25.49 12.51
C CYS B 221 -8.91 25.59 11.04
N THR B 222 -9.87 25.50 10.11
CA THR B 222 -9.55 25.61 8.70
C THR B 222 -9.06 27.02 8.36
N GLN B 223 -9.70 28.05 8.91
CA GLN B 223 -9.22 29.41 8.72
C GLN B 223 -7.97 29.69 9.55
N LEU B 224 -7.93 29.18 10.77
CA LEU B 224 -6.81 29.47 11.68
C LEU B 224 -5.50 28.86 11.18
N ALA B 225 -5.55 27.63 10.67
CA ALA B 225 -4.34 26.98 10.18
C ALA B 225 -3.80 27.63 8.91
N SER B 226 -4.63 28.35 8.17
CA SER B 226 -4.24 28.96 6.90
C SER B 226 -3.62 30.34 7.07
N ASN B 227 -3.58 30.88 8.29
CA ASN B 227 -3.15 32.25 8.50
C ASN B 227 -1.66 32.32 8.82
N GLU B 228 -1.08 33.51 8.63
CA GLU B 228 0.32 33.77 8.90
C GLU B 228 0.69 33.54 10.36
N PHE B 229 -0.24 33.77 11.29
CA PHE B 229 0.12 33.72 12.71
C PHE B 229 -0.77 32.79 13.54
N ALA B 230 -2.00 32.53 13.12
CA ALA B 230 -2.85 31.61 13.86
C ALA B 230 -2.47 30.16 13.64
N ASN B 231 -1.68 29.88 12.60
CA ASN B 231 -1.12 28.55 12.43
C ASN B 231 -0.15 28.21 13.55
N TYR B 232 0.44 29.23 14.20
CA TYR B 232 1.21 29.00 15.42
C TYR B 232 0.32 28.45 16.54
N VAL B 233 -0.91 28.93 16.64
CA VAL B 233 -1.84 28.42 17.64
C VAL B 233 -2.22 26.97 17.32
N VAL B 234 -2.49 26.67 16.05
CA VAL B 234 -2.84 25.30 15.67
C VAL B 234 -1.65 24.35 15.86
N GLN B 235 -0.44 24.79 15.48
CA GLN B 235 0.77 24.04 15.75
C GLN B 235 1.05 23.90 17.23
N HIS B 236 0.62 24.85 18.05
CA HIS B 236 0.80 24.74 19.49
C HIS B 236 -0.11 23.67 20.06
N VAL B 237 -1.33 23.57 19.53
CA VAL B 237 -2.22 22.48 19.96
C VAL B 237 -1.67 21.13 19.54
N ILE B 238 -1.22 21.02 18.28
CA ILE B 238 -0.74 19.73 17.77
C ILE B 238 0.60 19.35 18.40
N LYS B 239 1.51 20.32 18.54
CA LYS B 239 2.89 20.05 18.91
C LYS B 239 3.04 19.75 20.39
N CYS B 240 2.24 20.38 21.23
CA CYS B 240 2.30 20.14 22.67
C CYS B 240 1.57 18.85 23.02
N GLY B 241 1.76 18.43 24.27
CA GLY B 241 1.03 17.30 24.81
C GLY B 241 0.54 17.58 26.21
N ASP B 242 0.39 16.50 26.98
CA ASP B 242 0.17 16.41 28.44
C ASP B 242 -1.22 16.85 28.88
N ALA B 243 -1.89 17.66 28.07
CA ALA B 243 -3.33 17.88 28.11
C ALA B 243 -3.92 18.05 26.72
N LEU B 244 -3.10 18.43 25.74
CA LEU B 244 -3.54 18.87 24.43
C LEU B 244 -3.44 17.79 23.38
N ALA B 245 -3.04 16.58 23.76
CA ALA B 245 -2.94 15.48 22.81
C ALA B 245 -4.31 15.06 22.31
N VAL B 246 -5.31 15.07 23.19
CA VAL B 246 -6.67 14.76 22.78
C VAL B 246 -7.22 15.85 21.86
N TYR B 247 -6.87 17.11 22.12
CA TYR B 247 -7.29 18.18 21.23
C TYR B 247 -6.49 18.18 19.93
N ARG B 248 -5.24 17.72 19.98
CA ARG B 248 -4.47 17.45 18.76
C ARG B 248 -5.17 16.42 17.89
N ASP B 249 -5.60 15.32 18.50
CA ASP B 249 -6.28 14.26 17.76
C ASP B 249 -7.63 14.74 17.22
N ILE B 250 -8.34 15.56 17.99
CA ILE B 250 -9.59 16.15 17.53
C ILE B 250 -9.37 17.08 16.34
N ILE B 251 -8.31 17.91 16.40
CA ILE B 251 -7.99 18.83 15.31
C ILE B 251 -7.66 18.07 14.04
N ILE B 252 -6.82 17.03 14.16
CA ILE B 252 -6.41 16.23 13.02
C ILE B 252 -7.60 15.48 12.41
N GLU B 253 -8.43 14.86 13.27
CA GLU B 253 -9.49 13.99 12.78
C GLU B 253 -10.68 14.78 12.23
N GLN B 254 -11.01 15.92 12.83
CA GLN B 254 -12.19 16.66 12.41
C GLN B 254 -11.89 17.77 11.41
N CYS B 255 -10.65 18.23 11.32
CA CYS B 255 -10.36 19.38 10.47
C CYS B 255 -9.33 19.11 9.40
N LEU B 256 -8.29 18.35 9.70
CA LEU B 256 -7.21 18.15 8.73
C LEU B 256 -7.48 16.98 7.79
N LEU B 257 -8.18 15.95 8.25
CA LEU B 257 -8.53 14.86 7.37
C LEU B 257 -9.56 15.31 6.34
N GLN B 258 -9.53 14.65 5.18
CA GLN B 258 -10.24 15.01 3.94
C GLN B 258 -9.84 16.39 3.41
N ASN B 259 -8.69 16.93 3.87
CA ASN B 259 -8.24 18.25 3.47
C ASN B 259 -6.72 18.33 3.27
N LEU B 260 -6.02 17.19 3.26
CA LEU B 260 -4.56 17.21 3.35
C LEU B 260 -3.90 17.71 2.06
N LEU B 261 -4.49 17.43 0.90
CA LEU B 261 -3.90 17.91 -0.35
C LEU B 261 -4.04 19.42 -0.49
N SER B 262 -5.17 19.97 -0.03
CA SER B 262 -5.35 21.42 -0.07
C SER B 262 -4.48 22.12 0.96
N MET B 263 -4.44 21.60 2.19
CA MET B 263 -3.70 22.26 3.25
C MET B 263 -2.20 22.11 3.09
N SER B 264 -1.74 21.01 2.50
CA SER B 264 -0.32 20.82 2.24
C SER B 264 0.20 21.75 1.16
N GLN B 265 -0.70 22.27 0.31
CA GLN B 265 -0.34 23.17 -0.77
C GLN B 265 -0.40 24.65 -0.38
N GLU B 266 -0.69 24.94 0.88
CA GLU B 266 -0.81 26.33 1.33
C GLU B 266 0.49 26.78 1.99
N LYS B 267 0.66 28.10 2.03
CA LYS B 267 1.90 28.70 2.55
C LYS B 267 2.08 28.42 4.04
N TYR B 268 1.01 28.48 4.81
CA TYR B 268 1.11 28.36 6.26
C TYR B 268 0.48 27.09 6.82
N ALA B 269 -0.53 26.53 6.16
CA ALA B 269 -1.14 25.29 6.62
C ALA B 269 -0.27 24.07 6.37
N SER B 270 0.74 24.20 5.50
CA SER B 270 1.68 23.10 5.28
C SER B 270 2.49 22.81 6.54
N HIS B 271 2.79 23.86 7.33
CA HIS B 271 3.42 23.67 8.63
C HIS B 271 2.53 22.85 9.56
N VAL B 272 1.22 23.11 9.52
CA VAL B 272 0.26 22.36 10.33
C VAL B 272 0.21 20.90 9.88
N VAL B 273 0.26 20.66 8.57
CA VAL B 273 0.25 19.28 8.07
C VAL B 273 1.55 18.57 8.45
N GLU B 274 2.67 19.28 8.47
CA GLU B 274 3.94 18.69 8.92
C GLU B 274 3.90 18.31 10.39
N VAL B 275 3.43 19.21 11.25
CA VAL B 275 3.43 18.88 12.68
C VAL B 275 2.40 17.80 12.98
N ALA B 276 1.32 17.74 12.19
CA ALA B 276 0.37 16.63 12.31
C ALA B 276 1.00 15.32 11.88
N PHE B 277 1.78 15.33 10.78
CA PHE B 277 2.50 14.10 10.40
C PHE B 277 3.60 13.76 11.41
N GLU B 278 4.11 14.75 12.14
CA GLU B 278 5.19 14.53 13.07
C GLU B 278 4.69 13.84 14.33
N CYS B 279 3.75 14.47 15.03
CA CYS B 279 3.41 13.98 16.37
C CYS B 279 1.96 13.54 16.51
N ALA B 280 1.36 12.98 15.46
CA ALA B 280 0.13 12.22 15.65
C ALA B 280 0.47 10.78 16.05
N PRO B 281 -0.42 10.11 16.78
CA PRO B 281 -0.27 8.67 16.98
C PRO B 281 -0.53 7.93 15.67
N TYR B 282 -0.13 6.64 15.68
CA TYR B 282 -0.17 5.78 14.49
C TYR B 282 -1.58 5.65 13.91
N ARG B 283 -2.60 5.76 14.77
CA ARG B 283 -4.00 5.73 14.37
C ARG B 283 -4.32 6.82 13.35
N LEU B 284 -3.90 8.05 13.60
CA LEU B 284 -4.18 9.13 12.67
C LEU B 284 -3.14 9.22 11.57
N VAL B 285 -1.90 8.79 11.86
CA VAL B 285 -0.85 8.74 10.84
C VAL B 285 -1.23 7.80 9.72
N ALA B 286 -1.86 6.65 10.05
CA ALA B 286 -2.29 5.70 9.03
C ALA B 286 -3.36 6.28 8.12
N GLU B 287 -4.33 6.99 8.70
CA GLU B 287 -5.38 7.59 7.89
C GLU B 287 -4.85 8.75 7.05
N MET B 288 -3.90 9.52 7.57
CA MET B 288 -3.27 10.57 6.78
C MET B 288 -2.47 9.99 5.62
N MET B 289 -1.71 8.90 5.87
CA MET B 289 -0.95 8.24 4.82
C MET B 289 -1.87 7.66 3.76
N ASN B 290 -2.98 7.06 4.17
CA ASN B 290 -3.91 6.50 3.18
C ASN B 290 -4.67 7.58 2.43
N GLU B 291 -4.89 8.74 3.06
CA GLU B 291 -5.49 9.87 2.35
C GLU B 291 -4.55 10.40 1.28
N ILE B 292 -3.25 10.48 1.58
CA ILE B 292 -2.29 10.91 0.57
C ILE B 292 -2.14 9.86 -0.52
N PHE B 293 -2.10 8.58 -0.14
CA PHE B 293 -1.70 7.53 -1.07
C PHE B 293 -2.84 7.04 -1.95
N GLU B 294 -4.08 7.00 -1.42
CA GLU B 294 -5.20 6.45 -2.17
C GLU B 294 -6.39 7.39 -2.27
N GLY B 295 -6.44 8.47 -1.48
CA GLY B 295 -7.64 9.28 -1.40
C GLY B 295 -7.88 10.14 -2.63
N TYR B 296 -6.84 10.79 -3.15
CA TYR B 296 -6.97 11.74 -4.24
C TYR B 296 -6.59 11.04 -5.54
N ILE B 297 -7.61 10.58 -6.25
CA ILE B 297 -7.44 9.80 -7.48
C ILE B 297 -7.62 10.74 -8.67
N PRO B 298 -6.71 10.74 -9.65
CA PRO B 298 -6.94 11.51 -10.88
C PRO B 298 -8.10 10.95 -11.68
N HIS B 299 -9.00 11.83 -12.11
CA HIS B 299 -10.25 11.44 -12.74
C HIS B 299 -10.11 10.83 -14.15
N PRO B 300 -9.18 11.23 -15.02
CA PRO B 300 -8.96 10.44 -16.24
C PRO B 300 -7.89 9.36 -16.14
N ASP B 301 -7.27 9.19 -14.95
CA ASP B 301 -6.12 8.34 -14.65
C ASP B 301 -4.83 8.76 -15.37
N THR B 302 -4.88 9.87 -16.12
CA THR B 302 -3.71 10.40 -16.80
C THR B 302 -3.07 11.55 -16.04
N ASN B 303 -3.82 12.17 -15.14
CA ASN B 303 -3.32 13.29 -14.35
C ASN B 303 -2.45 12.79 -13.20
N ARG B 304 -2.06 13.70 -12.33
CA ARG B 304 -1.21 13.41 -11.19
C ARG B 304 -2.07 13.10 -9.97
N ASP B 305 -1.55 12.26 -9.08
CA ASP B 305 -2.22 12.00 -7.82
C ASP B 305 -1.73 13.01 -6.78
N ALA B 306 -2.04 12.77 -5.51
CA ALA B 306 -1.67 13.71 -4.45
C ALA B 306 -0.17 13.77 -4.25
N LEU B 307 0.50 12.61 -4.25
CA LEU B 307 1.94 12.57 -3.99
C LEU B 307 2.75 13.18 -5.12
N ASP B 308 2.29 13.01 -6.37
CA ASP B 308 2.96 13.64 -7.50
C ASP B 308 2.85 15.16 -7.45
N ILE B 309 1.70 15.67 -7.01
CA ILE B 309 1.53 17.11 -6.84
C ILE B 309 2.42 17.62 -5.70
N LEU B 310 2.44 16.90 -4.57
CA LEU B 310 3.17 17.38 -3.40
C LEU B 310 4.68 17.28 -3.57
N LEU B 311 5.17 16.33 -4.37
CA LEU B 311 6.61 16.19 -4.58
C LEU B 311 7.22 17.39 -5.28
N PHE B 312 6.48 18.02 -6.18
CA PHE B 312 7.03 19.11 -6.97
C PHE B 312 6.46 20.46 -6.52
N HIS B 313 5.60 20.47 -5.52
CA HIS B 313 5.03 21.71 -5.02
C HIS B 313 6.03 22.42 -4.11
N GLN B 314 5.93 23.75 -4.06
CA GLN B 314 6.93 24.52 -3.32
C GLN B 314 6.75 24.41 -1.81
N TYR B 315 5.52 24.17 -1.34
CA TYR B 315 5.26 23.97 0.08
C TYR B 315 4.97 22.52 0.46
N GLY B 316 4.44 21.72 -0.47
CA GLY B 316 4.11 20.33 -0.15
C GLY B 316 5.31 19.40 -0.15
N ASN B 317 6.43 19.83 -0.71
CA ASN B 317 7.62 18.99 -0.71
C ASN B 317 8.17 18.79 0.70
N TYR B 318 8.03 19.82 1.54
CA TYR B 318 8.42 19.67 2.95
C TYR B 318 7.46 18.74 3.69
N VAL B 319 6.19 18.68 3.26
CA VAL B 319 5.26 17.69 3.80
C VAL B 319 5.69 16.28 3.41
N VAL B 320 6.20 16.12 2.18
CA VAL B 320 6.73 14.82 1.75
C VAL B 320 7.97 14.45 2.55
N GLN B 321 8.85 15.43 2.81
CA GLN B 321 10.02 15.21 3.65
C GLN B 321 9.63 14.82 5.07
N GLN B 322 8.55 15.41 5.58
CA GLN B 322 8.08 15.07 6.91
C GLN B 322 7.48 13.66 6.94
N MET B 323 6.80 13.25 5.85
CA MET B 323 6.33 11.86 5.77
C MET B 323 7.49 10.87 5.72
N ILE B 324 8.57 11.24 5.01
CA ILE B 324 9.78 10.42 4.97
C ILE B 324 10.38 10.29 6.37
N GLN B 325 10.49 11.42 7.09
CA GLN B 325 11.03 11.43 8.44
C GLN B 325 10.17 10.60 9.40
N THR B 326 8.84 10.73 9.27
CA THR B 326 7.90 10.00 10.11
C THR B 326 8.02 8.49 9.88
N CYS B 327 8.13 8.07 8.62
CA CYS B 327 8.24 6.64 8.35
C CYS B 327 9.60 6.07 8.79
N VAL B 328 10.67 6.86 8.62
CA VAL B 328 12.00 6.43 9.04
C VAL B 328 12.05 6.25 10.55
N LEU B 329 11.49 7.20 11.31
CA LEU B 329 11.47 7.05 12.76
C LEU B 329 10.46 6.00 13.21
N GLY B 330 9.39 5.77 12.43
CA GLY B 330 8.38 4.80 12.79
C GLY B 330 8.70 3.36 12.44
N GLN B 331 9.74 3.13 11.65
CA GLN B 331 10.24 1.76 11.48
C GLN B 331 10.74 1.17 12.80
N ASN B 332 11.23 2.01 13.71
CA ASN B 332 11.71 1.57 15.01
C ASN B 332 10.61 1.53 16.07
N ALA B 333 9.35 1.41 15.66
CA ALA B 333 8.26 1.30 16.61
C ALA B 333 8.27 -0.08 17.27
N ARG B 334 7.66 -0.15 18.45
CA ARG B 334 7.66 -1.40 19.22
C ARG B 334 6.71 -2.43 18.62
N ASP B 335 5.57 -1.99 18.10
CA ASP B 335 4.65 -2.90 17.42
C ASP B 335 5.23 -3.28 16.06
N GLN B 336 5.18 -4.58 15.74
CA GLN B 336 5.73 -5.07 14.49
C GLN B 336 4.85 -4.74 13.29
N LYS B 337 3.53 -4.75 13.48
CA LYS B 337 2.61 -4.37 12.42
C LYS B 337 2.77 -2.91 12.05
N GLN B 338 2.92 -2.04 13.06
CA GLN B 338 3.20 -0.62 12.82
C GLN B 338 4.52 -0.43 12.09
N SER B 339 5.55 -1.20 12.48
CA SER B 339 6.87 -1.07 11.87
C SER B 339 6.84 -1.48 10.40
N GLU B 340 6.17 -2.60 10.08
CA GLU B 340 6.09 -3.00 8.69
C GLU B 340 5.17 -2.08 7.88
N MET B 341 4.20 -1.43 8.54
CA MET B 341 3.35 -0.48 7.83
C MET B 341 4.09 0.81 7.50
N TYR B 342 4.91 1.31 8.44
CA TYR B 342 5.77 2.45 8.16
C TYR B 342 6.81 2.11 7.08
N GLY B 343 7.31 0.87 7.08
CA GLY B 343 8.20 0.44 6.03
C GLY B 343 7.54 0.42 4.66
N MET B 344 6.29 -0.04 4.60
CA MET B 344 5.53 -0.05 3.34
C MET B 344 5.29 1.38 2.82
N TRP B 345 4.94 2.29 3.72
CA TRP B 345 4.73 3.69 3.35
C TRP B 345 6.01 4.32 2.82
N LEU B 346 7.14 4.04 3.48
CA LEU B 346 8.42 4.56 3.01
C LEU B 346 8.81 3.95 1.67
N GLU B 347 8.46 2.68 1.42
CA GLU B 347 8.68 2.07 0.12
C GLU B 347 7.87 2.76 -0.98
N LYS B 348 6.62 3.11 -0.68
CA LYS B 348 5.78 3.83 -1.65
C LYS B 348 6.36 5.20 -1.99
N ILE B 349 6.77 5.95 -0.95
CA ILE B 349 7.36 7.28 -1.16
C ILE B 349 8.68 7.17 -1.92
N HIS B 350 9.51 6.19 -1.56
CA HIS B 350 10.81 6.01 -2.20
C HIS B 350 10.67 5.60 -3.66
N GLY B 351 9.70 4.74 -3.97
CA GLY B 351 9.45 4.38 -5.35
C GLY B 351 8.98 5.55 -6.18
N ARG B 352 8.10 6.40 -5.62
CA ARG B 352 7.64 7.56 -6.36
C ARG B 352 8.74 8.61 -6.54
N VAL B 353 9.65 8.73 -5.56
CA VAL B 353 10.77 9.65 -5.71
C VAL B 353 11.77 9.14 -6.75
N MET B 354 12.10 7.84 -6.70
CA MET B 354 13.04 7.27 -7.67
C MET B 354 12.45 7.23 -9.08
N ARG B 355 11.12 7.20 -9.22
CA ARG B 355 10.52 7.41 -10.54
C ARG B 355 10.80 8.81 -11.07
N ASN B 356 10.72 9.82 -10.20
CA ASN B 356 10.86 11.21 -10.59
C ASN B 356 12.21 11.80 -10.21
N ALA B 357 13.24 10.95 -10.04
CA ALA B 357 14.53 11.42 -9.56
C ALA B 357 15.21 12.35 -10.55
N HIS B 358 15.12 12.04 -11.84
CA HIS B 358 15.73 12.88 -12.87
C HIS B 358 15.07 14.24 -12.98
N ARG B 359 13.75 14.31 -12.73
CA ARG B 359 13.07 15.60 -12.70
C ARG B 359 13.33 16.34 -11.40
N LEU B 360 13.41 15.61 -10.27
CA LEU B 360 13.60 16.25 -8.98
C LEU B 360 15.04 16.76 -8.79
N GLU B 361 16.01 16.23 -9.54
CA GLU B 361 17.37 16.75 -9.48
C GLU B 361 17.53 18.16 -10.04
N ARG B 362 16.51 18.68 -10.73
CA ARG B 362 16.56 20.01 -11.32
C ARG B 362 16.05 21.09 -10.36
N PHE B 363 15.72 20.75 -9.11
CA PHE B 363 15.26 21.71 -8.12
C PHE B 363 16.01 21.47 -6.80
N SER B 364 16.08 22.53 -5.98
CA SER B 364 16.80 22.44 -4.71
C SER B 364 16.06 21.54 -3.72
N SER B 365 14.75 21.74 -3.59
CA SER B 365 13.94 20.92 -2.68
C SER B 365 13.86 19.47 -3.14
N GLY B 366 13.83 19.25 -4.46
CA GLY B 366 13.88 17.89 -4.97
C GLY B 366 15.21 17.22 -4.69
N LYS B 367 16.31 17.98 -4.76
CA LYS B 367 17.61 17.47 -4.34
C LYS B 367 17.61 17.10 -2.86
N LYS B 368 16.96 17.91 -2.03
CA LYS B 368 16.92 17.62 -0.60
C LYS B 368 16.08 16.38 -0.31
N ILE B 369 14.99 16.17 -1.06
CA ILE B 369 14.18 14.95 -0.92
C ILE B 369 15.00 13.72 -1.32
N ILE B 370 15.73 13.82 -2.44
CA ILE B 370 16.56 12.70 -2.92
C ILE B 370 17.66 12.40 -1.92
N GLU B 371 18.32 13.42 -1.37
CA GLU B 371 19.38 13.23 -0.37
C GLU B 371 18.84 12.62 0.93
N ALA B 372 17.64 13.04 1.35
CA ALA B 372 17.03 12.48 2.54
C ALA B 372 16.64 11.03 2.35
N LEU B 373 16.34 10.61 1.12
CA LEU B 373 16.17 9.18 0.89
C LEU B 373 17.46 8.43 0.61
N GLN B 374 18.53 9.14 0.21
CA GLN B 374 19.84 8.50 0.07
C GLN B 374 20.41 8.11 1.43
N SER B 375 20.38 9.04 2.39
CA SER B 375 21.03 8.79 3.68
C SER B 375 20.27 7.75 4.49
N MET B 376 18.95 7.77 4.45
CA MET B 376 18.14 6.80 5.17
C MET B 376 17.89 5.56 4.31
N ASN C 20 37.02 -18.71 -49.86
CA ASN C 20 37.40 -19.24 -48.55
C ASN C 20 37.67 -20.74 -48.63
N ASP C 21 36.88 -21.51 -47.90
CA ASP C 21 37.02 -22.96 -47.88
C ASP C 21 35.67 -23.56 -47.50
N ALA C 22 35.00 -24.19 -48.46
CA ALA C 22 33.66 -24.75 -48.24
C ALA C 22 33.77 -26.01 -47.39
N LEU C 23 33.41 -25.91 -46.11
CA LEU C 23 33.50 -27.05 -45.20
C LEU C 23 32.44 -28.09 -45.47
N VAL C 24 31.32 -27.71 -46.10
CA VAL C 24 30.26 -28.67 -46.42
C VAL C 24 30.74 -29.64 -47.51
N GLU C 25 31.53 -29.15 -48.46
CA GLU C 25 32.03 -30.02 -49.53
C GLU C 25 33.10 -30.98 -49.02
N PHE C 26 33.81 -30.63 -47.95
CA PHE C 26 34.88 -31.47 -47.43
C PHE C 26 34.43 -32.40 -46.31
N ALA C 27 33.38 -32.03 -45.57
CA ALA C 27 32.86 -32.91 -44.53
C ALA C 27 31.92 -33.97 -45.08
N THR C 28 31.50 -33.85 -46.34
CA THR C 28 30.75 -34.91 -47.02
C THR C 28 31.67 -35.89 -47.75
N ASP C 29 32.98 -35.69 -47.66
CA ASP C 29 33.98 -36.54 -48.30
C ASP C 29 34.92 -37.10 -47.24
N LYS C 30 35.36 -38.34 -47.44
CA LYS C 30 36.20 -39.02 -46.44
C LYS C 30 37.58 -38.38 -46.36
N ASN C 31 38.23 -38.16 -47.51
CA ASN C 31 39.59 -37.62 -47.51
C ASN C 31 39.62 -36.16 -47.09
N GLY C 32 38.63 -35.38 -47.53
CA GLY C 32 38.56 -33.98 -47.14
C GLY C 32 38.32 -33.79 -45.65
N CYS C 33 37.39 -34.56 -45.09
CA CYS C 33 37.15 -34.51 -43.65
C CYS C 33 38.33 -35.05 -42.86
N ARG C 34 39.04 -36.06 -43.40
CA ARG C 34 40.24 -36.56 -42.75
C ARG C 34 41.33 -35.50 -42.69
N PHE C 35 41.48 -34.73 -43.78
CA PHE C 35 42.41 -33.59 -43.76
C PHE C 35 41.94 -32.51 -42.80
N LEU C 36 40.62 -32.32 -42.68
CA LEU C 36 40.07 -31.36 -41.71
C LEU C 36 40.41 -31.75 -40.28
N GLN C 37 40.29 -33.04 -39.94
CA GLN C 37 40.66 -33.49 -38.60
C GLN C 37 42.16 -33.42 -38.38
N GLU C 38 42.95 -33.76 -39.40
CA GLU C 38 44.40 -33.74 -39.26
C GLU C 38 44.97 -32.35 -39.19
N HIS C 39 44.25 -31.34 -39.68
CA HIS C 39 44.78 -29.98 -39.73
C HIS C 39 43.91 -28.97 -38.97
N TYR C 40 43.05 -29.43 -38.06
CA TYR C 40 42.27 -28.52 -37.24
C TYR C 40 43.12 -28.02 -36.08
N PRO C 41 43.17 -26.72 -35.82
CA PRO C 41 44.02 -26.20 -34.74
C PRO C 41 43.51 -26.61 -33.36
N THR C 42 44.47 -26.86 -32.46
CA THR C 42 44.15 -27.22 -31.08
C THR C 42 44.01 -26.01 -30.17
N GLU C 43 44.35 -24.82 -30.65
CA GLU C 43 44.28 -23.61 -29.84
C GLU C 43 43.04 -22.82 -30.21
N ASN C 44 42.29 -22.38 -29.20
CA ASN C 44 41.04 -21.68 -29.44
C ASN C 44 41.24 -20.24 -29.92
N ASP C 45 42.43 -19.68 -29.73
CA ASP C 45 42.71 -18.32 -30.17
C ASP C 45 43.28 -18.25 -31.58
N ASN C 46 43.49 -19.39 -32.24
CA ASN C 46 43.94 -19.39 -33.63
C ASN C 46 42.80 -18.91 -34.53
N ASP C 47 43.15 -18.09 -35.52
CA ASP C 47 42.12 -17.47 -36.36
C ASP C 47 41.50 -18.47 -37.32
N VAL C 48 42.26 -19.47 -37.77
CA VAL C 48 41.71 -20.51 -38.62
C VAL C 48 40.74 -21.38 -37.84
N HIS C 49 41.06 -21.64 -36.56
CA HIS C 49 40.18 -22.37 -35.65
C HIS C 49 38.83 -21.65 -35.49
N GLN C 50 38.88 -20.35 -35.21
CA GLN C 50 37.67 -19.57 -35.01
C GLN C 50 36.88 -19.41 -36.30
N LYS C 51 37.57 -19.24 -37.43
CA LYS C 51 36.89 -19.12 -38.71
C LYS C 51 36.20 -20.42 -39.11
N LEU C 52 36.86 -21.57 -38.87
CA LEU C 52 36.23 -22.85 -39.16
C LEU C 52 35.05 -23.12 -38.23
N PHE C 53 35.17 -22.72 -36.95
CA PHE C 53 34.05 -22.88 -36.02
C PHE C 53 32.86 -22.02 -36.41
N ARG C 54 33.11 -20.76 -36.79
CA ARG C 54 32.02 -19.87 -37.19
C ARG C 54 31.41 -20.29 -38.53
N LYS C 55 32.20 -20.88 -39.42
CA LYS C 55 31.63 -21.46 -40.63
C LYS C 55 30.84 -22.72 -40.33
N LEU C 56 31.20 -23.45 -39.27
CA LEU C 56 30.46 -24.64 -38.89
C LEU C 56 29.10 -24.30 -38.29
N VAL C 57 29.05 -23.33 -37.38
CA VAL C 57 27.84 -23.09 -36.60
C VAL C 57 27.06 -21.86 -37.09
N GLU C 58 27.36 -21.37 -38.30
CA GLU C 58 26.62 -20.24 -38.84
C GLU C 58 25.17 -20.62 -39.15
N ASP C 59 24.98 -21.72 -39.87
CA ASP C 59 23.65 -22.23 -40.20
C ASP C 59 23.38 -23.45 -39.34
N ARG C 60 22.23 -23.45 -38.66
CA ARG C 60 21.89 -24.55 -37.75
C ARG C 60 21.57 -25.82 -38.53
N ALA C 61 20.92 -25.69 -39.68
CA ALA C 61 20.60 -26.85 -40.51
C ALA C 61 21.87 -27.51 -41.07
N ILE C 62 22.85 -26.69 -41.45
CA ILE C 62 24.13 -27.21 -41.94
C ILE C 62 24.87 -27.95 -40.83
N PHE C 63 24.87 -27.40 -39.61
CA PHE C 63 25.50 -28.06 -38.47
C PHE C 63 24.82 -29.37 -38.13
N LEU C 64 23.48 -29.39 -38.11
CA LEU C 64 22.75 -30.61 -37.79
C LEU C 64 22.89 -31.66 -38.90
N SER C 65 23.03 -31.23 -40.15
CA SER C 65 23.25 -32.18 -41.23
C SER C 65 24.68 -32.74 -41.22
N LEU C 66 25.65 -31.93 -40.80
CA LEU C 66 27.02 -32.44 -40.67
C LEU C 66 27.15 -33.37 -39.47
N CYS C 67 26.34 -33.15 -38.43
CA CYS C 67 26.26 -34.13 -37.36
C CYS C 67 25.66 -35.44 -37.86
N SER C 68 24.62 -35.35 -38.68
CA SER C 68 23.94 -36.53 -39.22
C SER C 68 24.53 -36.91 -40.59
N ASN C 69 25.84 -37.13 -40.59
CA ASN C 69 26.57 -37.42 -41.82
C ASN C 69 27.59 -38.52 -41.54
N MET C 70 27.87 -39.33 -42.57
CA MET C 70 28.77 -40.46 -42.41
C MET C 70 30.21 -40.03 -42.16
N PHE C 71 30.62 -38.89 -42.71
CA PHE C 71 31.97 -38.40 -42.54
C PHE C 71 32.07 -37.19 -41.62
N GLY C 72 31.15 -36.22 -41.74
CA GLY C 72 31.26 -34.95 -41.04
C GLY C 72 31.05 -35.04 -39.54
N ASN C 73 30.44 -36.13 -39.06
CA ASN C 73 30.26 -36.32 -37.62
C ASN C 73 31.59 -36.44 -36.90
N PHE C 74 32.61 -37.00 -37.54
CA PHE C 74 33.94 -37.04 -36.95
C PHE C 74 34.56 -35.64 -36.89
N PHE C 75 34.24 -34.78 -37.86
CA PHE C 75 34.69 -33.38 -37.80
C PHE C 75 34.04 -32.63 -36.66
N VAL C 76 32.73 -32.85 -36.44
CA VAL C 76 32.05 -32.25 -35.30
C VAL C 76 32.60 -32.81 -33.98
N GLN C 77 32.98 -34.10 -33.98
CA GLN C 77 33.67 -34.70 -32.84
C GLN C 77 35.01 -34.02 -32.55
N ARG C 78 35.77 -33.71 -33.61
CA ARG C 78 37.05 -33.04 -33.40
C ARG C 78 36.87 -31.60 -32.93
N VAL C 79 35.80 -30.95 -33.38
CA VAL C 79 35.46 -29.63 -32.85
C VAL C 79 35.11 -29.70 -31.37
N LEU C 80 34.33 -30.73 -30.98
CA LEU C 80 34.00 -30.95 -29.57
C LEU C 80 35.25 -31.30 -28.74
N GLU C 81 36.25 -31.93 -29.36
CA GLU C 81 37.44 -32.32 -28.62
C GLU C 81 38.31 -31.11 -28.25
N CYS C 82 38.33 -30.08 -29.10
CA CYS C 82 39.17 -28.91 -28.89
C CYS C 82 38.41 -27.72 -28.33
N SER C 83 37.17 -27.90 -27.92
CA SER C 83 36.31 -26.79 -27.56
C SER C 83 36.55 -26.34 -26.12
N ASN C 84 36.47 -25.02 -25.91
CA ASN C 84 36.40 -24.43 -24.59
C ASN C 84 34.95 -24.08 -24.28
N THR C 85 34.72 -23.43 -23.13
CA THR C 85 33.36 -23.22 -22.61
C THR C 85 32.53 -22.32 -23.51
N GLU C 86 33.17 -21.30 -24.10
CA GLU C 86 32.48 -20.39 -25.02
C GLU C 86 31.97 -21.11 -26.25
N GLU C 87 32.77 -22.00 -26.82
CA GLU C 87 32.32 -22.79 -27.97
C GLU C 87 31.32 -23.85 -27.54
N GLN C 88 31.51 -24.41 -26.34
CA GLN C 88 30.63 -25.47 -25.85
C GLN C 88 29.21 -24.96 -25.60
N GLU C 89 29.05 -23.70 -25.21
CA GLU C 89 27.70 -23.14 -25.06
C GLU C 89 26.96 -23.10 -26.39
N ILE C 90 27.64 -22.68 -27.46
CA ILE C 90 27.01 -22.61 -28.78
C ILE C 90 26.73 -24.01 -29.30
N LEU C 91 27.66 -24.94 -29.11
CA LEU C 91 27.46 -26.33 -29.55
C LEU C 91 26.31 -27.00 -28.80
N THR C 92 26.21 -26.74 -27.49
CA THR C 92 25.13 -27.30 -26.69
C THR C 92 23.78 -26.72 -27.09
N GLU C 93 23.73 -25.41 -27.37
CA GLU C 93 22.47 -24.80 -27.79
C GLU C 93 22.06 -25.25 -29.19
N HIS C 94 23.04 -25.54 -30.06
CA HIS C 94 22.69 -26.11 -31.36
C HIS C 94 22.17 -27.54 -31.23
N LEU C 95 22.84 -28.36 -30.41
CA LEU C 95 22.47 -29.77 -30.30
C LEU C 95 21.13 -29.96 -29.58
N ALA C 96 20.76 -29.03 -28.71
CA ALA C 96 19.54 -29.17 -27.93
C ALA C 96 18.28 -28.87 -28.74
N THR C 97 18.40 -28.26 -29.92
CA THR C 97 17.22 -27.91 -30.71
C THR C 97 16.53 -29.14 -31.27
N ASP C 98 17.30 -30.03 -31.89
CA ASP C 98 16.81 -31.33 -32.36
C ASP C 98 17.79 -32.37 -31.81
N LEU C 99 17.55 -32.80 -30.57
CA LEU C 99 18.46 -33.72 -29.89
C LEU C 99 18.03 -35.16 -30.02
N TYR C 100 16.73 -35.42 -29.95
CA TYR C 100 16.19 -36.77 -30.01
C TYR C 100 16.50 -37.45 -31.34
N ASN C 101 16.33 -36.70 -32.44
CA ASN C 101 16.56 -37.28 -33.76
C ASN C 101 18.05 -37.46 -34.04
N LEU C 102 18.91 -36.62 -33.46
CA LEU C 102 20.34 -36.85 -33.59
C LEU C 102 20.78 -38.03 -32.73
N CYS C 103 20.09 -38.29 -31.62
CA CYS C 103 20.37 -39.52 -30.87
C CYS C 103 19.89 -40.76 -31.62
N LEU C 104 18.80 -40.63 -32.39
CA LEU C 104 18.31 -41.79 -33.15
C LEU C 104 19.20 -42.15 -34.33
N ASP C 105 19.98 -41.20 -34.86
CA ASP C 105 20.82 -41.49 -36.01
C ASP C 105 22.05 -42.27 -35.59
N LYS C 106 22.57 -43.08 -36.53
CA LYS C 106 23.75 -43.88 -36.26
C LYS C 106 25.01 -43.03 -36.19
N SER C 107 25.08 -42.00 -37.04
CA SER C 107 26.29 -41.19 -37.13
C SER C 107 26.32 -40.04 -36.13
N ALA C 108 25.17 -39.48 -35.78
CA ALA C 108 25.12 -38.32 -34.91
C ALA C 108 25.08 -38.68 -33.43
N CYS C 109 24.68 -39.91 -33.08
CA CYS C 109 24.68 -40.32 -31.68
C CYS C 109 26.10 -40.44 -31.12
N ARG C 110 27.08 -40.69 -32.00
CA ARG C 110 28.48 -40.63 -31.59
C ARG C 110 28.89 -39.21 -31.20
N VAL C 111 28.40 -38.22 -31.95
CA VAL C 111 28.62 -36.82 -31.59
C VAL C 111 27.96 -36.50 -30.25
N ILE C 112 26.75 -37.00 -30.04
CA ILE C 112 26.04 -36.76 -28.77
C ILE C 112 26.79 -37.43 -27.60
N GLN C 113 27.31 -38.64 -27.81
CA GLN C 113 28.05 -39.33 -26.76
C GLN C 113 29.37 -38.62 -26.43
N LEU C 114 30.08 -38.14 -27.46
CA LEU C 114 31.29 -37.38 -27.18
C LEU C 114 30.97 -36.02 -26.56
N ALA C 115 29.77 -35.48 -26.84
CA ALA C 115 29.33 -34.28 -26.14
C ALA C 115 29.07 -34.56 -24.65
N ILE C 116 28.42 -35.68 -24.34
CA ILE C 116 28.15 -36.04 -22.95
C ILE C 116 29.46 -36.28 -22.19
N GLN C 117 30.46 -36.85 -22.87
CA GLN C 117 31.76 -37.01 -22.22
C GLN C 117 32.52 -35.70 -22.11
N LYS C 118 32.45 -34.84 -23.14
CA LYS C 118 33.43 -33.77 -23.33
C LYS C 118 32.95 -32.39 -22.90
N LEU C 119 31.65 -32.15 -22.80
CA LEU C 119 31.17 -30.84 -22.38
C LEU C 119 31.43 -30.61 -20.88
N ASP C 120 31.18 -29.39 -20.45
CA ASP C 120 31.09 -29.12 -19.01
C ASP C 120 29.86 -29.82 -18.45
N VAL C 121 29.91 -30.11 -17.14
CA VAL C 121 28.91 -30.97 -16.53
C VAL C 121 27.52 -30.34 -16.52
N HIS C 122 27.44 -29.00 -16.41
CA HIS C 122 26.14 -28.34 -16.46
C HIS C 122 25.57 -28.31 -17.88
N LEU C 123 26.43 -28.23 -18.89
CA LEU C 123 25.97 -28.28 -20.28
C LEU C 123 25.46 -29.66 -20.66
N ALA C 124 26.18 -30.71 -20.24
CA ALA C 124 25.70 -32.06 -20.47
C ALA C 124 24.48 -32.39 -19.62
N THR C 125 24.35 -31.75 -18.45
CA THR C 125 23.13 -31.86 -17.66
C THR C 125 21.95 -31.22 -18.40
N ARG C 126 22.19 -30.08 -19.06
CA ARG C 126 21.16 -29.44 -19.88
C ARG C 126 20.75 -30.33 -21.05
N LEU C 127 21.72 -30.96 -21.71
CA LEU C 127 21.43 -31.91 -22.78
C LEU C 127 20.65 -33.12 -22.27
N SER C 128 21.03 -33.64 -21.10
CA SER C 128 20.34 -34.79 -20.52
C SER C 128 18.90 -34.45 -20.15
N LEU C 129 18.68 -33.28 -19.55
CA LEU C 129 17.34 -32.86 -19.17
C LEU C 129 16.50 -32.40 -20.35
N GLU C 130 17.11 -32.18 -21.54
CA GLU C 130 16.33 -31.99 -22.75
C GLU C 130 15.50 -33.22 -23.10
N LEU C 131 15.99 -34.41 -22.75
CA LEU C 131 15.31 -35.67 -23.05
C LEU C 131 14.32 -36.09 -21.96
N ARG C 132 13.85 -35.14 -21.15
CA ARG C 132 13.04 -35.49 -19.98
C ARG C 132 11.64 -35.95 -20.37
N ASP C 133 10.98 -35.24 -21.28
CA ASP C 133 9.61 -35.54 -21.65
C ASP C 133 9.50 -36.02 -23.11
N THR C 134 10.55 -36.69 -23.60
CA THR C 134 10.52 -37.28 -24.93
C THR C 134 10.04 -38.73 -24.81
N HIS C 135 10.10 -39.46 -25.92
CA HIS C 135 9.69 -40.87 -25.96
C HIS C 135 10.91 -41.71 -25.62
N LEU C 136 11.12 -41.95 -24.32
CA LEU C 136 12.33 -42.61 -23.86
C LEU C 136 12.32 -44.11 -24.09
N VAL C 137 11.15 -44.71 -24.31
CA VAL C 137 11.09 -46.13 -24.68
C VAL C 137 11.72 -46.35 -26.05
N ARG C 138 11.33 -45.54 -27.04
CA ARG C 138 11.87 -45.67 -28.39
C ARG C 138 13.33 -45.27 -28.46
N LEU C 139 13.78 -44.37 -27.57
CA LEU C 139 15.18 -44.00 -27.51
C LEU C 139 16.02 -45.07 -26.83
N SER C 140 15.45 -45.77 -25.84
CA SER C 140 16.19 -46.81 -25.14
C SER C 140 16.35 -48.06 -26.01
N ILE C 141 15.28 -48.45 -26.72
CA ILE C 141 15.31 -49.67 -27.51
C ILE C 141 15.90 -49.46 -28.89
N ASP C 142 16.34 -48.24 -29.22
CA ASP C 142 16.96 -47.98 -30.50
C ASP C 142 18.34 -48.62 -30.57
N GLN C 143 18.81 -48.87 -31.80
CA GLN C 143 20.14 -49.39 -32.03
C GLN C 143 21.22 -48.38 -31.66
N ASN C 144 20.89 -47.10 -31.54
CA ASN C 144 21.86 -46.03 -31.37
C ASN C 144 21.65 -45.18 -30.14
N GLY C 145 20.40 -44.93 -29.73
CA GLY C 145 20.15 -44.12 -28.55
C GLY C 145 20.49 -44.81 -27.25
N ASN C 146 20.64 -46.14 -27.27
CA ASN C 146 21.05 -46.90 -26.10
C ASN C 146 22.45 -46.49 -25.64
N HIS C 147 23.34 -46.22 -26.60
CA HIS C 147 24.69 -45.74 -26.28
C HIS C 147 24.64 -44.38 -25.61
N VAL C 148 23.76 -43.50 -26.09
CA VAL C 148 23.62 -42.15 -25.53
C VAL C 148 23.10 -42.22 -24.10
N ILE C 149 22.06 -43.04 -23.87
CA ILE C 149 21.48 -43.15 -22.53
C ILE C 149 22.46 -43.82 -21.56
N GLN C 150 23.18 -44.84 -22.04
CA GLN C 150 24.22 -45.47 -21.22
C GLN C 150 25.35 -44.50 -20.88
N LYS C 151 25.72 -43.65 -21.84
CA LYS C 151 26.79 -42.67 -21.61
C LYS C 151 26.34 -41.63 -20.60
N ILE C 152 25.07 -41.20 -20.67
CA ILE C 152 24.53 -40.25 -19.70
C ILE C 152 24.48 -40.86 -18.30
N VAL C 153 24.06 -42.13 -18.20
CA VAL C 153 23.97 -42.78 -16.90
C VAL C 153 25.35 -43.02 -16.30
N LYS C 154 26.29 -43.55 -17.10
CA LYS C 154 27.61 -43.90 -16.60
C LYS C 154 28.58 -42.74 -16.58
N THR C 155 28.19 -41.56 -17.06
CA THR C 155 29.07 -40.40 -17.09
C THR C 155 28.60 -39.27 -16.19
N LEU C 156 27.33 -38.89 -16.27
CA LEU C 156 26.81 -37.72 -15.57
C LEU C 156 26.43 -38.07 -14.14
N PRO C 157 26.34 -37.06 -13.26
CA PRO C 157 25.85 -37.30 -11.89
C PRO C 157 24.37 -37.71 -11.86
N VAL C 158 23.94 -38.05 -10.64
CA VAL C 158 22.66 -38.72 -10.42
C VAL C 158 21.49 -37.83 -10.78
N SER C 159 21.56 -36.55 -10.42
CA SER C 159 20.47 -35.61 -10.67
C SER C 159 20.32 -35.27 -12.14
N SER C 160 21.30 -35.61 -12.99
CA SER C 160 21.18 -35.35 -14.42
C SER C 160 20.18 -36.29 -15.08
N TRP C 161 19.95 -37.49 -14.52
CA TRP C 161 19.12 -38.49 -15.16
C TRP C 161 18.18 -39.17 -14.16
N THR C 162 17.67 -38.41 -13.18
CA THR C 162 16.67 -38.93 -12.25
C THR C 162 15.34 -39.20 -12.95
N PHE C 163 15.08 -38.51 -14.08
CA PHE C 163 13.89 -38.78 -14.88
C PHE C 163 13.89 -40.19 -15.46
N LEU C 164 15.07 -40.79 -15.65
CA LEU C 164 15.14 -42.17 -16.09
C LEU C 164 14.68 -43.13 -15.00
N VAL C 165 15.03 -42.83 -13.75
CA VAL C 165 14.56 -43.62 -12.61
C VAL C 165 13.05 -43.45 -12.44
N ASP C 166 12.55 -42.22 -12.58
CA ASP C 166 11.12 -41.98 -12.47
C ASP C 166 10.35 -42.58 -13.65
N PHE C 167 10.98 -42.67 -14.81
CA PHE C 167 10.34 -43.20 -16.01
C PHE C 167 10.22 -44.72 -15.96
N PHE C 168 11.26 -45.39 -15.49
CA PHE C 168 11.29 -46.85 -15.42
C PHE C 168 10.58 -47.39 -14.18
N ALA C 169 10.06 -46.51 -13.31
CA ALA C 169 9.22 -46.95 -12.21
C ALA C 169 7.86 -47.43 -12.68
N ASP C 170 7.40 -46.98 -13.84
CA ASP C 170 6.20 -47.54 -14.44
C ASP C 170 6.48 -48.94 -14.94
N ASP C 171 5.50 -49.83 -14.76
CA ASP C 171 5.72 -51.25 -15.08
C ASP C 171 5.78 -51.48 -16.59
N ASP C 172 4.92 -50.81 -17.35
CA ASP C 172 4.86 -51.00 -18.80
C ASP C 172 6.16 -50.55 -19.46
N ASN C 173 6.68 -49.39 -19.04
CA ASN C 173 7.92 -48.86 -19.60
C ASN C 173 9.10 -49.76 -19.28
N LEU C 174 9.19 -50.23 -18.03
CA LEU C 174 10.30 -51.07 -17.61
C LEU C 174 10.26 -52.43 -18.30
N ILE C 175 9.06 -53.00 -18.45
CA ILE C 175 8.91 -54.27 -19.17
C ILE C 175 9.27 -54.11 -20.64
N HIS C 176 8.82 -53.01 -21.28
CA HIS C 176 9.10 -52.83 -22.70
C HIS C 176 10.56 -52.51 -22.98
N VAL C 177 11.27 -51.90 -22.03
CA VAL C 177 12.68 -51.61 -22.24
C VAL C 177 13.55 -52.82 -21.89
N CYS C 178 13.20 -53.54 -20.80
CA CYS C 178 13.97 -54.73 -20.40
C CYS C 178 13.88 -55.83 -21.45
N GLN C 179 12.70 -56.02 -22.05
CA GLN C 179 12.51 -57.06 -23.07
C GLN C 179 12.90 -56.52 -24.44
N ASP C 180 14.20 -56.24 -24.59
CA ASP C 180 14.73 -55.70 -25.83
C ASP C 180 16.22 -56.01 -25.90
N LYS C 181 16.73 -56.16 -27.13
CA LYS C 181 18.13 -56.47 -27.37
C LYS C 181 19.06 -55.38 -26.85
N TYR C 182 18.62 -54.13 -26.89
CA TYR C 182 19.44 -52.98 -26.50
C TYR C 182 19.01 -52.33 -25.20
N GLY C 183 17.71 -52.25 -24.93
CA GLY C 183 17.23 -51.58 -23.72
C GLY C 183 17.51 -52.35 -22.44
N CYS C 184 17.71 -53.66 -22.54
CA CYS C 184 18.12 -54.46 -21.39
C CYS C 184 19.48 -54.00 -20.88
N ARG C 185 20.40 -53.70 -21.80
CA ARG C 185 21.72 -53.18 -21.42
C ARG C 185 21.61 -51.78 -20.81
N VAL C 186 20.60 -50.99 -21.24
CA VAL C 186 20.33 -49.69 -20.62
C VAL C 186 19.89 -49.87 -19.16
N ILE C 187 19.00 -50.83 -18.92
CA ILE C 187 18.55 -51.13 -17.55
C ILE C 187 19.71 -51.63 -16.68
N GLN C 188 20.56 -52.48 -17.26
CA GLN C 188 21.72 -52.99 -16.52
C GLN C 188 22.72 -51.89 -16.20
N SER C 189 22.94 -50.97 -17.14
CA SER C 189 23.83 -49.83 -16.88
C SER C 189 23.28 -48.93 -15.78
N THR C 190 21.96 -48.69 -15.79
CA THR C 190 21.33 -47.88 -14.75
C THR C 190 21.44 -48.56 -13.38
N VAL C 191 21.19 -49.87 -13.33
CA VAL C 191 21.28 -50.63 -12.08
C VAL C 191 22.71 -50.64 -11.55
N GLU C 192 23.68 -50.89 -12.44
CA GLU C 192 25.07 -50.98 -12.04
C GLU C 192 25.63 -49.62 -11.61
N THR C 193 25.16 -48.53 -12.21
CA THR C 193 25.58 -47.22 -11.76
C THR C 193 24.94 -46.87 -10.41
N LEU C 194 23.66 -47.21 -10.22
CA LEU C 194 23.01 -46.90 -8.95
C LEU C 194 23.47 -47.81 -7.81
N SER C 195 24.12 -48.93 -8.11
CA SER C 195 24.56 -49.85 -7.06
C SER C 195 26.05 -49.72 -6.71
N THR C 196 26.88 -49.21 -7.62
CA THR C 196 28.32 -49.24 -7.40
C THR C 196 28.75 -48.20 -6.37
N ASP C 197 29.57 -48.63 -5.41
CA ASP C 197 30.29 -47.85 -4.40
C ASP C 197 29.38 -47.24 -3.33
N GLN C 198 29.91 -47.11 -2.13
CA GLN C 198 29.16 -46.54 -1.01
C GLN C 198 30.10 -45.80 -0.06
N GLN C 201 29.94 -42.56 0.35
CA GLN C 201 28.71 -41.84 0.66
C GLN C 201 28.38 -41.91 2.15
N CYS C 202 27.56 -40.98 2.61
CA CYS C 202 27.13 -40.93 4.01
C CYS C 202 25.63 -41.09 4.20
N TYR C 203 24.82 -40.78 3.18
CA TYR C 203 23.38 -40.89 3.25
C TYR C 203 22.90 -41.74 2.08
N GLN C 204 21.63 -42.14 2.14
CA GLN C 204 21.05 -43.02 1.14
C GLN C 204 20.22 -42.19 0.17
N HIS C 205 20.76 -41.96 -1.01
CA HIS C 205 20.02 -41.33 -2.11
C HIS C 205 20.07 -42.17 -3.38
N ARG C 206 21.23 -42.75 -3.69
CA ARG C 206 21.31 -43.71 -4.80
C ARG C 206 20.59 -45.01 -4.45
N VAL C 207 20.58 -45.36 -3.17
CA VAL C 207 19.93 -46.59 -2.72
C VAL C 207 18.42 -46.49 -2.86
N ILE C 208 17.85 -45.33 -2.53
CA ILE C 208 16.40 -45.14 -2.63
C ILE C 208 15.95 -45.11 -4.09
N LEU C 209 16.73 -44.47 -4.96
CA LEU C 209 16.42 -44.47 -6.39
C LEU C 209 16.56 -45.86 -6.99
N LEU C 210 17.58 -46.61 -6.56
CA LEU C 210 17.73 -48.00 -7.01
C LEU C 210 16.60 -48.89 -6.50
N ARG C 211 16.11 -48.63 -5.28
CA ARG C 211 14.99 -49.41 -4.74
C ARG C 211 13.70 -49.09 -5.46
N SER C 212 13.51 -47.83 -5.86
CA SER C 212 12.34 -47.48 -6.68
C SER C 212 12.45 -48.06 -8.08
N LEU C 213 13.68 -48.20 -8.60
CA LEU C 213 13.88 -48.86 -9.88
C LEU C 213 13.59 -50.36 -9.79
N MET C 214 14.07 -51.01 -8.74
CA MET C 214 13.88 -52.45 -8.54
C MET C 214 12.56 -52.76 -7.84
N ALA C 215 11.48 -52.18 -8.35
CA ALA C 215 10.13 -52.51 -7.91
C ALA C 215 9.33 -53.20 -8.99
N GLY C 216 9.38 -52.69 -10.22
CA GLY C 216 8.82 -53.42 -11.35
C GLY C 216 9.66 -54.60 -11.77
N VAL C 217 10.95 -54.61 -11.41
CA VAL C 217 11.76 -55.81 -11.58
C VAL C 217 11.24 -56.91 -10.65
N THR C 218 10.89 -56.55 -9.42
CA THR C 218 10.37 -57.52 -8.46
C THR C 218 8.95 -57.97 -8.81
N ARG C 219 8.07 -57.01 -9.13
CA ARG C 219 6.66 -57.32 -9.34
C ARG C 219 6.41 -58.09 -10.63
N ASN C 220 7.31 -57.99 -11.61
CA ASN C 220 7.16 -58.73 -12.86
C ASN C 220 8.39 -59.58 -13.11
N CYS C 221 8.85 -60.30 -12.08
CA CYS C 221 10.12 -61.01 -12.16
C CYS C 221 10.03 -62.25 -13.05
N THR C 222 8.88 -62.93 -13.03
CA THR C 222 8.72 -64.16 -13.81
C THR C 222 8.72 -63.87 -15.30
N GLN C 223 8.08 -62.79 -15.73
CA GLN C 223 8.04 -62.42 -17.14
C GLN C 223 9.40 -61.95 -17.64
N LEU C 224 10.17 -61.26 -16.79
CA LEU C 224 11.50 -60.80 -17.20
C LEU C 224 12.50 -61.95 -17.23
N ALA C 225 12.41 -62.87 -16.25
CA ALA C 225 13.36 -63.98 -16.18
C ALA C 225 13.14 -64.99 -17.29
N SER C 226 11.89 -65.18 -17.72
CA SER C 226 11.61 -66.08 -18.83
C SER C 226 12.00 -65.49 -20.17
N ASN C 227 12.17 -64.17 -20.25
CA ASN C 227 12.37 -63.46 -21.51
C ASN C 227 13.81 -63.66 -22.01
N GLU C 228 13.99 -63.50 -23.32
CA GLU C 228 15.29 -63.69 -23.97
C GLU C 228 16.34 -62.71 -23.46
N PHE C 229 15.95 -61.45 -23.23
CA PHE C 229 16.91 -60.40 -22.91
C PHE C 229 16.85 -59.90 -21.49
N ALA C 230 15.66 -59.85 -20.87
CA ALA C 230 15.53 -59.37 -19.49
C ALA C 230 15.98 -60.39 -18.47
N ASN C 231 16.23 -61.64 -18.90
CA ASN C 231 16.83 -62.63 -18.00
C ASN C 231 18.20 -62.18 -17.53
N TYR C 232 18.97 -61.54 -18.43
CA TYR C 232 20.26 -60.98 -18.06
C TYR C 232 20.11 -59.85 -17.05
N VAL C 233 19.01 -59.09 -17.11
CA VAL C 233 18.72 -58.08 -16.09
C VAL C 233 18.48 -58.75 -14.73
N VAL C 234 17.73 -59.87 -14.72
CA VAL C 234 17.51 -60.58 -13.46
C VAL C 234 18.81 -61.19 -12.93
N GLN C 235 19.67 -61.67 -13.82
CA GLN C 235 21.01 -62.14 -13.42
C GLN C 235 21.83 -61.01 -12.83
N HIS C 236 21.79 -59.83 -13.45
CA HIS C 236 22.59 -58.70 -13.00
C HIS C 236 22.12 -58.20 -11.65
N VAL C 237 20.82 -58.26 -11.37
CA VAL C 237 20.33 -58.00 -10.02
C VAL C 237 20.82 -59.07 -9.05
N ILE C 238 20.78 -60.34 -9.47
CA ILE C 238 21.24 -61.42 -8.60
C ILE C 238 22.76 -61.38 -8.45
N LYS C 239 23.48 -61.41 -9.57
CA LYS C 239 24.94 -61.38 -9.51
C LYS C 239 25.46 -59.98 -9.22
N ASP C 242 27.77 -58.04 -3.35
CA ASP C 242 27.87 -56.95 -2.40
C ASP C 242 26.59 -56.12 -2.37
N ALA C 243 26.55 -55.06 -3.16
CA ALA C 243 25.36 -54.24 -3.26
C ALA C 243 24.26 -54.97 -4.02
N LEU C 244 23.01 -54.56 -3.75
CA LEU C 244 21.78 -55.13 -4.31
C LEU C 244 21.63 -56.63 -4.01
N ALA C 245 22.26 -57.11 -2.95
CA ALA C 245 22.08 -58.49 -2.52
C ALA C 245 20.74 -58.71 -1.85
N VAL C 246 20.18 -57.65 -1.26
CA VAL C 246 18.84 -57.73 -0.69
C VAL C 246 17.80 -57.96 -1.78
N TYR C 247 18.00 -57.36 -2.95
CA TYR C 247 17.11 -57.61 -4.09
C TYR C 247 17.28 -59.01 -4.65
N ARG C 248 18.52 -59.54 -4.60
CA ARG C 248 18.77 -60.93 -4.98
C ARG C 248 18.00 -61.90 -4.09
N ASP C 249 18.08 -61.68 -2.77
CA ASP C 249 17.34 -62.53 -1.83
C ASP C 249 15.83 -62.36 -1.98
N ILE C 250 15.37 -61.14 -2.30
CA ILE C 250 13.95 -60.90 -2.52
C ILE C 250 13.46 -61.64 -3.77
N ILE C 251 14.25 -61.61 -4.85
CA ILE C 251 13.88 -62.32 -6.09
C ILE C 251 13.81 -63.83 -5.85
N ILE C 252 14.83 -64.37 -5.16
CA ILE C 252 14.90 -65.80 -4.89
C ILE C 252 13.76 -66.25 -3.97
N GLU C 253 13.46 -65.46 -2.93
CA GLU C 253 12.37 -65.82 -2.03
C GLU C 253 11.00 -65.71 -2.68
N GLN C 254 10.79 -64.67 -3.49
CA GLN C 254 9.44 -64.35 -3.91
C GLN C 254 9.04 -65.02 -5.22
N CYS C 255 9.83 -64.85 -6.30
CA CYS C 255 9.36 -65.26 -7.61
C CYS C 255 10.27 -66.32 -8.24
N LEU C 256 10.93 -67.12 -7.42
CA LEU C 256 11.85 -68.14 -7.93
C LEU C 256 11.77 -69.48 -7.21
N LEU C 257 11.12 -69.56 -6.05
CA LEU C 257 11.31 -70.68 -5.13
C LEU C 257 10.09 -71.62 -5.07
N GLN C 258 9.11 -71.45 -5.95
CA GLN C 258 8.08 -72.46 -6.13
C GLN C 258 7.88 -72.85 -7.57
N ASN C 259 8.64 -72.28 -8.50
CA ASN C 259 8.62 -72.64 -9.91
C ASN C 259 10.03 -72.93 -10.38
N LEU C 260 10.83 -73.54 -9.51
CA LEU C 260 12.25 -73.73 -9.78
C LEU C 260 12.49 -74.77 -10.86
N LEU C 261 11.72 -75.86 -10.85
CA LEU C 261 11.85 -76.88 -11.90
C LEU C 261 11.31 -76.37 -13.22
N SER C 262 10.19 -75.64 -13.19
CA SER C 262 9.61 -75.06 -14.40
C SER C 262 10.54 -74.03 -15.03
N MET C 263 11.16 -73.19 -14.20
CA MET C 263 12.14 -72.24 -14.71
C MET C 263 13.43 -72.93 -15.15
N SER C 264 13.76 -74.07 -14.52
CA SER C 264 14.95 -74.79 -14.91
C SER C 264 14.78 -75.49 -16.25
N GLN C 265 13.55 -75.84 -16.61
CA GLN C 265 13.32 -76.42 -17.93
C GLN C 265 13.25 -75.40 -19.05
N GLU C 266 13.06 -74.12 -18.73
CA GLU C 266 12.96 -73.11 -19.77
C GLU C 266 14.33 -72.79 -20.37
N LYS C 267 14.29 -72.20 -21.56
CA LYS C 267 15.53 -71.84 -22.26
C LYS C 267 16.25 -70.69 -21.57
N TYR C 268 15.49 -69.73 -21.04
CA TYR C 268 16.06 -68.47 -20.57
C TYR C 268 16.00 -68.29 -19.07
N ALA C 269 14.97 -68.79 -18.39
CA ALA C 269 14.94 -68.72 -16.94
C ALA C 269 15.90 -69.69 -16.26
N SER C 270 16.43 -70.67 -17.02
CA SER C 270 17.39 -71.62 -16.47
C SER C 270 18.68 -70.92 -16.06
N HIS C 271 19.10 -69.90 -16.81
CA HIS C 271 20.28 -69.12 -16.44
C HIS C 271 20.05 -68.32 -15.16
N VAL C 272 18.82 -67.83 -14.97
CA VAL C 272 18.43 -67.19 -13.71
C VAL C 272 18.52 -68.18 -12.57
N VAL C 273 18.13 -69.44 -12.81
CA VAL C 273 18.26 -70.48 -11.79
C VAL C 273 19.74 -70.80 -11.52
N GLU C 274 20.58 -70.77 -12.56
CA GLU C 274 22.03 -70.96 -12.39
C GLU C 274 22.63 -69.88 -11.50
N VAL C 275 22.33 -68.62 -11.80
CA VAL C 275 22.90 -67.53 -11.01
C VAL C 275 22.25 -67.46 -9.63
N ALA C 276 21.04 -68.02 -9.47
CA ALA C 276 20.45 -68.14 -8.14
C ALA C 276 21.18 -69.17 -7.30
N PHE C 277 21.45 -70.35 -7.88
CA PHE C 277 22.20 -71.38 -7.16
C PHE C 277 23.63 -70.97 -6.90
N GLU C 278 24.22 -70.16 -7.77
CA GLU C 278 25.63 -69.80 -7.65
C GLU C 278 25.87 -68.79 -6.54
N CYS C 279 25.01 -67.79 -6.41
CA CYS C 279 25.33 -66.60 -5.63
C CYS C 279 24.40 -66.37 -4.44
N ALA C 280 23.68 -67.40 -4.00
CA ALA C 280 22.77 -67.17 -2.87
C ALA C 280 23.45 -67.53 -1.56
N PRO C 281 22.99 -66.94 -0.44
CA PRO C 281 23.42 -67.44 0.87
C PRO C 281 22.82 -68.80 1.16
N TYR C 282 23.36 -69.44 2.21
CA TYR C 282 23.02 -70.82 2.53
C TYR C 282 21.56 -70.98 2.95
N ARG C 283 20.96 -69.93 3.53
CA ARG C 283 19.57 -69.97 3.93
C ARG C 283 18.62 -70.08 2.74
N LEU C 284 19.04 -69.66 1.55
CA LEU C 284 18.24 -69.80 0.34
C LEU C 284 18.71 -70.93 -0.57
N VAL C 285 20.02 -71.21 -0.56
CA VAL C 285 20.55 -72.40 -1.22
C VAL C 285 19.92 -73.66 -0.63
N ALA C 286 19.71 -73.67 0.69
CA ALA C 286 19.07 -74.80 1.35
C ALA C 286 17.65 -75.02 0.87
N GLU C 287 16.87 -73.94 0.71
CA GLU C 287 15.50 -74.10 0.26
C GLU C 287 15.42 -74.47 -1.22
N MET C 288 16.34 -73.95 -2.05
CA MET C 288 16.38 -74.36 -3.45
C MET C 288 16.75 -75.83 -3.60
N MET C 289 17.75 -76.29 -2.85
CA MET C 289 18.17 -77.69 -2.88
C MET C 289 17.05 -78.60 -2.36
N ASN C 290 16.37 -78.20 -1.29
CA ASN C 290 15.28 -78.99 -0.76
C ASN C 290 14.08 -78.99 -1.69
N GLU C 291 13.90 -77.94 -2.49
CA GLU C 291 12.83 -77.94 -3.48
C GLU C 291 13.15 -78.88 -4.64
N ILE C 292 14.40 -78.89 -5.09
CA ILE C 292 14.79 -79.82 -6.16
C ILE C 292 14.71 -81.28 -5.68
N PHE C 293 15.12 -81.53 -4.43
CA PHE C 293 15.22 -82.91 -3.96
C PHE C 293 13.90 -83.47 -3.42
N GLU C 294 13.15 -82.66 -2.67
CA GLU C 294 11.99 -83.16 -1.93
C GLU C 294 10.70 -82.44 -2.29
N GLY C 295 10.70 -81.58 -3.30
CA GLY C 295 9.58 -80.67 -3.50
C GLY C 295 8.58 -81.06 -4.58
N TYR C 296 9.06 -81.50 -5.74
CA TYR C 296 8.19 -81.78 -6.88
C TYR C 296 7.67 -83.21 -6.78
N ILE C 297 6.35 -83.36 -6.80
CA ILE C 297 5.73 -84.69 -6.82
C ILE C 297 5.98 -85.35 -8.17
N PRO C 298 6.37 -86.62 -8.21
CA PRO C 298 6.52 -87.31 -9.50
C PRO C 298 5.19 -87.49 -10.20
N HIS C 299 5.23 -87.42 -11.52
CA HIS C 299 4.03 -87.62 -12.33
C HIS C 299 3.66 -89.11 -12.30
N PRO C 300 2.35 -89.44 -12.30
CA PRO C 300 1.94 -90.85 -12.26
C PRO C 300 2.39 -91.68 -13.48
N ASP C 301 2.44 -91.07 -14.66
CA ASP C 301 2.86 -91.77 -15.86
C ASP C 301 4.37 -91.72 -16.08
N THR C 302 5.11 -91.03 -15.22
CA THR C 302 6.53 -90.79 -15.42
C THR C 302 7.39 -91.36 -14.31
N ASN C 303 7.04 -91.10 -13.04
CA ASN C 303 7.80 -91.50 -11.84
C ASN C 303 9.25 -91.04 -11.90
N ARG C 304 9.44 -89.76 -12.21
CA ARG C 304 10.75 -89.13 -12.20
C ARG C 304 10.74 -87.94 -11.26
N ASP C 305 11.86 -87.74 -10.56
CA ASP C 305 12.02 -86.58 -9.69
C ASP C 305 12.24 -85.33 -10.51
N ALA C 306 12.33 -84.19 -9.82
CA ALA C 306 12.82 -82.97 -10.46
C ALA C 306 14.27 -83.15 -10.91
N LEU C 307 15.07 -83.85 -10.08
CA LEU C 307 16.45 -84.15 -10.44
C LEU C 307 16.53 -85.04 -11.67
N ASP C 308 15.67 -86.05 -11.76
CA ASP C 308 15.66 -86.96 -12.90
C ASP C 308 15.30 -86.24 -14.20
N ILE C 309 14.38 -85.28 -14.12
CA ILE C 309 14.04 -84.47 -15.28
C ILE C 309 15.22 -83.57 -15.66
N LEU C 310 15.86 -82.96 -14.66
CA LEU C 310 16.89 -81.97 -14.96
C LEU C 310 18.22 -82.58 -15.41
N LEU C 311 18.53 -83.82 -15.04
CA LEU C 311 19.79 -84.42 -15.48
C LEU C 311 19.81 -84.64 -16.99
N PHE C 312 18.68 -85.04 -17.56
CA PHE C 312 18.58 -85.36 -18.97
C PHE C 312 18.06 -84.20 -19.81
N HIS C 313 17.67 -83.10 -19.18
CA HIS C 313 17.15 -81.94 -19.89
C HIS C 313 18.29 -81.19 -20.56
N GLN C 314 17.98 -80.48 -21.64
CA GLN C 314 18.98 -79.67 -22.31
C GLN C 314 19.38 -78.46 -21.47
N TYR C 315 18.42 -77.83 -20.80
CA TYR C 315 18.68 -76.61 -20.04
C TYR C 315 18.83 -76.84 -18.55
N GLY C 316 18.17 -77.86 -17.99
CA GLY C 316 18.36 -78.19 -16.58
C GLY C 316 19.67 -78.86 -16.26
N ASN C 317 20.37 -79.35 -17.29
CA ASN C 317 21.71 -79.91 -17.14
C ASN C 317 22.67 -78.89 -16.55
N TYR C 318 22.59 -77.64 -17.01
CA TYR C 318 23.47 -76.61 -16.48
C TYR C 318 23.08 -76.20 -15.07
N VAL C 319 21.78 -76.32 -14.73
CA VAL C 319 21.33 -76.12 -13.36
C VAL C 319 21.94 -77.17 -12.44
N VAL C 320 21.95 -78.44 -12.88
CA VAL C 320 22.54 -79.52 -12.08
C VAL C 320 24.06 -79.33 -11.96
N GLN C 321 24.71 -78.88 -13.03
CA GLN C 321 26.16 -78.63 -12.97
C GLN C 321 26.49 -77.46 -12.04
N GLN C 322 25.65 -76.43 -12.02
CA GLN C 322 25.83 -75.35 -11.05
C GLN C 322 25.59 -75.83 -9.63
N MET C 323 24.64 -76.75 -9.44
CA MET C 323 24.45 -77.38 -8.13
C MET C 323 25.68 -78.17 -7.70
N ILE C 324 26.31 -78.89 -8.65
CA ILE C 324 27.55 -79.62 -8.37
C ILE C 324 28.67 -78.67 -7.94
N GLN C 325 28.84 -77.57 -8.68
CA GLN C 325 29.88 -76.60 -8.35
C GLN C 325 29.62 -75.93 -7.00
N THR C 326 28.36 -75.59 -6.74
CA THR C 326 27.98 -74.96 -5.46
C THR C 326 28.22 -75.91 -4.29
N CYS C 327 27.89 -77.19 -4.45
CA CYS C 327 28.07 -78.13 -3.35
C CYS C 327 29.55 -78.45 -3.12
N VAL C 328 30.34 -78.51 -4.18
CA VAL C 328 31.78 -78.72 -4.03
C VAL C 328 32.43 -77.55 -3.32
N LEU C 329 32.10 -76.31 -3.73
CA LEU C 329 32.70 -75.15 -3.09
C LEU C 329 32.08 -74.83 -1.73
N GLY C 330 30.92 -75.40 -1.41
CA GLY C 330 30.35 -75.24 -0.09
C GLY C 330 30.82 -76.33 0.86
N GLN C 331 31.33 -77.42 0.29
CA GLN C 331 32.00 -78.43 1.11
C GLN C 331 33.29 -77.88 1.68
N ASN C 332 34.00 -77.05 0.92
CA ASN C 332 35.22 -76.41 1.38
C ASN C 332 34.93 -75.01 1.93
N ALA C 333 34.14 -74.98 2.99
CA ALA C 333 33.80 -73.74 3.68
C ALA C 333 34.38 -73.77 5.10
N ARG C 334 34.55 -72.57 5.66
CA ARG C 334 35.05 -72.46 7.04
C ARG C 334 34.06 -73.04 8.03
N ASP C 335 32.77 -72.76 7.86
CA ASP C 335 31.74 -73.42 8.65
C ASP C 335 31.57 -74.84 8.13
N GLN C 336 31.75 -75.83 9.00
CA GLN C 336 31.69 -77.22 8.61
C GLN C 336 30.36 -77.88 8.94
N LYS C 337 29.53 -77.25 9.78
CA LYS C 337 28.16 -77.72 9.94
C LYS C 337 27.35 -77.51 8.66
N GLN C 338 27.64 -76.42 7.93
CA GLN C 338 27.05 -76.23 6.62
C GLN C 338 27.66 -77.15 5.58
N SER C 339 28.96 -77.45 5.72
CA SER C 339 29.66 -78.31 4.77
C SER C 339 29.13 -79.74 4.78
N GLU C 340 28.61 -80.19 5.93
CA GLU C 340 27.94 -81.48 5.98
C GLU C 340 26.69 -81.50 5.12
N MET C 341 25.93 -80.39 5.13
CA MET C 341 24.72 -80.31 4.31
C MET C 341 25.06 -80.19 2.83
N TYR C 342 26.15 -79.46 2.51
CA TYR C 342 26.63 -79.40 1.13
C TYR C 342 27.08 -80.77 0.64
N GLY C 343 27.77 -81.53 1.51
CA GLY C 343 28.13 -82.90 1.17
C GLY C 343 26.94 -83.81 1.01
N MET C 344 25.87 -83.59 1.79
CA MET C 344 24.64 -84.35 1.64
C MET C 344 24.00 -84.12 0.27
N TRP C 345 23.92 -82.84 -0.13
CA TRP C 345 23.35 -82.49 -1.44
C TRP C 345 24.20 -83.07 -2.58
N LEU C 346 25.53 -82.98 -2.43
CA LEU C 346 26.44 -83.53 -3.43
C LEU C 346 26.33 -85.05 -3.49
N GLU C 347 26.11 -85.71 -2.35
CA GLU C 347 25.89 -87.16 -2.32
C GLU C 347 24.61 -87.52 -3.06
N LYS C 348 23.54 -86.74 -2.88
CA LYS C 348 22.27 -87.03 -3.54
C LYS C 348 22.41 -86.93 -5.06
N ILE C 349 23.03 -85.83 -5.54
CA ILE C 349 23.21 -85.67 -6.99
C ILE C 349 24.18 -86.73 -7.54
N HIS C 350 25.27 -86.99 -6.82
CA HIS C 350 26.30 -87.90 -7.31
C HIS C 350 25.83 -89.34 -7.33
N GLY C 351 25.05 -89.75 -6.33
CA GLY C 351 24.45 -91.08 -6.34
C GLY C 351 23.42 -91.24 -7.43
N ARG C 352 22.62 -90.19 -7.69
CA ARG C 352 21.66 -90.27 -8.78
C ARG C 352 22.35 -90.34 -10.14
N VAL C 353 23.49 -89.66 -10.29
CA VAL C 353 24.28 -89.78 -11.51
C VAL C 353 24.89 -91.18 -11.64
N MET C 354 25.42 -91.72 -10.53
CA MET C 354 26.04 -93.05 -10.57
C MET C 354 25.02 -94.15 -10.87
N ARG C 355 23.78 -93.99 -10.42
CA ARG C 355 22.75 -94.97 -10.76
C ARG C 355 22.38 -94.89 -12.24
N ASN C 356 22.35 -93.68 -12.80
CA ASN C 356 21.91 -93.46 -14.17
C ASN C 356 23.07 -93.17 -15.12
N ALA C 357 24.29 -93.61 -14.78
CA ALA C 357 25.45 -93.29 -15.59
C ALA C 357 25.44 -94.02 -16.93
N HIS C 358 24.82 -95.21 -16.99
CA HIS C 358 24.71 -95.92 -18.26
C HIS C 358 23.76 -95.22 -19.21
N ARG C 359 22.77 -94.50 -18.68
CA ARG C 359 21.82 -93.75 -19.49
C ARG C 359 22.31 -92.34 -19.80
N LEU C 360 23.10 -91.74 -18.91
CA LEU C 360 23.60 -90.39 -19.14
C LEU C 360 24.71 -90.34 -20.18
N GLU C 361 25.34 -91.48 -20.48
CA GLU C 361 26.29 -91.53 -21.59
C GLU C 361 25.59 -91.57 -22.94
N ARG C 362 24.32 -91.96 -22.99
CA ARG C 362 23.58 -91.96 -24.24
C ARG C 362 23.29 -90.52 -24.69
N PHE C 363 22.81 -89.69 -23.77
CA PHE C 363 22.64 -88.28 -24.06
C PHE C 363 23.99 -87.59 -24.11
N SER C 364 24.12 -86.60 -25.00
CA SER C 364 25.38 -85.89 -25.16
C SER C 364 25.68 -85.00 -23.96
N SER C 365 24.67 -84.36 -23.40
CA SER C 365 24.88 -83.44 -22.28
C SER C 365 25.09 -84.15 -20.96
N GLY C 366 24.66 -85.41 -20.82
CA GLY C 366 24.91 -86.14 -19.59
C GLY C 366 26.36 -86.56 -19.42
N LYS C 367 27.08 -86.70 -20.52
CA LYS C 367 28.52 -86.96 -20.43
C LYS C 367 29.27 -85.79 -19.80
N LYS C 368 28.75 -84.58 -19.98
CA LYS C 368 29.33 -83.40 -19.34
C LYS C 368 29.19 -83.47 -17.82
N ILE C 369 28.04 -83.93 -17.31
CA ILE C 369 27.91 -84.05 -15.86
C ILE C 369 28.61 -85.29 -15.32
N ILE C 370 28.85 -86.30 -16.14
CA ILE C 370 29.69 -87.41 -15.69
C ILE C 370 31.15 -86.95 -15.59
N GLU C 371 31.62 -86.20 -16.60
CA GLU C 371 32.99 -85.69 -16.58
C GLU C 371 33.19 -84.62 -15.52
N ALA C 372 32.14 -83.89 -15.17
CA ALA C 372 32.22 -82.90 -14.09
C ALA C 372 32.30 -83.56 -12.71
N LEU C 373 31.98 -84.84 -12.60
CA LEU C 373 32.08 -85.54 -11.34
C LEU C 373 33.32 -86.42 -11.31
N VAL D 17 -75.62 -9.39 63.37
CA VAL D 17 -75.72 -10.28 64.52
C VAL D 17 -76.44 -11.56 64.15
N LEU D 18 -75.70 -12.50 63.57
CA LEU D 18 -76.20 -13.79 63.07
C LEU D 18 -77.31 -13.58 62.05
N ALA D 19 -76.92 -12.99 60.92
CA ALA D 19 -77.85 -12.54 59.89
C ALA D 19 -78.15 -13.61 58.85
N ASN D 20 -78.09 -14.89 59.23
CA ASN D 20 -78.44 -16.00 58.35
C ASN D 20 -79.93 -16.24 58.26
N ASP D 21 -80.76 -15.36 58.84
CA ASP D 21 -82.21 -15.51 58.77
C ASP D 21 -82.72 -15.30 57.35
N ALA D 22 -82.14 -14.35 56.60
CA ALA D 22 -82.51 -14.15 55.21
C ALA D 22 -81.36 -14.47 54.26
N LEU D 23 -80.21 -13.81 54.40
CA LEU D 23 -79.07 -13.98 53.50
C LEU D 23 -77.81 -13.37 54.10
N GLU D 25 -77.05 -11.47 49.97
CA GLU D 25 -77.65 -10.17 49.74
C GLU D 25 -76.86 -9.06 50.43
N PHE D 26 -76.30 -9.38 51.60
CA PHE D 26 -75.47 -8.40 52.31
C PHE D 26 -74.12 -8.23 51.62
N ALA D 27 -73.64 -9.25 50.92
CA ALA D 27 -72.38 -9.15 50.21
C ALA D 27 -72.48 -8.34 48.92
N THR D 28 -73.70 -8.12 48.42
CA THR D 28 -73.90 -7.33 47.21
C THR D 28 -74.01 -5.84 47.48
N ASP D 29 -73.98 -5.43 48.75
CA ASP D 29 -73.97 -4.03 49.15
C ASP D 29 -72.63 -3.74 49.83
N LYS D 30 -72.10 -2.53 49.60
CA LYS D 30 -70.78 -2.18 50.09
C LYS D 30 -70.72 -2.13 51.62
N ASN D 31 -71.78 -1.63 52.26
CA ASN D 31 -71.81 -1.55 53.72
C ASN D 31 -71.92 -2.93 54.35
N GLY D 32 -72.81 -3.78 53.83
CA GLY D 32 -72.97 -5.12 54.38
C GLY D 32 -71.78 -6.01 54.13
N CYS D 33 -71.18 -5.91 52.94
CA CYS D 33 -69.97 -6.69 52.66
C CYS D 33 -68.77 -6.17 53.44
N ARG D 34 -68.72 -4.86 53.72
CA ARG D 34 -67.69 -4.33 54.60
C ARG D 34 -67.86 -4.86 56.03
N PHE D 35 -69.10 -4.94 56.50
CA PHE D 35 -69.36 -5.50 57.83
C PHE D 35 -69.05 -6.99 57.88
N LEU D 36 -69.29 -7.71 56.79
CA LEU D 36 -68.92 -9.12 56.73
C LEU D 36 -67.42 -9.32 56.69
N GLN D 37 -66.69 -8.46 55.95
CA GLN D 37 -65.25 -8.57 55.85
C GLN D 37 -64.55 -8.10 57.13
N GLU D 38 -65.19 -7.25 57.93
CA GLU D 38 -64.59 -6.84 59.20
C GLU D 38 -64.76 -7.92 60.27
N HIS D 39 -65.99 -8.34 60.52
CA HIS D 39 -66.31 -9.25 61.62
C HIS D 39 -66.42 -10.71 61.18
N TYR D 40 -65.63 -11.12 60.19
CA TYR D 40 -65.60 -12.52 59.81
C TYR D 40 -64.87 -13.32 60.88
N PRO D 41 -65.35 -14.54 61.18
CA PRO D 41 -64.69 -15.35 62.22
C PRO D 41 -63.33 -15.87 61.77
N THR D 42 -62.37 -15.84 62.68
CA THR D 42 -60.99 -16.22 62.40
C THR D 42 -60.68 -17.67 62.77
N GLU D 43 -61.67 -18.42 63.26
CA GLU D 43 -61.48 -19.80 63.66
C GLU D 43 -62.33 -20.72 62.80
N ASN D 44 -61.75 -21.85 62.40
CA ASN D 44 -62.47 -22.83 61.59
C ASN D 44 -63.27 -23.82 62.43
N ASP D 45 -62.93 -24.00 63.71
CA ASP D 45 -63.74 -24.77 64.62
C ASP D 45 -64.98 -24.02 65.09
N ASN D 46 -65.06 -22.72 64.79
CA ASN D 46 -66.25 -21.93 65.08
C ASN D 46 -67.41 -22.40 64.22
N ASP D 47 -68.61 -22.42 64.83
CA ASP D 47 -69.79 -22.92 64.13
C ASP D 47 -70.31 -21.92 63.10
N VAL D 48 -70.24 -20.62 63.42
CA VAL D 48 -70.82 -19.60 62.54
C VAL D 48 -69.97 -19.43 61.27
N HIS D 49 -68.65 -19.63 61.36
CA HIS D 49 -67.80 -19.60 60.18
C HIS D 49 -68.12 -20.75 59.24
N GLN D 50 -68.33 -21.96 59.80
CA GLN D 50 -68.70 -23.11 58.98
C GLN D 50 -70.08 -22.93 58.36
N LYS D 51 -71.02 -22.33 59.12
CA LYS D 51 -72.36 -22.08 58.60
C LYS D 51 -72.35 -21.06 57.48
N LEU D 52 -71.58 -19.97 57.63
CA LEU D 52 -71.50 -18.97 56.58
C LEU D 52 -70.73 -19.47 55.37
N PHE D 53 -69.71 -20.31 55.58
CA PHE D 53 -69.03 -20.95 54.45
C PHE D 53 -69.96 -21.87 53.69
N ARG D 54 -70.79 -22.64 54.42
CA ARG D 54 -71.77 -23.52 53.79
C ARG D 54 -72.83 -22.72 53.05
N LYS D 55 -73.20 -21.55 53.57
CA LYS D 55 -74.09 -20.67 52.82
C LYS D 55 -73.40 -20.11 51.57
N LEU D 56 -72.08 -19.90 51.64
CA LEU D 56 -71.35 -19.35 50.51
C LEU D 56 -71.22 -20.34 49.37
N VAL D 57 -70.87 -21.59 49.67
CA VAL D 57 -70.43 -22.52 48.64
C VAL D 57 -71.47 -23.57 48.28
N GLU D 58 -72.66 -23.53 48.86
CA GLU D 58 -73.69 -24.52 48.52
C GLU D 58 -74.20 -24.33 47.10
N ASP D 59 -74.57 -23.10 46.74
CA ASP D 59 -75.00 -22.79 45.39
C ASP D 59 -73.80 -22.32 44.59
N ARG D 60 -73.48 -23.05 43.53
CA ARG D 60 -72.30 -22.76 42.73
C ARG D 60 -72.47 -21.46 41.95
N ALA D 61 -73.68 -21.23 41.41
CA ALA D 61 -73.94 -20.02 40.64
C ALA D 61 -73.92 -18.77 41.52
N ILE D 62 -74.46 -18.87 42.75
CA ILE D 62 -74.44 -17.74 43.67
C ILE D 62 -73.02 -17.43 44.12
N PHE D 63 -72.19 -18.46 44.34
CA PHE D 63 -70.80 -18.25 44.70
C PHE D 63 -70.01 -17.61 43.56
N LEU D 64 -70.22 -18.07 42.33
CA LEU D 64 -69.50 -17.48 41.20
C LEU D 64 -70.01 -16.09 40.86
N SER D 65 -71.28 -15.79 41.19
CA SER D 65 -71.76 -14.42 41.02
C SER D 65 -71.21 -13.49 42.11
N LEU D 66 -71.02 -14.01 43.33
CA LEU D 66 -70.37 -13.23 44.37
C LEU D 66 -68.90 -12.98 44.06
N CYS D 67 -68.24 -13.94 43.41
CA CYS D 67 -66.90 -13.70 42.90
C CYS D 67 -66.91 -12.67 41.79
N SER D 68 -67.92 -12.72 40.91
CA SER D 68 -68.03 -11.81 39.79
C SER D 68 -68.76 -10.52 40.13
N ASN D 69 -68.96 -10.23 41.41
CA ASN D 69 -69.59 -9.00 41.86
C ASN D 69 -68.52 -8.01 42.29
N MET D 70 -68.83 -6.72 42.13
CA MET D 70 -67.89 -5.67 42.49
C MET D 70 -67.68 -5.54 44.00
N PHE D 71 -68.56 -6.12 44.81
CA PHE D 71 -68.48 -6.03 46.26
C PHE D 71 -68.12 -7.35 46.91
N GLY D 72 -68.82 -8.43 46.58
CA GLY D 72 -68.68 -9.72 47.26
C GLY D 72 -67.35 -10.42 47.07
N ASN D 73 -66.55 -9.96 46.10
CA ASN D 73 -65.19 -10.49 45.92
C ASN D 73 -64.31 -10.23 47.13
N PHE D 74 -64.58 -9.14 47.87
CA PHE D 74 -63.89 -8.88 49.13
C PHE D 74 -64.25 -9.93 50.18
N PHE D 75 -65.51 -10.37 50.21
CA PHE D 75 -65.90 -11.40 51.16
C PHE D 75 -65.30 -12.76 50.79
N VAL D 76 -65.25 -13.07 49.49
CA VAL D 76 -64.59 -14.31 49.05
C VAL D 76 -63.10 -14.25 49.34
N GLN D 77 -62.50 -13.06 49.22
CA GLN D 77 -61.10 -12.85 49.57
C GLN D 77 -60.86 -13.04 51.07
N ARG D 78 -61.80 -12.57 51.90
CA ARG D 78 -61.67 -12.75 53.34
C ARG D 78 -61.81 -14.23 53.74
N VAL D 79 -62.71 -14.95 53.07
CA VAL D 79 -62.82 -16.40 53.30
C VAL D 79 -61.56 -17.12 52.85
N LEU D 80 -60.98 -16.70 51.71
CA LEU D 80 -59.73 -17.29 51.23
C LEU D 80 -58.55 -16.95 52.13
N GLU D 81 -58.62 -15.84 52.86
CA GLU D 81 -57.54 -15.48 53.78
C GLU D 81 -57.49 -16.44 54.97
N CYS D 82 -58.64 -16.73 55.56
CA CYS D 82 -58.75 -17.67 56.68
C CYS D 82 -59.53 -18.91 56.21
N SER D 83 -58.79 -19.87 55.65
CA SER D 83 -59.38 -21.08 55.09
C SER D 83 -58.53 -22.29 55.44
N ASN D 84 -59.18 -23.36 55.88
CA ASN D 84 -58.50 -24.63 56.07
C ASN D 84 -58.38 -25.36 54.72
N THR D 85 -57.77 -26.54 54.74
CA THR D 85 -57.45 -27.22 53.49
C THR D 85 -58.69 -27.82 52.80
N GLU D 86 -59.68 -28.28 53.57
CA GLU D 86 -60.89 -28.83 52.97
C GLU D 86 -61.75 -27.72 52.36
N GLU D 87 -61.83 -26.57 53.04
CA GLU D 87 -62.45 -25.39 52.47
C GLU D 87 -61.74 -24.96 51.19
N GLN D 88 -60.42 -25.07 51.18
CA GLN D 88 -59.64 -24.77 49.97
C GLN D 88 -59.94 -25.76 48.85
N GLU D 89 -60.18 -27.03 49.18
CA GLU D 89 -60.59 -28.01 48.17
C GLU D 89 -61.92 -27.64 47.54
N ILE D 90 -62.89 -27.25 48.39
CA ILE D 90 -64.23 -26.89 47.90
C ILE D 90 -64.16 -25.64 47.03
N LEU D 91 -63.41 -24.63 47.49
CA LEU D 91 -63.25 -23.39 46.72
C LEU D 91 -62.47 -23.62 45.44
N THR D 92 -61.49 -24.54 45.45
CA THR D 92 -60.73 -24.87 44.24
C THR D 92 -61.61 -25.51 43.19
N GLU D 93 -62.49 -26.44 43.60
CA GLU D 93 -63.41 -27.05 42.64
C GLU D 93 -64.41 -26.03 42.09
N HIS D 94 -64.98 -25.19 42.97
CA HIS D 94 -65.96 -24.19 42.54
C HIS D 94 -65.35 -23.14 41.62
N LEU D 95 -64.10 -22.75 41.88
CA LEU D 95 -63.44 -21.80 40.98
C LEU D 95 -63.02 -22.47 39.68
N ALA D 96 -62.58 -23.75 39.74
CA ALA D 96 -62.14 -24.46 38.55
C ALA D 96 -63.29 -24.83 37.61
N THR D 97 -64.53 -24.75 38.08
CA THR D 97 -65.66 -24.95 37.16
C THR D 97 -65.71 -23.87 36.07
N ASP D 98 -65.50 -22.61 36.43
CA ASP D 98 -65.60 -21.48 35.49
C ASP D 98 -64.42 -20.54 35.68
N LEU D 99 -63.21 -21.09 35.62
CA LEU D 99 -62.00 -20.34 35.96
C LEU D 99 -61.68 -19.25 34.93
N TYR D 100 -61.84 -19.56 33.64
CA TYR D 100 -61.39 -18.65 32.58
C TYR D 100 -62.20 -17.36 32.55
N ASN D 101 -63.54 -17.48 32.66
CA ASN D 101 -64.38 -16.30 32.70
C ASN D 101 -64.23 -15.54 34.01
N LEU D 102 -63.86 -16.24 35.09
CA LEU D 102 -63.53 -15.56 36.33
C LEU D 102 -62.23 -14.78 36.21
N CYS D 103 -61.27 -15.28 35.43
CA CYS D 103 -60.03 -14.57 35.20
C CYS D 103 -60.22 -13.36 34.29
N LEU D 104 -61.12 -13.48 33.31
CA LEU D 104 -61.36 -12.35 32.40
C LEU D 104 -62.08 -11.20 33.11
N ASP D 105 -62.94 -11.50 34.07
CA ASP D 105 -63.69 -10.45 34.77
C ASP D 105 -62.79 -9.68 35.72
N LYS D 106 -63.07 -8.38 35.84
CA LYS D 106 -62.32 -7.53 36.76
C LYS D 106 -62.62 -7.85 38.21
N SER D 107 -63.84 -8.33 38.49
CA SER D 107 -64.25 -8.57 39.87
C SER D 107 -63.60 -9.81 40.45
N ALA D 108 -63.50 -10.89 39.66
CA ALA D 108 -63.07 -12.17 40.18
C ALA D 108 -61.59 -12.47 39.95
N CYS D 109 -60.89 -11.67 39.13
CA CYS D 109 -59.47 -11.91 38.88
C CYS D 109 -58.62 -11.63 40.11
N ARG D 110 -59.05 -10.70 40.97
CA ARG D 110 -58.39 -10.49 42.25
C ARG D 110 -58.56 -11.71 43.16
N VAL D 111 -59.75 -12.33 43.12
CA VAL D 111 -60.00 -13.55 43.89
C VAL D 111 -59.11 -14.69 43.38
N ILE D 112 -58.96 -14.79 42.07
CA ILE D 112 -58.10 -15.83 41.49
C ILE D 112 -56.63 -15.59 41.84
N GLN D 113 -56.19 -14.33 41.84
CA GLN D 113 -54.81 -14.01 42.22
C GLN D 113 -54.54 -14.32 43.69
N LEU D 114 -55.50 -13.99 44.56
CA LEU D 114 -55.33 -14.32 45.98
C LEU D 114 -55.42 -15.82 46.22
N ALA D 115 -56.18 -16.54 45.38
CA ALA D 115 -56.22 -18.00 45.46
C ALA D 115 -54.87 -18.61 45.06
N ILE D 116 -54.23 -18.06 44.01
CA ILE D 116 -52.90 -18.51 43.63
C ILE D 116 -51.90 -18.21 44.74
N GLN D 117 -52.07 -17.08 45.43
CA GLN D 117 -51.20 -16.75 46.55
C GLN D 117 -51.43 -17.67 47.76
N LYS D 118 -52.69 -18.03 48.04
CA LYS D 118 -53.07 -18.48 49.38
C LYS D 118 -53.52 -19.93 49.47
N LEU D 119 -53.75 -20.63 48.36
CA LEU D 119 -54.14 -22.04 48.46
C LEU D 119 -52.92 -22.90 48.77
N ASP D 120 -53.15 -24.20 48.91
CA ASP D 120 -52.05 -25.15 48.93
C ASP D 120 -51.44 -25.27 47.53
N VAL D 121 -50.23 -25.83 47.48
CA VAL D 121 -49.47 -25.85 46.23
C VAL D 121 -50.10 -26.76 45.19
N HIS D 122 -50.70 -27.88 45.62
CA HIS D 122 -51.35 -28.78 44.66
C HIS D 122 -52.70 -28.24 44.18
N LEU D 123 -53.43 -27.53 45.04
CA LEU D 123 -54.70 -26.92 44.62
C LEU D 123 -54.47 -25.77 43.65
N ALA D 124 -53.48 -24.92 43.95
CA ALA D 124 -53.13 -23.85 43.02
C ALA D 124 -52.49 -24.39 41.75
N THR D 125 -51.80 -25.53 41.83
CA THR D 125 -51.31 -26.20 40.64
C THR D 125 -52.46 -26.72 39.78
N ARG D 126 -53.51 -27.24 40.43
CA ARG D 126 -54.71 -27.69 39.72
C ARG D 126 -55.40 -26.53 39.02
N LEU D 127 -55.51 -25.38 39.71
CA LEU D 127 -56.07 -24.19 39.07
C LEU D 127 -55.19 -23.68 37.93
N SER D 128 -53.86 -23.73 38.09
CA SER D 128 -52.97 -23.29 37.01
C SER D 128 -53.07 -24.20 35.79
N LEU D 129 -53.17 -25.51 36.00
CA LEU D 129 -53.30 -26.46 34.91
C LEU D 129 -54.70 -26.51 34.33
N GLU D 130 -55.70 -25.91 35.00
CA GLU D 130 -57.00 -25.73 34.37
C GLU D 130 -56.97 -24.77 33.18
N LEU D 131 -55.98 -23.89 33.12
CA LEU D 131 -55.86 -22.90 32.06
C LEU D 131 -55.10 -23.42 30.84
N ARG D 132 -54.69 -24.68 30.83
CA ARG D 132 -53.84 -25.19 29.75
C ARG D 132 -54.60 -25.30 28.43
N ASP D 133 -55.84 -25.78 28.47
CA ASP D 133 -56.62 -25.96 27.25
C ASP D 133 -57.25 -24.67 26.76
N THR D 134 -57.23 -23.60 27.55
CA THR D 134 -57.99 -22.40 27.25
C THR D 134 -57.28 -21.56 26.18
N HIS D 135 -57.95 -20.47 25.80
CA HIS D 135 -57.42 -19.53 24.82
C HIS D 135 -56.48 -18.58 25.55
N LEU D 136 -55.19 -18.90 25.53
CA LEU D 136 -54.22 -18.20 26.37
C LEU D 136 -53.84 -16.82 25.84
N VAL D 137 -54.04 -16.55 24.54
CA VAL D 137 -53.66 -15.25 23.99
C VAL D 137 -54.57 -14.15 24.51
N ARG D 138 -55.89 -14.38 24.48
CA ARG D 138 -56.84 -13.39 24.98
C ARG D 138 -56.76 -13.25 26.50
N LEU D 139 -56.33 -14.30 27.19
CA LEU D 139 -56.11 -14.20 28.63
C LEU D 139 -54.85 -13.41 28.95
N SER D 140 -53.82 -13.54 28.12
CA SER D 140 -52.57 -12.82 28.34
C SER D 140 -52.71 -11.34 28.01
N ILE D 141 -53.36 -11.01 26.89
CA ILE D 141 -53.47 -9.61 26.47
C ILE D 141 -54.54 -8.83 27.20
N ASP D 142 -55.33 -9.49 28.04
CA ASP D 142 -56.44 -8.81 28.71
C ASP D 142 -55.92 -7.86 29.79
N GLN D 143 -56.72 -6.83 30.06
CA GLN D 143 -56.52 -5.99 31.24
C GLN D 143 -56.60 -6.81 32.51
N ASN D 144 -57.56 -7.72 32.59
CA ASN D 144 -57.77 -8.58 33.74
C ASN D 144 -57.48 -10.00 33.30
N GLY D 145 -56.36 -10.54 33.76
CA GLY D 145 -55.93 -11.86 33.32
C GLY D 145 -54.44 -11.92 33.09
N ASN D 146 -53.83 -10.81 32.67
CA ASN D 146 -52.38 -10.71 32.67
C ASN D 146 -51.84 -10.73 34.10
N HIS D 147 -52.58 -10.14 35.04
CA HIS D 147 -52.22 -10.22 36.45
C HIS D 147 -52.32 -11.65 36.98
N VAL D 148 -53.28 -12.43 36.49
CA VAL D 148 -53.43 -13.82 36.92
C VAL D 148 -52.26 -14.66 36.44
N ILE D 149 -51.88 -14.51 35.16
CA ILE D 149 -50.75 -15.24 34.60
C ILE D 149 -49.44 -14.82 35.28
N GLN D 150 -49.29 -13.51 35.55
CA GLN D 150 -48.11 -13.01 36.24
C GLN D 150 -48.04 -13.55 37.67
N LYS D 151 -49.18 -13.64 38.34
CA LYS D 151 -49.23 -14.18 39.71
C LYS D 151 -48.89 -15.67 39.72
N ILE D 152 -49.38 -16.41 38.73
CA ILE D 152 -49.07 -17.84 38.62
C ILE D 152 -47.57 -18.06 38.36
N VAL D 153 -46.99 -17.26 37.47
CA VAL D 153 -45.57 -17.41 37.14
C VAL D 153 -44.68 -16.99 38.32
N LYS D 154 -45.02 -15.87 38.97
CA LYS D 154 -44.20 -15.36 40.06
C LYS D 154 -44.53 -16.00 41.41
N THR D 155 -45.52 -16.88 41.49
CA THR D 155 -45.91 -17.52 42.75
C THR D 155 -45.66 -19.02 42.75
N LEU D 156 -46.17 -19.73 41.76
CA LEU D 156 -46.16 -21.19 41.69
C LEU D 156 -44.87 -21.69 41.05
N PRO D 157 -44.47 -22.94 41.34
CA PRO D 157 -43.27 -23.50 40.70
C PRO D 157 -43.45 -23.72 39.20
N VAL D 158 -42.30 -23.95 38.53
CA VAL D 158 -42.23 -23.96 37.07
C VAL D 158 -43.02 -25.12 36.46
N SER D 159 -43.15 -26.23 37.19
CA SER D 159 -43.91 -27.37 36.69
C SER D 159 -45.41 -27.09 36.65
N SER D 160 -45.88 -26.08 37.38
CA SER D 160 -47.28 -25.70 37.31
C SER D 160 -47.60 -24.93 36.04
N TRP D 161 -46.63 -24.16 35.50
CA TRP D 161 -46.90 -23.31 34.34
C TRP D 161 -45.93 -23.56 33.19
N THR D 162 -45.40 -24.79 33.10
CA THR D 162 -44.58 -25.19 31.94
C THR D 162 -45.39 -25.18 30.63
N PHE D 163 -46.71 -25.31 30.72
CA PHE D 163 -47.57 -25.21 29.54
C PHE D 163 -47.52 -23.81 28.92
N LEU D 164 -47.26 -22.77 29.73
CA LEU D 164 -47.07 -21.43 29.19
C LEU D 164 -45.81 -21.34 28.34
N VAL D 165 -44.74 -22.00 28.78
CA VAL D 165 -43.51 -22.10 27.99
C VAL D 165 -43.79 -22.87 26.69
N ASP D 166 -44.56 -23.96 26.79
CA ASP D 166 -44.91 -24.74 25.61
C ASP D 166 -45.78 -23.96 24.64
N PHE D 167 -46.66 -23.10 25.16
CA PHE D 167 -47.54 -22.29 24.32
C PHE D 167 -46.79 -21.14 23.67
N PHE D 168 -45.85 -20.53 24.39
CA PHE D 168 -45.08 -19.42 23.87
C PHE D 168 -43.86 -19.87 23.07
N ALA D 169 -43.63 -21.18 22.98
CA ALA D 169 -42.64 -21.69 22.04
C ALA D 169 -43.09 -21.49 20.60
N ASP D 170 -44.39 -21.42 20.35
CA ASP D 170 -44.91 -21.03 19.05
C ASP D 170 -44.61 -19.57 18.77
N ASP D 171 -44.27 -19.26 17.51
CA ASP D 171 -43.83 -17.91 17.17
C ASP D 171 -45.00 -16.94 17.14
N ASP D 172 -46.15 -17.38 16.61
CA ASP D 172 -47.31 -16.48 16.44
C ASP D 172 -47.88 -16.03 17.78
N ASN D 173 -47.97 -16.95 18.75
CA ASN D 173 -48.46 -16.60 20.07
C ASN D 173 -47.53 -15.63 20.78
N LEU D 174 -46.21 -15.85 20.65
CA LEU D 174 -45.24 -14.97 21.28
C LEU D 174 -45.25 -13.58 20.65
N ILE D 175 -45.41 -13.52 19.32
CA ILE D 175 -45.51 -12.23 18.63
C ILE D 175 -46.79 -11.49 19.04
N HIS D 176 -47.91 -12.21 19.11
CA HIS D 176 -49.18 -11.56 19.44
C HIS D 176 -49.26 -11.13 20.91
N VAL D 177 -48.60 -11.87 21.81
CA VAL D 177 -48.65 -11.51 23.22
C VAL D 177 -47.63 -10.41 23.54
N CYS D 178 -46.45 -10.47 22.91
CA CYS D 178 -45.40 -9.47 23.14
C CYS D 178 -45.82 -8.08 22.66
N GLN D 179 -46.65 -8.00 21.63
CA GLN D 179 -47.11 -6.72 21.09
C GLN D 179 -48.46 -6.32 21.70
N ASP D 180 -48.46 -6.21 23.02
CA ASP D 180 -49.65 -5.77 23.75
C ASP D 180 -49.21 -5.06 25.02
N LYS D 181 -50.10 -4.20 25.53
CA LYS D 181 -49.80 -3.42 26.73
C LYS D 181 -49.66 -4.30 27.96
N TYR D 182 -50.43 -5.38 28.04
CA TYR D 182 -50.42 -6.27 29.19
C TYR D 182 -49.63 -7.55 28.96
N GLY D 183 -49.61 -8.07 27.73
CA GLY D 183 -48.90 -9.31 27.46
C GLY D 183 -47.40 -9.17 27.45
N CYS D 184 -46.88 -7.96 27.21
CA CYS D 184 -45.45 -7.73 27.32
C CYS D 184 -44.97 -7.93 28.75
N ARG D 185 -45.78 -7.51 29.72
CA ARG D 185 -45.48 -7.78 31.13
C ARG D 185 -45.52 -9.26 31.44
N VAL D 186 -46.39 -10.02 30.76
CA VAL D 186 -46.46 -11.47 30.94
C VAL D 186 -45.16 -12.12 30.46
N ILE D 187 -44.69 -11.74 29.26
CA ILE D 187 -43.46 -12.31 28.72
C ILE D 187 -42.25 -11.89 29.55
N GLN D 188 -42.22 -10.62 30.00
CA GLN D 188 -41.12 -10.15 30.84
C GLN D 188 -41.09 -10.86 32.18
N SER D 189 -42.26 -11.10 32.78
CA SER D 189 -42.30 -11.78 34.07
C SER D 189 -41.89 -13.24 33.94
N THR D 190 -42.28 -13.91 32.84
CA THR D 190 -41.85 -15.28 32.61
C THR D 190 -40.34 -15.37 32.38
N VAL D 191 -39.79 -14.43 31.59
CA VAL D 191 -38.35 -14.38 31.34
C VAL D 191 -37.58 -14.09 32.63
N GLU D 192 -38.09 -13.16 33.44
CA GLU D 192 -37.44 -12.78 34.70
C GLU D 192 -37.49 -13.90 35.72
N THR D 193 -38.60 -14.64 35.78
CA THR D 193 -38.73 -15.73 36.75
C THR D 193 -37.91 -16.94 36.34
N LEU D 194 -37.82 -17.22 35.03
CA LEU D 194 -37.04 -18.36 34.57
C LEU D 194 -35.53 -18.17 34.70
N SER D 195 -35.05 -16.96 35.02
CA SER D 195 -33.63 -16.72 35.29
C SER D 195 -33.52 -15.96 36.60
N THR D 196 -33.44 -16.70 37.71
CA THR D 196 -33.32 -16.10 39.04
C THR D 196 -32.63 -17.07 39.97
N ASP D 197 -31.51 -16.62 40.56
CA ASP D 197 -30.79 -17.29 41.65
C ASP D 197 -30.30 -18.68 41.24
N GLN D 198 -29.53 -18.70 40.16
CA GLN D 198 -28.91 -19.90 39.56
C GLN D 198 -29.92 -21.01 39.22
N GLN D 201 -30.73 -24.21 40.62
CA GLN D 201 -29.64 -23.77 41.49
C GLN D 201 -28.50 -24.79 41.46
N CYS D 202 -28.83 -26.04 41.15
CA CYS D 202 -27.84 -27.10 40.99
C CYS D 202 -27.88 -27.76 39.63
N TYR D 203 -29.06 -27.88 39.01
CA TYR D 203 -29.20 -28.38 37.65
C TYR D 203 -29.85 -27.31 36.79
N GLN D 204 -29.48 -27.27 35.52
CA GLN D 204 -30.16 -26.41 34.56
C GLN D 204 -31.51 -27.05 34.23
N HIS D 205 -32.58 -26.49 34.80
CA HIS D 205 -33.93 -26.85 34.41
C HIS D 205 -34.71 -25.65 33.89
N ARG D 206 -34.66 -24.52 34.59
CA ARG D 206 -35.30 -23.31 34.09
C ARG D 206 -34.53 -22.69 32.93
N VAL D 207 -33.26 -23.07 32.75
CA VAL D 207 -32.46 -22.59 31.62
C VAL D 207 -33.00 -23.15 30.31
N ILE D 208 -33.29 -24.46 30.27
CA ILE D 208 -33.82 -25.08 29.06
C ILE D 208 -35.24 -24.60 28.79
N LEU D 209 -36.03 -24.36 29.85
CA LEU D 209 -37.35 -23.78 29.69
C LEU D 209 -37.28 -22.37 29.13
N LEU D 210 -36.32 -21.57 29.60
CA LEU D 210 -36.13 -20.21 29.09
C LEU D 210 -35.56 -20.21 27.67
N ARG D 211 -34.86 -21.28 27.28
CA ARG D 211 -34.19 -21.32 25.98
C ARG D 211 -35.17 -21.27 24.81
N SER D 212 -36.34 -21.91 24.96
CA SER D 212 -37.34 -21.88 23.90
C SER D 212 -37.94 -20.49 23.72
N LEU D 213 -38.23 -19.81 24.84
CA LEU D 213 -38.74 -18.44 24.78
C LEU D 213 -37.70 -17.49 24.20
N MET D 214 -36.43 -17.66 24.59
CA MET D 214 -35.37 -16.80 24.07
C MET D 214 -35.12 -17.05 22.59
N ALA D 215 -35.23 -18.31 22.15
CA ALA D 215 -35.09 -18.63 20.74
C ALA D 215 -36.24 -18.06 19.92
N GLY D 216 -37.46 -18.10 20.46
CA GLY D 216 -38.59 -17.47 19.79
C GLY D 216 -38.46 -15.96 19.72
N VAL D 217 -37.96 -15.34 20.78
CA VAL D 217 -37.76 -13.89 20.79
C VAL D 217 -36.67 -13.48 19.81
N THR D 218 -35.55 -14.21 19.82
CA THR D 218 -34.42 -13.90 18.95
C THR D 218 -34.74 -14.18 17.48
N ARG D 219 -35.62 -15.16 17.22
CA ARG D 219 -35.91 -15.58 15.85
C ARG D 219 -36.62 -14.49 15.04
N ASN D 220 -37.35 -13.60 15.70
CA ASN D 220 -38.02 -12.49 15.02
C ASN D 220 -37.82 -11.20 15.83
N CYS D 221 -36.56 -10.93 16.18
CA CYS D 221 -36.25 -9.85 17.12
C CYS D 221 -36.39 -8.47 16.50
N THR D 222 -36.33 -8.36 15.15
CA THR D 222 -36.53 -7.06 14.49
C THR D 222 -37.94 -6.53 14.70
N GLN D 223 -38.94 -7.39 14.48
CA GLN D 223 -40.34 -6.99 14.64
C GLN D 223 -40.65 -6.65 16.09
N LEU D 224 -40.14 -7.45 17.03
CA LEU D 224 -40.36 -7.17 18.45
C LEU D 224 -39.62 -5.91 18.89
N ALA D 225 -38.46 -5.62 18.29
CA ALA D 225 -37.73 -4.42 18.65
C ALA D 225 -38.38 -3.17 18.08
N SER D 226 -39.13 -3.30 16.96
CA SER D 226 -39.74 -2.12 16.37
C SER D 226 -41.07 -1.73 17.02
N ASN D 227 -41.81 -2.68 17.60
CA ASN D 227 -43.13 -2.36 18.14
C ASN D 227 -43.02 -1.62 19.47
N GLU D 228 -44.18 -1.11 19.91
CA GLU D 228 -44.23 -0.22 21.07
C GLU D 228 -43.99 -0.96 22.37
N PHE D 229 -44.48 -2.20 22.47
CA PHE D 229 -44.47 -2.91 23.75
C PHE D 229 -43.41 -4.00 23.84
N ALA D 230 -43.12 -4.70 22.74
CA ALA D 230 -42.15 -5.80 22.77
C ALA D 230 -40.70 -5.32 22.80
N ASN D 231 -40.48 -4.02 22.60
CA ASN D 231 -39.14 -3.47 22.80
C ASN D 231 -38.70 -3.63 24.25
N TYR D 232 -39.65 -3.53 25.19
CA TYR D 232 -39.35 -3.76 26.60
C TYR D 232 -38.94 -5.20 26.85
N VAL D 233 -39.52 -6.15 26.11
CA VAL D 233 -39.11 -7.55 26.19
C VAL D 233 -37.68 -7.71 25.70
N VAL D 234 -37.34 -7.06 24.57
CA VAL D 234 -35.99 -7.20 24.03
C VAL D 234 -34.97 -6.52 24.95
N GLN D 235 -35.33 -5.36 25.53
CA GLN D 235 -34.47 -4.71 26.52
C GLN D 235 -34.31 -5.55 27.78
N HIS D 236 -35.37 -6.25 28.18
CA HIS D 236 -35.30 -7.13 29.34
C HIS D 236 -34.36 -8.30 29.09
N VAL D 237 -34.35 -8.82 27.86
CA VAL D 237 -33.36 -9.84 27.50
C VAL D 237 -31.95 -9.25 27.52
N ILE D 238 -31.77 -8.05 26.97
CA ILE D 238 -30.44 -7.43 26.95
C ILE D 238 -29.99 -7.02 28.35
N LYS D 239 -30.85 -6.34 29.10
CA LYS D 239 -30.48 -5.90 30.45
C LYS D 239 -30.62 -7.05 31.46
N ALA D 245 -27.15 -11.76 30.32
CA ALA D 245 -27.58 -12.96 29.60
C ALA D 245 -26.72 -13.20 28.36
N VAL D 246 -26.59 -14.46 27.97
CA VAL D 246 -25.94 -14.80 26.71
C VAL D 246 -26.80 -14.36 25.52
N TYR D 247 -28.13 -14.38 25.71
CA TYR D 247 -29.03 -13.96 24.64
C TYR D 247 -28.98 -12.47 24.38
N ARG D 248 -28.45 -11.68 25.33
CA ARG D 248 -28.07 -10.30 25.03
C ARG D 248 -27.02 -10.26 23.93
N ASP D 249 -26.01 -11.13 24.03
CA ASP D 249 -24.98 -11.22 23.00
C ASP D 249 -25.55 -11.78 21.69
N ILE D 250 -26.53 -12.68 21.78
CA ILE D 250 -27.15 -13.20 20.56
C ILE D 250 -27.99 -12.13 19.87
N ILE D 251 -28.69 -11.30 20.64
CA ILE D 251 -29.50 -10.21 20.07
C ILE D 251 -28.60 -9.13 19.46
N ILE D 252 -27.47 -8.84 20.10
CA ILE D 252 -26.53 -7.89 19.51
C ILE D 252 -25.88 -8.47 18.25
N GLU D 253 -25.57 -9.77 18.25
CA GLU D 253 -24.94 -10.37 17.07
C GLU D 253 -25.94 -10.56 15.94
N GLN D 254 -26.95 -11.40 16.13
CA GLN D 254 -28.02 -11.58 15.18
C GLN D 254 -29.15 -10.62 15.55
N CYS D 255 -29.50 -9.73 14.60
CA CYS D 255 -30.20 -8.43 14.72
C CYS D 255 -29.25 -7.40 15.31
N LEU D 256 -29.59 -6.11 15.18
CA LEU D 256 -28.97 -4.97 15.86
C LEU D 256 -27.54 -4.66 15.36
N LEU D 257 -26.97 -5.54 14.55
CA LEU D 257 -25.74 -5.27 13.80
C LEU D 257 -26.06 -5.36 12.32
N GLN D 258 -25.41 -4.48 11.54
CA GLN D 258 -25.73 -4.08 10.17
C GLN D 258 -27.12 -3.44 10.04
N ASN D 259 -27.75 -3.08 11.17
CA ASN D 259 -29.02 -2.36 11.17
C ASN D 259 -29.06 -1.31 12.29
N LEU D 260 -27.89 -0.84 12.75
CA LEU D 260 -27.84 0.04 13.92
C LEU D 260 -28.34 1.44 13.58
N LEU D 261 -27.96 1.96 12.40
CA LEU D 261 -28.37 3.31 12.01
C LEU D 261 -29.86 3.40 11.75
N SER D 262 -30.47 2.33 11.23
CA SER D 262 -31.92 2.32 11.03
C SER D 262 -32.66 2.20 12.35
N MET D 263 -32.16 1.36 13.26
CA MET D 263 -32.85 1.17 14.54
C MET D 263 -32.70 2.37 15.46
N SER D 264 -31.62 3.14 15.32
CA SER D 264 -31.42 4.27 16.21
C SER D 264 -32.31 5.45 15.87
N GLN D 265 -32.87 5.48 14.66
CA GLN D 265 -33.79 6.54 14.24
C GLN D 265 -35.25 6.21 14.54
N GLU D 266 -35.52 5.03 15.09
CA GLU D 266 -36.89 4.62 15.38
C GLU D 266 -37.30 5.08 16.78
N LYS D 267 -38.61 5.17 17.00
CA LYS D 267 -39.12 5.65 18.27
C LYS D 267 -38.96 4.63 19.39
N TYR D 268 -38.84 3.35 19.06
CA TYR D 268 -38.81 2.28 20.05
C TYR D 268 -37.56 1.43 19.99
N ALA D 269 -37.04 1.12 18.80
CA ALA D 269 -35.82 0.31 18.70
C ALA D 269 -34.59 1.09 19.12
N SER D 270 -34.68 2.42 19.19
CA SER D 270 -33.55 3.23 19.66
C SER D 270 -33.22 2.92 21.11
N HIS D 271 -34.23 2.63 21.94
CA HIS D 271 -33.99 2.25 23.33
C HIS D 271 -33.32 0.89 23.43
N VAL D 272 -33.64 -0.03 22.51
CA VAL D 272 -32.94 -1.29 22.40
C VAL D 272 -31.47 -1.06 22.07
N VAL D 273 -31.21 -0.09 21.17
CA VAL D 273 -29.84 0.29 20.84
C VAL D 273 -29.12 0.90 22.05
N GLU D 274 -29.85 1.67 22.86
CA GLU D 274 -29.27 2.25 24.09
C GLU D 274 -28.86 1.18 25.08
N VAL D 275 -29.75 0.22 25.37
CA VAL D 275 -29.42 -0.79 26.37
C VAL D 275 -28.36 -1.74 25.81
N ALA D 276 -28.31 -1.90 24.48
CA ALA D 276 -27.24 -2.69 23.88
C ALA D 276 -25.89 -1.98 23.98
N PHE D 277 -25.87 -0.66 23.84
CA PHE D 277 -24.62 0.08 24.05
C PHE D 277 -24.19 0.05 25.51
N GLU D 278 -25.16 0.09 26.44
CA GLU D 278 -24.81 0.05 27.85
C GLU D 278 -24.45 -1.36 28.29
N CYS D 279 -25.34 -2.32 28.06
CA CYS D 279 -25.18 -3.68 28.57
C CYS D 279 -24.60 -4.57 27.48
N ALA D 280 -23.28 -4.48 27.30
CA ALA D 280 -22.56 -5.35 26.39
C ALA D 280 -21.11 -5.44 26.83
N PRO D 281 -20.42 -6.54 26.52
CA PRO D 281 -18.97 -6.57 26.72
C PRO D 281 -18.27 -5.74 25.65
N TYR D 282 -16.95 -5.61 25.81
CA TYR D 282 -16.12 -4.89 24.85
C TYR D 282 -16.12 -5.55 23.47
N ARG D 283 -16.30 -6.88 23.44
CA ARG D 283 -16.30 -7.64 22.19
C ARG D 283 -17.43 -7.23 21.26
N LEU D 284 -18.55 -6.76 21.82
CA LEU D 284 -19.68 -6.28 21.02
C LEU D 284 -19.78 -4.76 20.97
N VAL D 285 -19.34 -4.09 22.04
CA VAL D 285 -19.27 -2.62 22.04
C VAL D 285 -18.33 -2.13 20.95
N ALA D 286 -17.21 -2.84 20.74
CA ALA D 286 -16.27 -2.48 19.67
C ALA D 286 -16.90 -2.62 18.29
N GLU D 287 -17.68 -3.68 18.07
CA GLU D 287 -18.37 -3.88 16.80
C GLU D 287 -19.41 -2.80 16.55
N MET D 288 -20.20 -2.46 17.59
CA MET D 288 -21.21 -1.42 17.46
C MET D 288 -20.59 -0.04 17.21
N MET D 289 -19.50 0.26 17.92
CA MET D 289 -18.80 1.54 17.73
C MET D 289 -18.18 1.63 16.33
N ASN D 290 -17.61 0.52 15.84
CA ASN D 290 -17.06 0.52 14.48
C ASN D 290 -18.16 0.62 13.43
N GLU D 291 -19.37 0.12 13.74
CA GLU D 291 -20.47 0.28 12.80
C GLU D 291 -20.98 1.72 12.75
N ILE D 292 -21.14 2.36 13.92
CA ILE D 292 -21.58 3.75 13.96
C ILE D 292 -20.53 4.67 13.34
N PHE D 293 -19.25 4.37 13.57
CA PHE D 293 -18.16 5.12 12.97
C PHE D 293 -17.87 4.55 11.58
N GLU D 294 -16.67 4.85 11.04
CA GLU D 294 -16.29 4.54 9.65
C GLU D 294 -16.50 3.08 9.28
N GLY D 295 -17.34 2.87 8.29
CA GLY D 295 -17.85 1.55 7.94
C GLY D 295 -19.27 1.62 7.41
N TYR D 296 -19.96 2.73 7.70
CA TYR D 296 -21.28 3.00 7.16
C TYR D 296 -21.16 4.02 6.03
N ILE D 297 -21.68 3.67 4.86
CA ILE D 297 -21.47 4.46 3.65
C ILE D 297 -22.36 5.70 3.71
N PRO D 298 -21.81 6.89 3.44
CA PRO D 298 -22.63 8.09 3.36
C PRO D 298 -23.42 8.18 2.07
N HIS D 299 -24.45 9.02 2.08
CA HIS D 299 -25.35 9.24 0.96
C HIS D 299 -24.75 10.27 0.01
N PRO D 300 -25.11 10.24 -1.28
CA PRO D 300 -24.66 11.32 -2.17
C PRO D 300 -25.38 12.65 -1.95
N ASP D 301 -26.67 12.62 -1.58
CA ASP D 301 -27.40 13.86 -1.34
C ASP D 301 -26.95 14.54 -0.05
N THR D 302 -26.75 13.76 1.01
CA THR D 302 -26.24 14.28 2.28
C THR D 302 -24.90 13.62 2.55
N ASN D 303 -23.84 14.44 2.68
CA ASN D 303 -22.50 13.94 2.97
C ASN D 303 -22.31 13.57 4.44
N ARG D 304 -23.40 13.55 5.23
CA ARG D 304 -23.37 13.09 6.61
C ARG D 304 -23.00 11.61 6.68
N ASP D 305 -22.17 11.27 7.66
CA ASP D 305 -22.00 9.88 8.06
C ASP D 305 -23.04 9.56 9.14
N ALA D 306 -22.89 8.42 9.81
CA ALA D 306 -23.92 7.97 10.75
C ALA D 306 -23.97 8.85 12.00
N LEU D 307 -22.81 9.31 12.47
CA LEU D 307 -22.77 10.12 13.70
C LEU D 307 -23.40 11.49 13.47
N ASP D 308 -23.24 12.06 12.28
CA ASP D 308 -23.89 13.34 11.96
C ASP D 308 -25.41 13.19 11.91
N ILE D 309 -25.90 12.05 11.42
CA ILE D 309 -27.34 11.80 11.41
C ILE D 309 -27.86 11.61 12.84
N LEU D 310 -27.11 10.86 13.67
CA LEU D 310 -27.59 10.54 15.00
C LEU D 310 -27.47 11.72 15.98
N LEU D 311 -26.57 12.67 15.74
CA LEU D 311 -26.53 13.88 16.57
C LEU D 311 -27.78 14.73 16.37
N PHE D 312 -28.16 14.97 15.12
CA PHE D 312 -29.31 15.81 14.80
C PHE D 312 -30.57 14.98 14.58
N HIS D 313 -30.89 14.13 15.55
CA HIS D 313 -32.10 13.30 15.48
C HIS D 313 -32.74 13.26 16.85
N GLN D 314 -34.08 13.17 16.86
CA GLN D 314 -34.82 13.20 18.12
C GLN D 314 -34.66 11.89 18.89
N TYR D 315 -34.47 10.77 18.19
CA TYR D 315 -34.34 9.47 18.83
C TYR D 315 -32.92 8.92 18.85
N GLY D 316 -32.07 9.32 17.89
CA GLY D 316 -30.66 8.99 17.97
C GLY D 316 -29.87 9.82 18.96
N ASN D 317 -30.50 10.87 19.48
CA ASN D 317 -29.94 11.68 20.57
C ASN D 317 -29.53 10.82 21.76
N TYR D 318 -30.45 10.00 22.23
CA TYR D 318 -30.17 9.21 23.42
C TYR D 318 -29.22 8.06 23.11
N VAL D 319 -29.17 7.61 21.84
CA VAL D 319 -28.14 6.68 21.41
C VAL D 319 -26.75 7.30 21.54
N VAL D 320 -26.61 8.55 21.07
CA VAL D 320 -25.33 9.26 21.15
C VAL D 320 -24.95 9.50 22.61
N GLN D 321 -25.92 9.91 23.43
CA GLN D 321 -25.65 10.15 24.85
C GLN D 321 -25.27 8.87 25.59
N GLN D 322 -25.90 7.76 25.23
CA GLN D 322 -25.54 6.47 25.81
C GLN D 322 -24.14 6.04 25.38
N MET D 323 -23.79 6.30 24.11
CA MET D 323 -22.42 6.05 23.64
C MET D 323 -21.40 6.87 24.41
N ILE D 324 -21.74 8.15 24.68
CA ILE D 324 -20.86 9.03 25.46
C ILE D 324 -20.68 8.51 26.88
N GLN D 325 -21.79 8.11 27.52
CA GLN D 325 -21.71 7.62 28.90
C GLN D 325 -20.99 6.29 28.99
N THR D 326 -21.18 5.41 28.00
CA THR D 326 -20.47 4.15 27.94
C THR D 326 -18.97 4.36 27.77
N CYS D 327 -18.58 5.31 26.92
CA CYS D 327 -17.15 5.57 26.73
C CYS D 327 -16.54 6.30 27.93
N VAL D 328 -17.34 7.04 28.69
CA VAL D 328 -16.86 7.58 29.96
C VAL D 328 -16.63 6.46 30.98
N LEU D 329 -17.59 5.53 31.07
CA LEU D 329 -17.48 4.44 32.04
C LEU D 329 -16.37 3.45 31.66
N GLY D 330 -16.08 3.30 30.37
CA GLY D 330 -15.04 2.39 29.95
C GLY D 330 -13.62 2.88 30.13
N GLN D 331 -13.45 4.15 30.50
CA GLN D 331 -12.11 4.67 30.80
C GLN D 331 -11.56 4.01 32.07
N ASN D 332 -12.41 3.82 33.08
CA ASN D 332 -12.01 3.17 34.33
C ASN D 332 -12.15 1.66 34.19
N ALA D 333 -11.26 1.10 33.37
CA ALA D 333 -11.18 -0.34 33.16
C ALA D 333 -9.75 -0.79 33.40
N ARG D 334 -9.59 -2.01 33.90
CA ARG D 334 -8.27 -2.52 34.25
C ARG D 334 -7.42 -2.80 33.01
N ASP D 335 -8.04 -3.15 31.89
CA ASP D 335 -7.31 -3.36 30.66
C ASP D 335 -6.90 -2.03 30.05
N GLN D 336 -5.73 -2.02 29.40
CA GLN D 336 -5.17 -0.81 28.84
C GLN D 336 -5.68 -0.51 27.43
N LYS D 337 -5.68 -1.53 26.56
CA LYS D 337 -6.12 -1.35 25.18
C LYS D 337 -7.62 -1.05 25.11
N GLN D 338 -8.40 -1.67 26.00
CA GLN D 338 -9.85 -1.41 26.05
C GLN D 338 -10.13 0.03 26.44
N SER D 339 -9.46 0.53 27.48
CA SER D 339 -9.63 1.92 27.90
C SER D 339 -9.12 2.90 26.85
N GLU D 340 -8.07 2.52 26.11
CA GLU D 340 -7.61 3.32 24.99
C GLU D 340 -8.67 3.40 23.89
N MET D 341 -9.36 2.28 23.61
CA MET D 341 -10.42 2.29 22.61
C MET D 341 -11.62 3.12 23.06
N TYR D 342 -11.99 3.02 24.35
CA TYR D 342 -13.09 3.84 24.87
C TYR D 342 -12.75 5.34 24.80
N GLY D 343 -11.51 5.70 25.13
CA GLY D 343 -11.08 7.07 24.96
C GLY D 343 -11.04 7.52 23.50
N MET D 344 -10.70 6.61 22.59
CA MET D 344 -10.71 6.90 21.16
C MET D 344 -12.11 7.21 20.67
N TRP D 345 -13.09 6.37 21.06
CA TRP D 345 -14.48 6.57 20.66
C TRP D 345 -15.05 7.86 21.25
N LEU D 346 -14.73 8.13 22.53
CA LEU D 346 -15.16 9.39 23.14
C LEU D 346 -14.50 10.60 22.49
N GLU D 347 -13.24 10.46 22.06
CA GLU D 347 -12.57 11.53 21.34
C GLU D 347 -13.24 11.82 20.00
N LYS D 348 -13.65 10.75 19.29
CA LYS D 348 -14.35 10.92 18.01
C LYS D 348 -15.68 11.65 18.20
N ILE D 349 -16.47 11.20 19.18
CA ILE D 349 -17.78 11.81 19.42
C ILE D 349 -17.63 13.25 19.90
N HIS D 350 -16.69 13.51 20.81
CA HIS D 350 -16.52 14.86 21.34
C HIS D 350 -15.93 15.81 20.31
N GLY D 351 -15.06 15.31 19.42
CA GLY D 351 -14.57 16.15 18.34
C GLY D 351 -15.66 16.50 17.33
N ARG D 352 -16.53 15.54 17.02
CA ARG D 352 -17.65 15.84 16.15
C ARG D 352 -18.65 16.80 16.79
N VAL D 353 -18.82 16.70 18.13
CA VAL D 353 -19.67 17.65 18.84
C VAL D 353 -19.07 19.05 18.83
N MET D 354 -17.76 19.16 19.07
CA MET D 354 -17.11 20.48 19.10
C MET D 354 -17.04 21.13 17.72
N ARG D 355 -16.91 20.32 16.66
CA ARG D 355 -16.91 20.90 15.31
C ARG D 355 -18.29 21.47 14.96
N ASN D 356 -19.36 20.81 15.40
CA ASN D 356 -20.73 21.21 15.09
C ASN D 356 -21.43 21.77 16.32
N ALA D 357 -20.71 22.54 17.14
CA ALA D 357 -21.26 23.03 18.39
C ALA D 357 -22.28 24.15 18.16
N HIS D 358 -22.09 24.96 17.11
CA HIS D 358 -23.07 26.00 16.80
C HIS D 358 -24.40 25.42 16.35
N ARG D 359 -24.35 24.37 15.53
CA ARG D 359 -25.56 23.81 14.96
C ARG D 359 -26.28 22.90 15.95
N LEU D 360 -25.55 22.25 16.85
CA LEU D 360 -26.19 21.47 17.90
C LEU D 360 -26.83 22.35 18.97
N GLU D 361 -26.37 23.60 19.11
CA GLU D 361 -26.93 24.49 20.12
C GLU D 361 -28.35 24.92 19.80
N ARG D 362 -28.73 24.89 18.51
CA ARG D 362 -30.05 25.32 18.07
C ARG D 362 -31.08 24.19 18.07
N PHE D 363 -30.84 23.13 18.85
CA PHE D 363 -31.81 22.06 19.04
C PHE D 363 -31.74 21.62 20.50
N SER D 364 -32.82 21.03 20.98
CA SER D 364 -32.85 20.53 22.36
C SER D 364 -31.92 19.33 22.52
N SER D 365 -31.90 18.45 21.52
CA SER D 365 -31.07 17.24 21.56
C SER D 365 -29.59 17.57 21.61
N GLY D 366 -29.13 18.44 20.70
CA GLY D 366 -27.74 18.82 20.67
C GLY D 366 -27.32 19.65 21.87
N LYS D 367 -28.23 20.48 22.40
CA LYS D 367 -27.93 21.22 23.62
C LYS D 367 -27.77 20.27 24.81
N LYS D 368 -28.58 19.21 24.87
CA LYS D 368 -28.40 18.21 25.92
C LYS D 368 -27.08 17.46 25.76
N ILE D 369 -26.68 17.15 24.52
CA ILE D 369 -25.40 16.50 24.26
C ILE D 369 -24.23 17.40 24.66
N ILE D 370 -24.31 18.69 24.32
CA ILE D 370 -23.25 19.64 24.67
C ILE D 370 -23.16 19.84 26.19
N GLU D 371 -24.31 19.96 26.86
CA GLU D 371 -24.31 20.16 28.30
C GLU D 371 -23.81 18.91 29.04
N ALA D 372 -24.10 17.72 28.53
CA ALA D 372 -23.53 16.50 29.11
C ALA D 372 -22.06 16.32 28.76
N LEU D 373 -21.61 16.88 27.63
CA LEU D 373 -20.24 16.68 27.17
C LEU D 373 -19.21 17.46 27.98
N GLN D 374 -19.59 18.57 28.61
CA GLN D 374 -18.68 19.34 29.44
C GLN D 374 -18.96 18.97 30.89
N SER D 375 -18.28 17.92 31.36
CA SER D 375 -18.44 17.40 32.71
C SER D 375 -17.10 16.89 33.20
N MET D 376 -17.10 16.15 34.31
CA MET D 376 -15.89 15.59 34.87
C MET D 376 -15.91 14.07 34.82
N TYR E 100 32.48 45.71 -46.70
CA TYR E 100 32.18 45.13 -48.00
C TYR E 100 31.01 44.15 -47.91
N ASN E 101 30.93 43.24 -48.88
CA ASN E 101 29.91 42.19 -48.89
C ASN E 101 30.37 40.93 -48.16
N LEU E 102 31.42 41.02 -47.34
CA LEU E 102 31.96 39.90 -46.61
C LEU E 102 31.37 39.77 -45.21
N CYS E 103 30.37 40.57 -44.87
CA CYS E 103 29.73 40.49 -43.55
C CYS E 103 28.62 39.44 -43.51
N LEU E 104 28.95 38.23 -43.95
CA LEU E 104 28.07 37.08 -43.89
C LEU E 104 28.85 35.81 -43.54
N ASP E 105 29.93 35.98 -42.77
CA ASP E 105 30.87 34.92 -42.37
C ASP E 105 31.43 34.14 -43.55
N SER E 107 35.25 33.19 -40.46
CA SER E 107 36.30 34.12 -40.05
C SER E 107 36.13 35.47 -40.74
N ALA E 108 34.88 35.93 -40.87
CA ALA E 108 34.65 37.21 -41.55
C ALA E 108 33.77 38.18 -40.78
N CYS E 109 32.72 37.69 -40.11
CA CYS E 109 31.71 38.59 -39.54
C CYS E 109 32.07 39.06 -38.14
N ARG E 110 32.65 38.19 -37.31
CA ARG E 110 33.06 38.60 -35.97
C ARG E 110 34.20 39.62 -36.04
N VAL E 111 35.10 39.46 -37.01
CA VAL E 111 36.16 40.44 -37.24
C VAL E 111 35.57 41.78 -37.66
N ILE E 112 34.52 41.75 -38.48
CA ILE E 112 33.85 42.97 -38.92
C ILE E 112 33.17 43.67 -37.75
N GLN E 113 32.46 42.90 -36.92
CA GLN E 113 31.77 43.48 -35.76
C GLN E 113 32.74 44.00 -34.72
N LEU E 114 33.93 43.39 -34.63
CA LEU E 114 34.99 43.92 -33.77
C LEU E 114 35.61 45.19 -34.38
N ALA E 115 35.70 45.25 -35.71
CA ALA E 115 36.35 46.36 -36.39
C ALA E 115 35.50 47.62 -36.43
N ILE E 116 34.17 47.48 -36.37
CA ILE E 116 33.31 48.67 -36.32
C ILE E 116 33.07 49.02 -34.84
N GLN E 117 33.84 48.40 -33.94
CA GLN E 117 33.84 48.79 -32.54
C GLN E 117 35.19 49.37 -32.10
N LYS E 118 36.27 48.59 -32.16
CA LYS E 118 37.57 49.09 -31.71
C LYS E 118 38.48 49.58 -32.83
N LEU E 119 38.09 50.64 -33.54
CA LEU E 119 38.99 51.19 -34.55
C LEU E 119 39.39 52.62 -34.25
N ASP E 120 38.44 53.53 -34.11
CA ASP E 120 38.69 54.96 -33.87
C ASP E 120 37.37 55.59 -33.45
N VAL E 121 37.40 56.91 -33.27
CA VAL E 121 36.20 57.67 -32.95
C VAL E 121 35.96 58.82 -33.92
N HIS E 122 36.87 59.06 -34.86
CA HIS E 122 36.69 60.10 -35.87
C HIS E 122 36.67 59.53 -37.29
N LEU E 123 37.66 58.74 -37.67
CA LEU E 123 37.71 58.15 -39.00
C LEU E 123 36.96 56.82 -39.08
N ALA E 124 36.70 56.18 -37.94
CA ALA E 124 35.82 55.02 -37.89
C ALA E 124 34.37 55.42 -37.70
N THR E 125 34.10 56.72 -37.52
CA THR E 125 32.74 57.23 -37.40
C THR E 125 31.98 57.06 -38.71
N ARG E 126 32.51 57.64 -39.79
CA ARG E 126 31.91 57.51 -41.11
C ARG E 126 32.51 56.36 -41.91
N LEU E 127 33.03 55.33 -41.23
CA LEU E 127 33.59 54.17 -41.95
C LEU E 127 32.49 53.34 -42.59
N SER E 128 31.28 53.37 -42.05
CA SER E 128 30.13 52.69 -42.64
C SER E 128 29.18 53.66 -43.34
N LEU E 129 29.61 54.90 -43.58
CA LEU E 129 28.78 55.83 -44.35
C LEU E 129 28.71 55.42 -45.81
N GLU E 130 29.74 54.72 -46.31
CA GLU E 130 29.68 54.09 -47.62
C GLU E 130 28.92 52.78 -47.61
N LEU E 131 28.53 52.28 -46.44
CA LEU E 131 27.69 51.09 -46.32
C LEU E 131 26.21 51.49 -46.27
N ARG E 132 25.79 52.20 -47.31
CA ARG E 132 24.40 52.60 -47.46
C ARG E 132 23.89 52.48 -48.89
N ASP E 133 24.67 51.92 -49.80
CA ASP E 133 24.31 51.83 -51.22
C ASP E 133 23.63 50.51 -51.56
N THR E 134 24.21 49.39 -51.13
CA THR E 134 23.74 48.04 -51.48
C THR E 134 22.57 47.62 -50.61
N HIS E 135 22.20 46.33 -50.67
CA HIS E 135 21.02 45.81 -49.99
C HIS E 135 21.19 45.80 -48.48
N LEU E 136 20.84 46.92 -47.84
CA LEU E 136 20.94 47.02 -46.39
C LEU E 136 19.84 46.22 -45.70
N VAL E 137 18.71 46.01 -46.37
CA VAL E 137 17.66 45.15 -45.84
C VAL E 137 18.14 43.71 -45.76
N ARG E 138 18.86 43.24 -46.79
CA ARG E 138 19.39 41.88 -46.82
C ARG E 138 20.52 41.66 -45.82
N LEU E 139 21.10 42.73 -45.27
CA LEU E 139 22.08 42.61 -44.19
C LEU E 139 21.48 42.80 -42.81
N SER E 140 20.42 43.60 -42.68
CA SER E 140 19.73 43.74 -41.40
C SER E 140 18.99 42.47 -41.03
N ILE E 141 18.38 41.80 -42.01
CA ILE E 141 17.73 40.51 -41.77
C ILE E 141 18.70 39.35 -41.83
N ASP E 142 19.97 39.60 -42.13
CA ASP E 142 20.96 38.55 -42.22
C ASP E 142 21.30 37.99 -40.84
N GLN E 143 21.69 36.72 -40.82
CA GLN E 143 22.10 36.06 -39.59
C GLN E 143 23.35 36.69 -38.98
N ASN E 144 24.25 37.20 -39.82
CA ASN E 144 25.50 37.77 -39.35
C ASN E 144 25.53 39.29 -39.38
N GLY E 145 24.84 39.92 -40.33
CA GLY E 145 24.94 41.36 -40.48
C GLY E 145 24.25 42.15 -39.39
N ASN E 146 23.20 41.57 -38.77
CA ASN E 146 22.42 42.26 -37.76
C ASN E 146 23.26 42.63 -36.55
N HIS E 147 24.27 41.82 -36.23
CA HIS E 147 25.25 42.20 -35.21
C HIS E 147 26.10 43.38 -35.65
N VAL E 148 26.38 43.52 -36.95
CA VAL E 148 27.20 44.65 -37.41
C VAL E 148 26.41 45.95 -37.34
N ILE E 149 25.15 45.94 -37.80
CA ILE E 149 24.32 47.15 -37.64
C ILE E 149 24.01 47.40 -36.16
N GLN E 150 23.94 46.35 -35.32
CA GLN E 150 23.78 46.56 -33.88
C GLN E 150 25.03 47.18 -33.25
N LYS E 151 26.21 46.84 -33.76
CA LYS E 151 27.45 47.47 -33.28
C LYS E 151 27.54 48.92 -33.73
N ILE E 152 27.02 49.23 -34.92
CA ILE E 152 26.94 50.63 -35.35
C ILE E 152 25.96 51.41 -34.47
N VAL E 153 24.80 50.83 -34.20
CA VAL E 153 23.75 51.53 -33.45
C VAL E 153 24.14 51.69 -31.98
N LYS E 154 24.74 50.65 -31.39
CA LYS E 154 25.13 50.70 -29.99
C LYS E 154 26.65 50.53 -29.84
N PRO E 157 27.77 59.36 -32.11
CA PRO E 157 27.15 58.11 -32.52
C PRO E 157 25.89 58.28 -33.38
N VAL E 158 25.22 59.43 -33.23
CA VAL E 158 23.99 59.70 -33.98
C VAL E 158 24.31 59.96 -35.46
N SER E 159 25.42 60.66 -35.73
CA SER E 159 25.75 61.10 -37.08
C SER E 159 26.12 59.93 -37.99
N SER E 160 26.66 58.85 -37.41
CA SER E 160 26.95 57.65 -38.19
C SER E 160 25.66 56.98 -38.67
N TRP E 161 24.71 56.79 -37.76
CA TRP E 161 23.57 55.92 -37.97
C TRP E 161 22.29 56.69 -38.32
N THR E 162 22.40 57.99 -38.60
CA THR E 162 21.26 58.72 -39.15
C THR E 162 20.91 58.28 -40.57
N PHE E 163 21.83 57.61 -41.27
CA PHE E 163 21.53 57.09 -42.60
C PHE E 163 20.62 55.87 -42.54
N LEU E 164 20.60 55.16 -41.41
CA LEU E 164 19.75 53.98 -41.27
C LEU E 164 18.28 54.37 -41.09
N VAL E 165 18.02 55.54 -40.49
CA VAL E 165 16.68 56.05 -40.31
C VAL E 165 16.02 56.35 -41.66
N ASP E 166 16.80 56.79 -42.64
CA ASP E 166 16.28 57.07 -43.98
C ASP E 166 15.77 55.81 -44.66
N PHE E 167 16.47 54.69 -44.47
CA PHE E 167 15.96 53.41 -44.95
C PHE E 167 14.77 52.96 -44.11
N PHE E 168 14.80 53.23 -42.80
CA PHE E 168 13.70 52.87 -41.92
C PHE E 168 12.49 53.80 -42.10
N ALA E 169 12.69 54.99 -42.68
CA ALA E 169 11.58 55.89 -42.95
C ALA E 169 10.66 55.34 -44.04
N ASP E 170 11.20 54.58 -44.97
CA ASP E 170 10.39 53.81 -45.90
C ASP E 170 9.60 52.75 -45.14
N ASP E 171 8.27 52.82 -45.25
CA ASP E 171 7.42 51.90 -44.50
C ASP E 171 7.51 50.47 -45.03
N ASP E 172 7.74 50.33 -46.34
CA ASP E 172 7.93 49.01 -46.94
C ASP E 172 9.22 48.36 -46.44
N ASN E 173 10.30 49.15 -46.33
CA ASN E 173 11.56 48.61 -45.81
C ASN E 173 11.45 48.27 -44.33
N LEU E 174 10.70 49.07 -43.56
CA LEU E 174 10.44 48.75 -42.16
C LEU E 174 9.62 47.47 -42.03
N ILE E 175 8.66 47.27 -42.93
CA ILE E 175 7.88 46.04 -42.93
C ILE E 175 8.74 44.83 -43.31
N HIS E 176 9.69 45.02 -44.22
CA HIS E 176 10.57 43.92 -44.58
C HIS E 176 11.56 43.59 -43.47
N VAL E 177 12.04 44.60 -42.75
CA VAL E 177 13.07 44.38 -41.74
C VAL E 177 12.45 43.83 -40.45
N CYS E 178 11.35 44.44 -39.98
CA CYS E 178 10.76 44.08 -38.69
C CYS E 178 10.21 42.66 -38.66
N GLN E 179 9.75 42.15 -39.79
CA GLN E 179 9.12 40.84 -39.86
C GLN E 179 10.14 39.74 -40.17
N ASP E 180 11.21 39.73 -39.36
CA ASP E 180 12.29 38.77 -39.46
C ASP E 180 12.85 38.58 -38.05
N LYS E 181 13.48 37.42 -37.83
CA LYS E 181 14.05 37.13 -36.51
C LYS E 181 15.20 38.07 -36.16
N TYR E 182 15.95 38.53 -37.15
CA TYR E 182 17.14 39.33 -36.91
C TYR E 182 16.91 40.82 -37.10
N GLY E 183 16.02 41.23 -38.01
CA GLY E 183 15.80 42.65 -38.23
C GLY E 183 15.00 43.31 -37.13
N CYS E 184 14.16 42.54 -36.42
CA CYS E 184 13.42 43.09 -35.29
C CYS E 184 14.35 43.46 -34.15
N ARG E 185 15.45 42.72 -33.99
CA ARG E 185 16.48 43.09 -33.03
C ARG E 185 17.16 44.40 -33.43
N VAL E 186 17.35 44.62 -34.73
CA VAL E 186 17.94 45.87 -35.23
C VAL E 186 17.04 47.05 -34.92
N ILE E 187 15.73 46.90 -35.21
CA ILE E 187 14.77 47.97 -34.94
C ILE E 187 14.62 48.20 -33.43
N GLN E 188 14.66 47.13 -32.63
CA GLN E 188 14.57 47.28 -31.19
C GLN E 188 15.80 47.96 -30.61
N SER E 189 16.99 47.66 -31.15
CA SER E 189 18.20 48.35 -30.72
C SER E 189 18.17 49.83 -31.09
N THR E 190 17.64 50.14 -32.29
CA THR E 190 17.48 51.53 -32.69
C THR E 190 16.49 52.27 -31.78
N VAL E 191 15.40 51.61 -31.39
CA VAL E 191 14.41 52.21 -30.51
C VAL E 191 14.98 52.41 -29.11
N GLU E 192 15.81 51.47 -28.64
CA GLU E 192 16.49 51.64 -27.36
C GLU E 192 17.50 52.79 -27.40
N THR E 193 18.22 52.92 -28.51
CA THR E 193 19.25 53.95 -28.61
C THR E 193 18.67 55.34 -28.73
N LEU E 194 17.62 55.51 -29.55
CA LEU E 194 17.09 56.84 -29.82
C LEU E 194 16.19 57.40 -28.72
N SER E 195 15.88 56.61 -27.68
CA SER E 195 15.04 57.07 -26.60
C SER E 195 15.82 57.64 -25.43
N THR E 196 17.15 57.58 -25.46
CA THR E 196 17.97 58.08 -24.35
C THR E 196 18.16 59.59 -24.44
N ARG E 211 12.30 60.83 -33.25
CA ARG E 211 11.02 60.14 -33.21
C ARG E 211 10.45 59.96 -34.61
N SER E 212 11.32 59.60 -35.56
CA SER E 212 10.89 59.44 -36.95
C SER E 212 10.22 58.10 -37.17
N LEU E 213 10.87 57.01 -36.74
CA LEU E 213 10.31 55.66 -36.89
C LEU E 213 9.14 55.41 -35.95
N MET E 214 8.93 56.27 -34.96
CA MET E 214 7.81 56.15 -34.04
C MET E 214 6.47 56.29 -34.77
N ALA E 215 6.36 57.28 -35.67
CA ALA E 215 5.15 57.42 -36.47
C ALA E 215 5.02 56.30 -37.49
N GLY E 216 6.13 55.72 -37.93
CA GLY E 216 6.05 54.56 -38.79
C GLY E 216 5.52 53.32 -38.08
N VAL E 217 5.92 53.14 -36.82
CA VAL E 217 5.35 52.07 -36.00
C VAL E 217 3.86 52.31 -35.74
N THR E 218 3.49 53.56 -35.45
CA THR E 218 2.07 53.88 -35.26
C THR E 218 1.27 53.80 -36.56
N ARG E 219 1.93 53.89 -37.71
CA ARG E 219 1.22 53.79 -38.99
C ARG E 219 0.91 52.35 -39.36
N ASN E 220 1.89 51.46 -39.25
CA ASN E 220 1.73 50.05 -39.57
C ASN E 220 1.38 49.21 -38.34
N CYS E 221 0.64 49.78 -37.39
CA CYS E 221 0.48 49.20 -36.06
C CYS E 221 -0.26 47.86 -36.10
N THR E 222 -1.33 47.78 -36.91
CA THR E 222 -2.12 46.56 -36.99
C THR E 222 -1.35 45.45 -37.70
N GLN E 223 -0.56 45.78 -38.72
CA GLN E 223 0.21 44.77 -39.43
C GLN E 223 1.40 44.29 -38.60
N LEU E 224 2.10 45.22 -37.94
CA LEU E 224 3.30 44.84 -37.19
C LEU E 224 2.95 44.13 -35.89
N ALA E 225 1.83 44.49 -35.25
CA ALA E 225 1.48 43.86 -33.98
C ALA E 225 1.02 42.42 -34.17
N SER E 226 0.52 42.08 -35.35
CA SER E 226 -0.03 40.75 -35.62
C SER E 226 1.00 39.78 -36.19
N ASN E 227 2.26 40.17 -36.29
CA ASN E 227 3.27 39.36 -36.94
C ASN E 227 4.20 38.74 -35.89
N GLU E 228 4.97 37.75 -36.33
CA GLU E 228 5.74 36.88 -35.43
C GLU E 228 6.85 37.63 -34.70
N PHE E 229 7.43 38.67 -35.33
CA PHE E 229 8.60 39.31 -34.74
C PHE E 229 8.45 40.81 -34.52
N ALA E 230 7.62 41.48 -35.33
CA ALA E 230 7.42 42.92 -35.14
C ALA E 230 6.54 43.22 -33.94
N ASN E 231 5.80 42.21 -33.45
CA ASN E 231 5.08 42.35 -32.20
C ASN E 231 6.02 42.57 -31.02
N TYR E 232 7.27 42.08 -31.12
CA TYR E 232 8.29 42.42 -30.12
C TYR E 232 8.57 43.91 -30.10
N VAL E 233 8.63 44.55 -31.27
CA VAL E 233 8.84 45.99 -31.35
C VAL E 233 7.66 46.74 -30.75
N VAL E 234 6.44 46.28 -31.05
CA VAL E 234 5.25 46.93 -30.49
C VAL E 234 5.19 46.77 -28.97
N GLN E 235 5.53 45.57 -28.45
CA GLN E 235 5.61 45.36 -27.02
C GLN E 235 6.72 46.16 -26.37
N HIS E 236 7.81 46.42 -27.10
CA HIS E 236 8.87 47.27 -26.55
C HIS E 236 8.41 48.71 -26.45
N VAL E 237 7.61 49.17 -27.42
CA VAL E 237 7.04 50.52 -27.33
C VAL E 237 6.07 50.64 -26.15
N ILE E 238 5.21 49.63 -25.97
CA ILE E 238 4.24 49.71 -24.87
C ILE E 238 4.92 49.53 -23.52
N LYS E 239 5.91 48.63 -23.44
CA LYS E 239 6.52 48.30 -22.15
C LYS E 239 7.45 49.40 -21.66
N CYS E 240 8.04 50.18 -22.57
CA CYS E 240 8.96 51.26 -22.19
C CYS E 240 8.13 52.43 -21.66
N GLY E 241 7.85 52.41 -20.36
CA GLY E 241 7.11 53.49 -19.74
C GLY E 241 8.00 54.66 -19.39
N ASP E 242 7.39 55.86 -19.40
CA ASP E 242 7.95 57.15 -19.00
C ASP E 242 9.12 57.62 -19.88
N ALA E 243 9.44 56.90 -20.94
CA ALA E 243 10.38 57.31 -21.97
C ALA E 243 9.80 57.17 -23.37
N LEU E 244 9.00 56.14 -23.61
CA LEU E 244 8.22 55.98 -24.82
C LEU E 244 6.73 55.92 -24.48
N ALA E 245 6.33 56.70 -23.48
CA ALA E 245 4.96 56.69 -22.95
C ALA E 245 4.01 57.56 -23.76
N VAL E 246 4.46 58.14 -24.85
CA VAL E 246 3.56 58.85 -25.77
C VAL E 246 3.05 57.92 -26.86
N TYR E 247 3.97 57.16 -27.45
CA TYR E 247 3.60 56.22 -28.51
C TYR E 247 2.87 55.00 -27.96
N ARG E 248 3.12 54.64 -26.70
CA ARG E 248 2.35 53.61 -26.02
C ARG E 248 0.86 53.95 -26.04
N ASP E 249 0.53 55.15 -25.57
CA ASP E 249 -0.85 55.60 -25.52
C ASP E 249 -1.41 55.82 -26.92
N ILE E 250 -0.56 56.25 -27.86
CA ILE E 250 -0.98 56.47 -29.23
C ILE E 250 -1.26 55.14 -29.93
N ILE E 251 -0.46 54.10 -29.65
CA ILE E 251 -0.70 52.79 -30.22
C ILE E 251 -1.97 52.17 -29.63
N ILE E 252 -2.19 52.38 -28.32
CA ILE E 252 -3.42 51.90 -27.69
C ILE E 252 -4.65 52.58 -28.31
N GLU E 253 -4.59 53.89 -28.52
CA GLU E 253 -5.72 54.60 -29.09
C GLU E 253 -5.75 54.57 -30.62
N GLN E 254 -4.78 53.92 -31.28
CA GLN E 254 -4.67 53.99 -32.73
C GLN E 254 -5.02 52.68 -33.42
N CYS E 255 -4.32 51.58 -33.10
CA CYS E 255 -4.60 50.31 -33.76
C CYS E 255 -5.20 49.27 -32.82
N LEU E 256 -5.27 49.54 -31.52
CA LEU E 256 -5.85 48.60 -30.57
C LEU E 256 -7.33 48.87 -30.33
N LEU E 257 -7.67 50.09 -29.90
CA LEU E 257 -9.04 50.41 -29.54
C LEU E 257 -9.94 50.39 -30.78
N GLN E 258 -11.18 49.93 -30.57
CA GLN E 258 -12.14 49.46 -31.59
C GLN E 258 -11.62 48.26 -32.38
N ASN E 259 -10.60 47.56 -31.86
CA ASN E 259 -10.12 46.35 -32.52
C ASN E 259 -9.67 45.28 -31.52
N LEU E 260 -10.14 45.32 -30.26
CA LEU E 260 -9.58 44.46 -29.21
C LEU E 260 -9.94 42.99 -29.39
N LEU E 261 -11.15 42.70 -29.88
CA LEU E 261 -11.60 41.31 -29.98
C LEU E 261 -10.82 40.54 -31.04
N SER E 262 -10.56 41.15 -32.20
CA SER E 262 -9.81 40.46 -33.23
C SER E 262 -8.34 40.31 -32.86
N MET E 263 -7.79 41.27 -32.12
CA MET E 263 -6.38 41.22 -31.75
C MET E 263 -6.12 40.27 -30.58
N SER E 264 -7.09 40.14 -29.67
CA SER E 264 -6.91 39.21 -28.55
C SER E 264 -6.99 37.74 -28.99
N GLN E 265 -7.61 37.47 -30.14
CA GLN E 265 -7.75 36.11 -30.67
C GLN E 265 -6.62 35.72 -31.61
N GLU E 266 -5.60 36.56 -31.78
CA GLU E 266 -4.52 36.28 -32.71
C GLU E 266 -3.32 35.70 -31.98
N LYS E 267 -2.45 35.03 -32.75
CA LYS E 267 -1.32 34.31 -32.17
C LYS E 267 -0.30 35.24 -31.54
N TYR E 268 -0.10 36.43 -32.12
CA TYR E 268 0.94 37.33 -31.68
C TYR E 268 0.43 38.68 -31.19
N ALA E 269 -0.70 39.17 -31.73
CA ALA E 269 -1.25 40.44 -31.27
C ALA E 269 -1.88 40.32 -29.89
N SER E 270 -2.24 39.11 -29.46
CA SER E 270 -2.73 38.90 -28.11
C SER E 270 -1.68 39.25 -27.07
N HIS E 271 -0.40 39.01 -27.38
CA HIS E 271 0.69 39.45 -26.51
C HIS E 271 0.71 40.97 -26.38
N VAL E 272 0.45 41.67 -27.49
CA VAL E 272 0.37 43.13 -27.49
C VAL E 272 -0.80 43.61 -26.63
N VAL E 273 -1.94 42.91 -26.71
CA VAL E 273 -3.11 43.30 -25.91
C VAL E 273 -2.85 43.06 -24.43
N GLU E 274 -2.15 41.96 -24.07
CA GLU E 274 -1.80 41.73 -22.67
C GLU E 274 -0.83 42.77 -22.15
N VAL E 275 0.20 43.11 -22.93
CA VAL E 275 1.18 44.08 -22.44
C VAL E 275 0.58 45.49 -22.45
N ALA E 276 -0.49 45.72 -23.21
CA ALA E 276 -1.24 46.97 -23.07
C ALA E 276 -2.10 46.97 -21.82
N PHE E 277 -2.77 45.84 -21.51
CA PHE E 277 -3.56 45.75 -20.28
C PHE E 277 -2.67 45.83 -19.04
N GLU E 278 -1.42 45.42 -19.16
CA GLU E 278 -0.45 45.61 -18.08
C GLU E 278 0.04 47.05 -18.00
N CYS E 279 0.51 47.58 -19.12
CA CYS E 279 1.19 48.89 -19.17
C CYS E 279 0.30 49.89 -19.91
N ALA E 280 -0.57 50.56 -19.16
CA ALA E 280 -1.41 51.62 -19.70
C ALA E 280 -1.78 52.57 -18.58
N PRO E 281 -2.08 53.82 -18.89
CA PRO E 281 -2.73 54.68 -17.90
C PRO E 281 -4.17 54.26 -17.67
N TYR E 282 -4.74 54.79 -16.59
CA TYR E 282 -6.02 54.34 -16.07
C TYR E 282 -7.19 54.63 -17.01
N ARG E 283 -7.12 55.73 -17.78
CA ARG E 283 -8.20 56.07 -18.71
C ARG E 283 -8.23 55.09 -19.89
N LEU E 284 -7.06 54.76 -20.45
CA LEU E 284 -7.02 53.79 -21.53
C LEU E 284 -7.37 52.38 -21.04
N VAL E 285 -7.00 52.05 -19.80
CA VAL E 285 -7.47 50.82 -19.16
C VAL E 285 -8.99 50.79 -19.10
N ALA E 286 -9.60 51.92 -18.71
CA ALA E 286 -11.06 51.99 -18.62
C ALA E 286 -11.72 51.84 -19.98
N GLU E 287 -11.14 52.44 -21.03
CA GLU E 287 -11.74 52.32 -22.36
C GLU E 287 -11.59 50.90 -22.93
N MET E 288 -10.45 50.25 -22.67
CA MET E 288 -10.29 48.85 -23.08
C MET E 288 -11.26 47.93 -22.32
N MET E 289 -11.46 48.20 -21.01
CA MET E 289 -12.39 47.42 -20.21
C MET E 289 -13.82 47.57 -20.71
N ASN E 290 -14.22 48.80 -21.06
CA ASN E 290 -15.58 49.00 -21.57
C ASN E 290 -15.73 48.42 -22.98
N GLU E 291 -14.67 48.43 -23.79
CA GLU E 291 -14.74 47.79 -25.10
C GLU E 291 -14.91 46.28 -24.97
N ILE E 292 -14.23 45.66 -24.01
CA ILE E 292 -14.42 44.22 -23.78
C ILE E 292 -15.80 43.94 -23.19
N PHE E 293 -16.22 44.74 -22.20
CA PHE E 293 -17.43 44.43 -21.45
C PHE E 293 -18.70 44.78 -22.22
N GLU E 294 -18.89 46.06 -22.54
CA GLU E 294 -20.15 46.54 -23.11
C GLU E 294 -19.94 47.19 -24.47
N GLY E 295 -18.93 46.74 -25.22
CA GLY E 295 -18.66 47.30 -26.53
C GLY E 295 -18.99 46.34 -27.66
N TYR E 296 -18.99 45.05 -27.35
CA TYR E 296 -19.24 44.01 -28.35
C TYR E 296 -20.47 43.21 -27.96
N ILE E 297 -21.55 43.92 -27.65
CA ILE E 297 -22.84 43.32 -27.26
C ILE E 297 -23.34 42.41 -28.37
N PRO E 298 -23.82 41.20 -28.05
CA PRO E 298 -24.24 40.25 -29.09
C PRO E 298 -25.40 40.76 -29.94
N HIS E 299 -25.26 40.56 -31.25
CA HIS E 299 -26.29 41.03 -32.20
C HIS E 299 -27.65 40.35 -32.04
N PRO E 300 -27.80 39.03 -31.88
CA PRO E 300 -29.14 38.51 -31.57
C PRO E 300 -29.48 38.47 -30.09
N ASP E 301 -28.54 38.87 -29.22
CA ASP E 301 -28.57 38.88 -27.75
C ASP E 301 -28.60 37.48 -27.14
N THR E 302 -28.65 36.42 -27.94
CA THR E 302 -28.54 35.04 -27.49
C THR E 302 -27.21 34.41 -27.86
N ASN E 303 -26.40 35.06 -28.68
CA ASN E 303 -25.07 34.59 -29.00
C ASN E 303 -24.11 35.05 -27.91
N ARG E 304 -22.81 34.88 -28.13
CA ARG E 304 -21.81 35.08 -27.09
C ARG E 304 -21.28 36.52 -27.08
N ASP E 305 -20.98 36.99 -25.88
CA ASP E 305 -20.36 38.28 -25.65
C ASP E 305 -18.85 38.15 -25.90
N ALA E 306 -18.15 39.30 -25.96
CA ALA E 306 -16.72 39.30 -26.21
C ALA E 306 -15.94 38.61 -25.11
N LEU E 307 -16.34 38.84 -23.85
CA LEU E 307 -15.70 38.17 -22.72
C LEU E 307 -15.98 36.67 -22.74
N ASP E 308 -17.17 36.29 -23.22
CA ASP E 308 -17.52 34.87 -23.38
C ASP E 308 -16.65 34.22 -24.46
N ILE E 309 -16.36 34.95 -25.54
CA ILE E 309 -15.50 34.41 -26.59
C ILE E 309 -14.06 34.30 -26.09
N LEU E 310 -13.56 35.35 -25.43
CA LEU E 310 -12.16 35.38 -25.01
C LEU E 310 -11.88 34.44 -23.85
N LEU E 311 -12.88 34.09 -23.04
CA LEU E 311 -12.65 33.14 -21.94
C LEU E 311 -12.27 31.76 -22.45
N PHE E 312 -12.88 31.31 -23.54
CA PHE E 312 -12.68 29.96 -24.03
C PHE E 312 -11.78 29.91 -25.25
N HIS E 313 -11.20 31.03 -25.64
CA HIS E 313 -10.31 31.09 -26.79
C HIS E 313 -8.89 30.76 -26.36
N GLN E 314 -8.15 30.11 -27.26
CA GLN E 314 -6.83 29.59 -26.90
C GLN E 314 -5.78 30.67 -26.70
N TYR E 315 -6.01 31.88 -27.21
CA TYR E 315 -5.11 33.00 -26.97
C TYR E 315 -5.72 34.12 -26.15
N GLY E 316 -7.04 34.33 -26.27
CA GLY E 316 -7.68 35.41 -25.53
C GLY E 316 -7.85 35.12 -24.05
N ASN E 317 -7.73 33.86 -23.63
CA ASN E 317 -7.81 33.54 -22.21
C ASN E 317 -6.65 34.13 -21.43
N TYR E 318 -5.47 34.25 -22.06
CA TYR E 318 -4.37 34.96 -21.41
C TYR E 318 -4.63 36.45 -21.33
N VAL E 319 -5.38 37.00 -22.30
CA VAL E 319 -5.81 38.40 -22.21
C VAL E 319 -6.77 38.59 -21.04
N VAL E 320 -7.68 37.63 -20.83
CA VAL E 320 -8.59 37.69 -19.67
C VAL E 320 -7.82 37.53 -18.37
N GLN E 321 -6.82 36.65 -18.35
CA GLN E 321 -5.95 36.50 -17.18
C GLN E 321 -5.18 37.78 -16.89
N GLN E 322 -4.73 38.48 -17.93
CA GLN E 322 -4.04 39.74 -17.74
C GLN E 322 -5.00 40.82 -17.23
N MET E 323 -6.27 40.79 -17.68
CA MET E 323 -7.30 41.67 -17.14
C MET E 323 -7.49 41.43 -15.64
N ILE E 324 -7.54 40.16 -15.23
CA ILE E 324 -7.68 39.80 -13.82
C ILE E 324 -6.47 40.28 -13.02
N GLN E 325 -5.26 40.06 -13.56
CA GLN E 325 -4.05 40.45 -12.85
C GLN E 325 -3.90 41.97 -12.77
N THR E 326 -4.40 42.70 -13.77
CA THR E 326 -4.45 44.15 -13.69
C THR E 326 -5.42 44.62 -12.61
N CYS E 327 -6.60 44.00 -12.55
CA CYS E 327 -7.62 44.46 -11.60
C CYS E 327 -7.30 44.07 -10.16
N VAL E 328 -6.61 42.95 -9.94
CA VAL E 328 -6.13 42.64 -8.59
C VAL E 328 -5.06 43.63 -8.15
N LEU E 329 -4.14 43.97 -9.05
CA LEU E 329 -3.10 44.96 -8.80
C LEU E 329 -3.57 46.38 -9.09
N GLY E 330 -4.88 46.59 -9.24
CA GLY E 330 -5.41 47.93 -9.38
C GLY E 330 -6.19 48.35 -8.16
N GLN E 331 -6.52 47.38 -7.30
CA GLN E 331 -7.19 47.66 -6.03
C GLN E 331 -6.23 48.25 -5.00
N ASN E 332 -4.92 48.09 -5.20
CA ASN E 332 -3.91 48.60 -4.28
C ASN E 332 -3.52 50.04 -4.58
N ALA E 333 -4.36 50.78 -5.31
CA ALA E 333 -4.14 52.19 -5.57
C ALA E 333 -4.82 53.04 -4.52
N ARG E 334 -4.22 54.20 -4.24
CA ARG E 334 -4.73 55.07 -3.18
C ARG E 334 -6.00 55.80 -3.56
N ASP E 335 -6.26 55.97 -4.86
CA ASP E 335 -7.48 56.65 -5.31
C ASP E 335 -8.68 55.73 -5.06
N GLN E 336 -9.68 56.24 -4.33
CA GLN E 336 -10.84 55.44 -3.97
C GLN E 336 -11.73 55.15 -5.17
N LYS E 337 -11.83 56.11 -6.11
CA LYS E 337 -12.56 55.87 -7.35
C LYS E 337 -11.88 54.79 -8.19
N GLN E 338 -10.55 54.85 -8.29
CA GLN E 338 -9.80 53.82 -8.99
C GLN E 338 -9.92 52.46 -8.32
N SER E 339 -9.83 52.43 -6.98
CA SER E 339 -9.92 51.17 -6.24
C SER E 339 -11.30 50.54 -6.39
N GLU E 340 -12.37 51.34 -6.29
CA GLU E 340 -13.71 50.83 -6.49
C GLU E 340 -13.95 50.40 -7.93
N MET E 341 -13.33 51.09 -8.90
CA MET E 341 -13.49 50.75 -10.30
C MET E 341 -12.81 49.41 -10.64
N TYR E 342 -11.57 49.22 -10.16
CA TYR E 342 -10.89 47.94 -10.35
C TYR E 342 -11.58 46.82 -9.57
N GLY E 343 -12.17 47.13 -8.41
CA GLY E 343 -12.97 46.13 -7.71
C GLY E 343 -14.21 45.71 -8.48
N MET E 344 -14.90 46.69 -9.10
CA MET E 344 -16.06 46.39 -9.94
C MET E 344 -15.66 45.56 -11.15
N TRP E 345 -14.54 45.90 -11.79
CA TRP E 345 -14.07 45.16 -12.95
C TRP E 345 -13.67 43.73 -12.59
N LEU E 346 -12.97 43.57 -11.46
CA LEU E 346 -12.60 42.24 -10.98
C LEU E 346 -13.85 41.43 -10.61
N GLU E 347 -14.86 42.09 -10.04
CA GLU E 347 -16.13 41.42 -9.76
C GLU E 347 -16.80 40.96 -11.05
N LYS E 348 -16.75 41.78 -12.10
CA LYS E 348 -17.33 41.42 -13.39
C LYS E 348 -16.65 40.19 -14.00
N ILE E 349 -15.31 40.22 -14.06
CA ILE E 349 -14.58 39.11 -14.69
C ILE E 349 -14.67 37.85 -13.83
N HIS E 350 -14.58 38.00 -12.50
CA HIS E 350 -14.72 36.86 -11.60
C HIS E 350 -16.12 36.26 -11.65
N GLY E 351 -17.14 37.11 -11.82
CA GLY E 351 -18.49 36.61 -11.97
C GLY E 351 -18.69 35.84 -13.26
N ARG E 352 -18.07 36.30 -14.35
CA ARG E 352 -18.19 35.57 -15.61
C ARG E 352 -17.40 34.26 -15.57
N VAL E 353 -16.23 34.27 -14.91
CA VAL E 353 -15.46 33.04 -14.75
C VAL E 353 -16.19 32.03 -13.88
N MET E 354 -16.80 32.48 -12.78
CA MET E 354 -17.58 31.55 -11.96
C MET E 354 -18.90 31.16 -12.62
N ARG E 355 -19.41 31.99 -13.53
CA ARG E 355 -20.53 31.61 -14.40
C ARG E 355 -20.15 30.42 -15.28
N ASN E 356 -18.96 30.46 -15.87
CA ASN E 356 -18.55 29.43 -16.81
C ASN E 356 -17.57 28.42 -16.22
N ALA E 357 -17.43 28.38 -14.89
CA ALA E 357 -16.40 27.57 -14.24
C ALA E 357 -16.61 26.07 -14.43
N HIS E 358 -17.87 25.63 -14.44
CA HIS E 358 -18.17 24.21 -14.67
C HIS E 358 -17.75 23.78 -16.07
N ARG E 359 -17.93 24.66 -17.06
CA ARG E 359 -17.42 24.38 -18.40
C ARG E 359 -15.90 24.46 -18.43
N LEU E 360 -15.33 25.46 -17.73
CA LEU E 360 -13.91 25.79 -17.86
C LEU E 360 -13.01 24.74 -17.21
N GLU E 361 -13.49 24.09 -16.14
CA GLU E 361 -12.68 23.09 -15.46
C GLU E 361 -12.45 21.84 -16.32
N ARG E 362 -13.30 21.60 -17.32
CA ARG E 362 -13.22 20.39 -18.13
C ARG E 362 -12.03 20.36 -19.08
N PHE E 363 -11.35 21.47 -19.31
CA PHE E 363 -10.11 21.47 -20.09
C PHE E 363 -9.03 22.23 -19.35
N SER E 364 -7.81 22.16 -19.90
CA SER E 364 -6.61 22.53 -19.15
C SER E 364 -6.47 24.05 -18.98
N SER E 365 -6.74 24.82 -20.04
CA SER E 365 -6.52 26.26 -19.97
C SER E 365 -7.55 26.96 -19.08
N GLY E 366 -8.80 26.50 -19.11
CA GLY E 366 -9.78 27.04 -18.19
C GLY E 366 -9.50 26.68 -16.74
N LYS E 367 -8.98 25.46 -16.53
CA LYS E 367 -8.49 25.09 -15.20
C LYS E 367 -7.30 25.97 -14.79
N LYS E 368 -6.50 26.42 -15.75
CA LYS E 368 -5.41 27.34 -15.45
C LYS E 368 -5.93 28.72 -15.06
N ILE E 369 -7.02 29.17 -15.70
CA ILE E 369 -7.68 30.42 -15.28
C ILE E 369 -8.22 30.29 -13.86
N ILE E 370 -8.86 29.15 -13.57
CA ILE E 370 -9.43 28.92 -12.23
C ILE E 370 -8.33 28.80 -11.19
N GLU E 371 -7.18 28.21 -11.54
CA GLU E 371 -6.06 28.10 -10.61
C GLU E 371 -5.33 29.42 -10.43
N ALA E 372 -5.28 30.26 -11.47
CA ALA E 372 -4.74 31.60 -11.32
C ALA E 372 -5.62 32.45 -10.42
N LEU E 373 -6.94 32.25 -10.48
CA LEU E 373 -7.80 32.84 -9.46
C LEU E 373 -7.67 32.15 -8.12
N GLN E 374 -7.20 30.89 -8.09
CA GLN E 374 -6.97 30.21 -6.82
C GLN E 374 -5.66 30.60 -6.17
N SER E 375 -4.75 31.23 -6.92
CA SER E 375 -3.54 31.80 -6.34
C SER E 375 -3.72 33.26 -5.97
N MET E 376 -4.88 33.86 -6.28
CA MET E 376 -5.18 35.24 -5.95
C MET E 376 -6.52 35.39 -5.25
N SER E 377 -7.06 34.28 -4.72
CA SER E 377 -8.38 34.17 -4.08
C SER E 377 -9.51 34.70 -4.98
#